data_4J3K
# 
_entry.id   4J3K 
# 
_audit_conform.dict_name       mmcif_pdbx.dic 
_audit_conform.dict_version    5.381 
_audit_conform.dict_location   http://mmcif.pdb.org/dictionaries/ascii/mmcif_pdbx.dic 
# 
loop_
_database_2.database_id 
_database_2.database_code 
_database_2.pdbx_database_accession 
_database_2.pdbx_DOI 
PDB   4J3K         pdb_00004j3k 10.2210/pdb4j3k/pdb 
RCSB  RCSB077551   ?            ?                   
WWPDB D_1000077551 ?            ?                   
# 
_pdbx_database_status.status_code                     REL 
_pdbx_database_status.entry_id                        4J3K 
_pdbx_database_status.recvd_initial_deposition_date   2013-02-05 
_pdbx_database_status.deposit_site                    RCSB 
_pdbx_database_status.process_site                    PDBJ 
_pdbx_database_status.methods_development_category    ? 
_pdbx_database_status.status_code_sf                  REL 
_pdbx_database_status.status_code_mr                  ? 
_pdbx_database_status.SG_entry                        ? 
_pdbx_database_status.status_code_cs                  ? 
_pdbx_database_status.pdb_format_compatible           Y 
_pdbx_database_status.status_code_nmr_data            ? 
# 
loop_
_audit_author.name 
_audit_author.pdbx_ordinal 
'Chen, I.J.' 1 
'Lin, S.Y.'  2 
'Hou, M.H.'  3 
# 
_citation.id                        primary 
_citation.title                     
;Crystal structure-based exploration of the important role of Arg106 in the RNA-binding domain of human coronavirus OC43 nucleocapsid protein
;
_citation.journal_abbrev            Biochim.Biophys.Acta 
_citation.journal_volume            1834 
_citation.page_first                1054 
_citation.page_last                 1062 
_citation.year                      2013 
_citation.journal_id_ASTM           BBACAQ 
_citation.country                   NE 
_citation.journal_id_ISSN           0006-3002 
_citation.journal_id_CSD            0113 
_citation.book_publisher            ? 
_citation.pdbx_database_id_PubMed   23501675 
_citation.pdbx_database_id_DOI      10.1016/j.bbapap.2013.03.003 
# 
loop_
_citation_author.citation_id 
_citation_author.name 
_citation_author.ordinal 
_citation_author.identifier_ORCID 
primary 'Chen, I.J.'  1 ? 
primary 'Yuann, J.M.' 2 ? 
primary 'Chang, Y.M.' 3 ? 
primary 'Lin, S.Y.'   4 ? 
primary 'Zhao, J.'    5 ? 
primary 'Perlman, S.' 6 ? 
primary 'Shen, Y.Y.'  7 ? 
primary 'Huang, T.H.' 8 ? 
primary 'Hou, M.H.'   9 ? 
# 
_cell.entry_id           4J3K 
_cell.length_a           81.570 
_cell.length_b           81.570 
_cell.length_c           42.550 
_cell.angle_alpha        90.00 
_cell.angle_beta         90.00 
_cell.angle_gamma        120.00 
_cell.Z_PDB              6 
_cell.pdbx_unique_axis   ? 
_cell.length_a_esd       ? 
_cell.length_b_esd       ? 
_cell.length_c_esd       ? 
_cell.angle_alpha_esd    ? 
_cell.angle_beta_esd     ? 
_cell.angle_gamma_esd    ? 
# 
_symmetry.entry_id                         4J3K 
_symmetry.space_group_name_H-M             'P 65' 
_symmetry.pdbx_full_space_group_name_H-M   ? 
_symmetry.cell_setting                     ? 
_symmetry.Int_Tables_number                170 
_symmetry.space_group_name_Hall            ? 
# 
loop_
_entity.id 
_entity.type 
_entity.src_method 
_entity.pdbx_description 
_entity.formula_weight 
_entity.pdbx_number_of_molecules 
_entity.pdbx_ec 
_entity.pdbx_mutation 
_entity.pdbx_fragment 
_entity.details 
1 polymer     man Nucleoprotein                            15437.901 1   ? ? 'UNP residues 55-188' ? 
2 non-polymer syn 2-AMINO-2-HYDROXYMETHYL-PROPANE-1,3-DIOL 122.143   1   ? ? ?                     ? 
3 water       nat water                                    18.015    157 ? ? ?                     ? 
# 
_entity_poly.entity_id                      1 
_entity_poly.type                           'polypeptide(L)' 
_entity_poly.nstd_linkage                   no 
_entity_poly.nstd_monomer                   no 
_entity_poly.pdbx_seq_one_letter_code       
;EFNVVPYYSWFSGITQFQKGKEFEFVEGQGVPIAPGVPATEAKGYWYRHNRRSFKTADGNQRQLLPRWYFYYLGTGPHAK
DQYGTDIDGVYWVASNQADVNTPADIVDRDPSSDEAIPTRFPPGTVLPQGYYIEGS
;
_entity_poly.pdbx_seq_one_letter_code_can   
;EFNVVPYYSWFSGITQFQKGKEFEFVEGQGVPIAPGVPATEAKGYWYRHNRRSFKTADGNQRQLLPRWYFYYLGTGPHAK
DQYGTDIDGVYWVASNQADVNTPADIVDRDPSSDEAIPTRFPPGTVLPQGYYIEGS
;
_entity_poly.pdbx_strand_id                 A 
_entity_poly.pdbx_target_identifier         ? 
# 
loop_
_entity_poly_seq.entity_id 
_entity_poly_seq.num 
_entity_poly_seq.mon_id 
_entity_poly_seq.hetero 
1 1   GLU n 
1 2   PHE n 
1 3   ASN n 
1 4   VAL n 
1 5   VAL n 
1 6   PRO n 
1 7   TYR n 
1 8   TYR n 
1 9   SER n 
1 10  TRP n 
1 11  PHE n 
1 12  SER n 
1 13  GLY n 
1 14  ILE n 
1 15  THR n 
1 16  GLN n 
1 17  PHE n 
1 18  GLN n 
1 19  LYS n 
1 20  GLY n 
1 21  LYS n 
1 22  GLU n 
1 23  PHE n 
1 24  GLU n 
1 25  PHE n 
1 26  VAL n 
1 27  GLU n 
1 28  GLY n 
1 29  GLN n 
1 30  GLY n 
1 31  VAL n 
1 32  PRO n 
1 33  ILE n 
1 34  ALA n 
1 35  PRO n 
1 36  GLY n 
1 37  VAL n 
1 38  PRO n 
1 39  ALA n 
1 40  THR n 
1 41  GLU n 
1 42  ALA n 
1 43  LYS n 
1 44  GLY n 
1 45  TYR n 
1 46  TRP n 
1 47  TYR n 
1 48  ARG n 
1 49  HIS n 
1 50  ASN n 
1 51  ARG n 
1 52  ARG n 
1 53  SER n 
1 54  PHE n 
1 55  LYS n 
1 56  THR n 
1 57  ALA n 
1 58  ASP n 
1 59  GLY n 
1 60  ASN n 
1 61  GLN n 
1 62  ARG n 
1 63  GLN n 
1 64  LEU n 
1 65  LEU n 
1 66  PRO n 
1 67  ARG n 
1 68  TRP n 
1 69  TYR n 
1 70  PHE n 
1 71  TYR n 
1 72  TYR n 
1 73  LEU n 
1 74  GLY n 
1 75  THR n 
1 76  GLY n 
1 77  PRO n 
1 78  HIS n 
1 79  ALA n 
1 80  LYS n 
1 81  ASP n 
1 82  GLN n 
1 83  TYR n 
1 84  GLY n 
1 85  THR n 
1 86  ASP n 
1 87  ILE n 
1 88  ASP n 
1 89  GLY n 
1 90  VAL n 
1 91  TYR n 
1 92  TRP n 
1 93  VAL n 
1 94  ALA n 
1 95  SER n 
1 96  ASN n 
1 97  GLN n 
1 98  ALA n 
1 99  ASP n 
1 100 VAL n 
1 101 ASN n 
1 102 THR n 
1 103 PRO n 
1 104 ALA n 
1 105 ASP n 
1 106 ILE n 
1 107 VAL n 
1 108 ASP n 
1 109 ARG n 
1 110 ASP n 
1 111 PRO n 
1 112 SER n 
1 113 SER n 
1 114 ASP n 
1 115 GLU n 
1 116 ALA n 
1 117 ILE n 
1 118 PRO n 
1 119 THR n 
1 120 ARG n 
1 121 PHE n 
1 122 PRO n 
1 123 PRO n 
1 124 GLY n 
1 125 THR n 
1 126 VAL n 
1 127 LEU n 
1 128 PRO n 
1 129 GLN n 
1 130 GLY n 
1 131 TYR n 
1 132 TYR n 
1 133 ILE n 
1 134 GLU n 
1 135 GLY n 
1 136 SER n 
# 
_entity_src_gen.entity_id                          1 
_entity_src_gen.pdbx_src_id                        1 
_entity_src_gen.pdbx_alt_source_flag               sample 
_entity_src_gen.pdbx_seq_type                      ? 
_entity_src_gen.pdbx_beg_seq_num                   ? 
_entity_src_gen.pdbx_end_seq_num                   ? 
_entity_src_gen.gene_src_common_name               HCoV-OC43 
_entity_src_gen.gene_src_genus                     ? 
_entity_src_gen.pdbx_gene_src_gene                 ? 
_entity_src_gen.gene_src_species                   ? 
_entity_src_gen.gene_src_strain                    OC43 
_entity_src_gen.gene_src_tissue                    ? 
_entity_src_gen.gene_src_tissue_fraction           ? 
_entity_src_gen.gene_src_details                   ? 
_entity_src_gen.pdbx_gene_src_fragment             ? 
_entity_src_gen.pdbx_gene_src_scientific_name      'Human coronavirus' 
_entity_src_gen.pdbx_gene_src_ncbi_taxonomy_id     31631 
_entity_src_gen.pdbx_gene_src_variant              ? 
_entity_src_gen.pdbx_gene_src_cell_line            ? 
_entity_src_gen.pdbx_gene_src_atcc                 ? 
_entity_src_gen.pdbx_gene_src_organ                ? 
_entity_src_gen.pdbx_gene_src_organelle            ? 
_entity_src_gen.pdbx_gene_src_cell                 ? 
_entity_src_gen.pdbx_gene_src_cellular_location    ? 
_entity_src_gen.host_org_common_name               ? 
_entity_src_gen.pdbx_host_org_scientific_name      'Escherichia coli' 
_entity_src_gen.pdbx_host_org_ncbi_taxonomy_id     562 
_entity_src_gen.host_org_genus                     ? 
_entity_src_gen.pdbx_host_org_gene                 ? 
_entity_src_gen.pdbx_host_org_organ                ? 
_entity_src_gen.host_org_species                   ? 
_entity_src_gen.pdbx_host_org_tissue               ? 
_entity_src_gen.pdbx_host_org_tissue_fraction      ? 
_entity_src_gen.pdbx_host_org_strain               ? 
_entity_src_gen.pdbx_host_org_variant              ? 
_entity_src_gen.pdbx_host_org_cell_line            ? 
_entity_src_gen.pdbx_host_org_atcc                 ? 
_entity_src_gen.pdbx_host_org_culture_collection   ? 
_entity_src_gen.pdbx_host_org_cell                 ? 
_entity_src_gen.pdbx_host_org_organelle            ? 
_entity_src_gen.pdbx_host_org_cellular_location    ? 
_entity_src_gen.pdbx_host_org_vector_type          ? 
_entity_src_gen.pdbx_host_org_vector               ? 
_entity_src_gen.host_org_details                   ? 
_entity_src_gen.expression_system_id               ? 
_entity_src_gen.plasmid_name                       ? 
_entity_src_gen.plasmid_details                    ? 
_entity_src_gen.pdbx_description                   ? 
# 
_struct_ref.id                         1 
_struct_ref.db_name                    UNP 
_struct_ref.db_code                    Q6SA23_CVHOC 
_struct_ref.pdbx_db_accession          Q6SA23 
_struct_ref.entity_id                  1 
_struct_ref.pdbx_seq_one_letter_code   
;NVVPYYSWFSGITQFQKGKEFEFVEGQGVPIAPGVPATEAKGYWYRHNRRSFKTADGNQRQLLPRWYFYYLGTGPHAKDQ
YGTDIDGVYWVASNQADVNTPADIVDRDPSSDEAIPTRFPPGTVLPQGYYIEGS
;
_struct_ref.pdbx_align_begin           55 
_struct_ref.pdbx_db_isoform            ? 
# 
_struct_ref_seq.align_id                      1 
_struct_ref_seq.ref_id                        1 
_struct_ref_seq.pdbx_PDB_id_code              4J3K 
_struct_ref_seq.pdbx_strand_id                A 
_struct_ref_seq.seq_align_beg                 3 
_struct_ref_seq.pdbx_seq_align_beg_ins_code   ? 
_struct_ref_seq.seq_align_end                 136 
_struct_ref_seq.pdbx_seq_align_end_ins_code   ? 
_struct_ref_seq.pdbx_db_accession             Q6SA23 
_struct_ref_seq.db_align_beg                  55 
_struct_ref_seq.pdbx_db_align_beg_ins_code    ? 
_struct_ref_seq.db_align_end                  188 
_struct_ref_seq.pdbx_db_align_end_ins_code    ? 
_struct_ref_seq.pdbx_auth_seq_align_beg       46 
_struct_ref_seq.pdbx_auth_seq_align_end       179 
# 
loop_
_struct_ref_seq_dif.align_id 
_struct_ref_seq_dif.pdbx_pdb_id_code 
_struct_ref_seq_dif.mon_id 
_struct_ref_seq_dif.pdbx_pdb_strand_id 
_struct_ref_seq_dif.seq_num 
_struct_ref_seq_dif.pdbx_pdb_ins_code 
_struct_ref_seq_dif.pdbx_seq_db_name 
_struct_ref_seq_dif.pdbx_seq_db_accession_code 
_struct_ref_seq_dif.db_mon_id 
_struct_ref_seq_dif.pdbx_seq_db_seq_num 
_struct_ref_seq_dif.details 
_struct_ref_seq_dif.pdbx_auth_seq_num 
_struct_ref_seq_dif.pdbx_ordinal 
1 4J3K GLU A 1 ? UNP Q6SA23 ? ? 'expression tag' 44 1 
1 4J3K PHE A 2 ? UNP Q6SA23 ? ? 'expression tag' 45 2 
# 
loop_
_chem_comp.id 
_chem_comp.type 
_chem_comp.mon_nstd_flag 
_chem_comp.name 
_chem_comp.pdbx_synonyms 
_chem_comp.formula 
_chem_comp.formula_weight 
ALA 'L-peptide linking' y ALANINE                                  ?             'C3 H7 N O2'     89.093  
ARG 'L-peptide linking' y ARGININE                                 ?             'C6 H15 N4 O2 1' 175.209 
ASN 'L-peptide linking' y ASPARAGINE                               ?             'C4 H8 N2 O3'    132.118 
ASP 'L-peptide linking' y 'ASPARTIC ACID'                          ?             'C4 H7 N O4'     133.103 
GLN 'L-peptide linking' y GLUTAMINE                                ?             'C5 H10 N2 O3'   146.144 
GLU 'L-peptide linking' y 'GLUTAMIC ACID'                          ?             'C5 H9 N O4'     147.129 
GLY 'peptide linking'   y GLYCINE                                  ?             'C2 H5 N O2'     75.067  
HIS 'L-peptide linking' y HISTIDINE                                ?             'C6 H10 N3 O2 1' 156.162 
HOH non-polymer         . WATER                                    ?             'H2 O'           18.015  
ILE 'L-peptide linking' y ISOLEUCINE                               ?             'C6 H13 N O2'    131.173 
LEU 'L-peptide linking' y LEUCINE                                  ?             'C6 H13 N O2'    131.173 
LYS 'L-peptide linking' y LYSINE                                   ?             'C6 H15 N2 O2 1' 147.195 
PHE 'L-peptide linking' y PHENYLALANINE                            ?             'C9 H11 N O2'    165.189 
PRO 'L-peptide linking' y PROLINE                                  ?             'C5 H9 N O2'     115.130 
SER 'L-peptide linking' y SERINE                                   ?             'C3 H7 N O3'     105.093 
THR 'L-peptide linking' y THREONINE                                ?             'C4 H9 N O3'     119.119 
TRP 'L-peptide linking' y TRYPTOPHAN                               ?             'C11 H12 N2 O2'  204.225 
TRS non-polymer         . 2-AMINO-2-HYDROXYMETHYL-PROPANE-1,3-DIOL 'TRIS BUFFER' 'C4 H12 N O3 1'  122.143 
TYR 'L-peptide linking' y TYROSINE                                 ?             'C9 H11 N O3'    181.189 
VAL 'L-peptide linking' y VALINE                                   ?             'C5 H11 N O2'    117.146 
# 
_exptl.entry_id          4J3K 
_exptl.method            'X-RAY DIFFRACTION' 
_exptl.crystals_number   1 
# 
_exptl_crystal.id                    1 
_exptl_crystal.density_meas          ? 
_exptl_crystal.density_Matthews      2.65 
_exptl_crystal.density_percent_sol   53.53 
_exptl_crystal.description           ? 
_exptl_crystal.F_000                 ? 
_exptl_crystal.preparation           ? 
# 
_exptl_crystal_grow.crystal_id      1 
_exptl_crystal_grow.method          'VAPOR DIFFUSION, SITTING DROP' 
_exptl_crystal_grow.temp            293 
_exptl_crystal_grow.temp_details    ? 
_exptl_crystal_grow.pH              7.5 
_exptl_crystal_grow.pdbx_details    
'25% PEG1500, 0.25M SPG, 225mM NaCl, 50mM Tris-HCl, pH 7.5, VAPOR DIFFUSION, SITTING DROP, temperature 293K' 
_exptl_crystal_grow.pdbx_pH_range   . 
# 
_diffrn.id                     1 
_diffrn.ambient_temp           100 
_diffrn.ambient_temp_details   ? 
_diffrn.crystal_id             1 
# 
_diffrn_detector.diffrn_id              1 
_diffrn_detector.detector               CCD 
_diffrn_detector.type                   'ADSC QUANTUM 315r' 
_diffrn_detector.pdbx_collection_date   2009-07-25 
_diffrn_detector.details                ? 
# 
_diffrn_radiation.diffrn_id                        1 
_diffrn_radiation.wavelength_id                    1 
_diffrn_radiation.pdbx_monochromatic_or_laue_m_l   M 
_diffrn_radiation.monochromator                    'LN2-Cooled, Fixed-Exit Double Crystal Monochromator' 
_diffrn_radiation.pdbx_diffrn_protocol             'SINGLE WAVELENGTH' 
_diffrn_radiation.pdbx_scattering_type             x-ray 
# 
_diffrn_radiation_wavelength.id           1 
_diffrn_radiation_wavelength.wavelength   1.0 
_diffrn_radiation_wavelength.wt           1.0 
# 
_diffrn_source.diffrn_id                   1 
_diffrn_source.source                      SYNCHROTRON 
_diffrn_source.type                        'NSRRC BEAMLINE BL13B1' 
_diffrn_source.pdbx_synchrotron_site       NSRRC 
_diffrn_source.pdbx_synchrotron_beamline   BL13B1 
_diffrn_source.pdbx_wavelength             ? 
_diffrn_source.pdbx_wavelength_list        1.0 
# 
_reflns.entry_id                     4J3K 
_reflns.observed_criterion_sigma_I   -3 
_reflns.observed_criterion_sigma_F   0 
_reflns.d_resolution_low             30 
_reflns.d_resolution_high            2.0 
_reflns.number_obs                   11131 
_reflns.number_all                   11131 
_reflns.percent_possible_obs         99.8 
_reflns.pdbx_Rmerge_I_obs            ? 
_reflns.pdbx_Rsym_value              ? 
_reflns.pdbx_netI_over_sigmaI        ? 
_reflns.B_iso_Wilson_estimate        ? 
_reflns.pdbx_redundancy              ? 
_reflns.R_free_details               ? 
_reflns.limit_h_max                  ? 
_reflns.limit_h_min                  ? 
_reflns.limit_k_max                  ? 
_reflns.limit_k_min                  ? 
_reflns.limit_l_max                  ? 
_reflns.limit_l_min                  ? 
_reflns.observed_criterion_F_max     ? 
_reflns.observed_criterion_F_min     ? 
_reflns.pdbx_chi_squared             ? 
_reflns.pdbx_scaling_rejects         ? 
_reflns.pdbx_ordinal                 1 
_reflns.pdbx_diffrn_id               1 
# 
_reflns_shell.d_res_high                  2.0 
_reflns_shell.d_res_low                   2.07 
_reflns_shell.percent_possible_all        99.8 
_reflns_shell.Rmerge_I_obs                ? 
_reflns_shell.pdbx_Rsym_value             ? 
_reflns_shell.meanI_over_sigI_obs         ? 
_reflns_shell.pdbx_redundancy             ? 
_reflns_shell.percent_possible_obs        ? 
_reflns_shell.number_unique_all           ? 
_reflns_shell.number_measured_all         ? 
_reflns_shell.number_measured_obs         ? 
_reflns_shell.number_unique_obs           ? 
_reflns_shell.pdbx_chi_squared            ? 
_reflns_shell.pdbx_rejects                ? 
_reflns_shell.pdbx_netI_over_sigmaI_obs   ? 
_reflns_shell.number_possible             ? 
_reflns_shell.Rmerge_F_all                ? 
_reflns_shell.Rmerge_F_obs                ? 
_reflns_shell.Rmerge_I_all                ? 
_reflns_shell.meanI_over_sigI_all         ? 
_reflns_shell.pdbx_Rrim_I_all             ? 
_reflns_shell.pdbx_Rpim_I_all             ? 
_reflns_shell.pdbx_ordinal                1 
_reflns_shell.pdbx_diffrn_id              1 
# 
_refine.entry_id                                 4J3K 
_refine.ls_number_reflns_obs                     10904 
_refine.ls_number_reflns_all                     11055 
_refine.pdbx_ls_sigma_I                          ? 
_refine.pdbx_ls_sigma_F                          0 
_refine.pdbx_data_cutoff_high_absF               ? 
_refine.pdbx_data_cutoff_low_absF                ? 
_refine.pdbx_data_cutoff_high_rms_absF           ? 
_refine.ls_d_res_low                             30 
_refine.ls_d_res_high                            2.0 
_refine.ls_percent_reflns_obs                    98.6000 
_refine.ls_R_factor_obs                          0.2013 
_refine.ls_R_factor_all                          0.2013 
_refine.ls_R_factor_R_work                       0.2007 
_refine.ls_R_factor_R_free                       0.2148 
_refine.ls_R_factor_R_free_error                 ? 
_refine.ls_R_factor_R_free_error_details         ? 
_refine.ls_percent_reflns_R_free                 5.1000 
_refine.ls_number_reflns_R_free                  559 
_refine.ls_number_parameters                     ? 
_refine.ls_number_restraints                     ? 
_refine.occupancy_min                            ? 
_refine.occupancy_max                            ? 
_refine.correlation_coeff_Fo_to_Fc               ? 
_refine.correlation_coeff_Fo_to_Fc_free          ? 
_refine.B_iso_mean                               27.0347 
_refine.solvent_model_param_bsol                 48.2968 
_refine.aniso_B[1][1]                            0.4020 
_refine.aniso_B[2][2]                            0.4020 
_refine.aniso_B[3][3]                            -0.8030 
_refine.aniso_B[1][2]                            -0.6860 
_refine.aniso_B[1][3]                            0.0000 
_refine.aniso_B[2][3]                            0.0000 
_refine.solvent_model_details                    ? 
_refine.pdbx_solvent_vdw_probe_radii             ? 
_refine.pdbx_solvent_ion_probe_radii             ? 
_refine.pdbx_solvent_shrinkage_radii             ? 
_refine.pdbx_ls_cross_valid_method               ? 
_refine.details                                  ? 
_refine.pdbx_starting_model                      2ofz 
_refine.pdbx_method_to_determine_struct          'MOLECULAR REPLACEMENT' 
_refine.pdbx_isotropic_thermal_model             ? 
_refine.pdbx_stereochemistry_target_values       'Engh & Huber' 
_refine.pdbx_stereochem_target_val_spec_case     ? 
_refine.pdbx_R_Free_selection_details            RANDOM 
_refine.pdbx_overall_ESU_R                       ? 
_refine.pdbx_overall_ESU_R_Free                  ? 
_refine.overall_SU_ML                            ? 
_refine.pdbx_overall_phase_error                 ? 
_refine.overall_SU_B                             ? 
_refine.overall_SU_R_Cruickshank_DPI             ? 
_refine.ls_redundancy_reflns_obs                 ? 
_refine.B_iso_min                                ? 
_refine.B_iso_max                                ? 
_refine.overall_SU_R_free                        ? 
_refine.ls_wR_factor_R_free                      ? 
_refine.ls_wR_factor_R_work                      ? 
_refine.overall_FOM_free_R_set                   ? 
_refine.overall_FOM_work_R_set                   ? 
_refine.pdbx_diffrn_id                           1 
_refine.pdbx_refine_id                           'X-RAY DIFFRACTION' 
_refine.solvent_model_param_ksol                 ? 
_refine.pdbx_TLS_residual_ADP_flag               ? 
_refine.pdbx_overall_SU_R_free_Cruickshank_DPI   ? 
_refine.pdbx_overall_SU_R_Blow_DPI               ? 
_refine.pdbx_overall_SU_R_free_Blow_DPI          ? 
# 
_refine_hist.pdbx_refine_id                   'X-RAY DIFFRACTION' 
_refine_hist.cycle_id                         LAST 
_refine_hist.pdbx_number_atoms_protein        1071 
_refine_hist.pdbx_number_atoms_nucleic_acid   0 
_refine_hist.pdbx_number_atoms_ligand         8 
_refine_hist.number_atoms_solvent             157 
_refine_hist.number_atoms_total               1236 
_refine_hist.d_res_high                       2.0 
_refine_hist.d_res_low                        30 
# 
loop_
_refine_ls_restr.type 
_refine_ls_restr.dev_ideal 
_refine_ls_restr.dev_ideal_target 
_refine_ls_restr.weight 
_refine_ls_restr.number 
_refine_ls_restr.pdbx_restraint_function 
_refine_ls_restr.pdbx_refine_id 
c_angle_d   0.0137 ? ? ? ? 'X-RAY DIFFRACTION' 
c_angle_deg 1.978  ? ? ? ? 'X-RAY DIFFRACTION' 
# 
_struct.entry_id                  4J3K 
_struct.title                     'Structure of the N-terminal domian of human coronavirus OC43 nucleocapsid protein' 
_struct.pdbx_model_details        ? 
_struct.pdbx_CASP_flag            ? 
_struct.pdbx_model_type_details   ? 
# 
_struct_keywords.entry_id        4J3K 
_struct_keywords.pdbx_keywords   'RNA BINDING PROTEIN' 
_struct_keywords.text            'five-stranded beta-sheet, long extended loop, RNA-binding, RNA BINDING PROTEIN' 
# 
loop_
_struct_asym.id 
_struct_asym.pdbx_blank_PDB_chainid_flag 
_struct_asym.pdbx_modified 
_struct_asym.entity_id 
_struct_asym.details 
A N N 1 ? 
B N N 2 ? 
C N N 3 ? 
# 
_struct_biol.id        1 
_struct_biol.details   ? 
# 
loop_
_struct_conf.conf_type_id 
_struct_conf.id 
_struct_conf.pdbx_PDB_helix_id 
_struct_conf.beg_label_comp_id 
_struct_conf.beg_label_asym_id 
_struct_conf.beg_label_seq_id 
_struct_conf.pdbx_beg_PDB_ins_code 
_struct_conf.end_label_comp_id 
_struct_conf.end_label_asym_id 
_struct_conf.end_label_seq_id 
_struct_conf.pdbx_end_PDB_ins_code 
_struct_conf.beg_auth_comp_id 
_struct_conf.beg_auth_asym_id 
_struct_conf.beg_auth_seq_id 
_struct_conf.end_auth_comp_id 
_struct_conf.end_auth_asym_id 
_struct_conf.end_auth_seq_id 
_struct_conf.pdbx_PDB_helix_class 
_struct_conf.details 
_struct_conf.pdbx_PDB_helix_length 
HELX_P HELX_P1 1 PRO A 38 ? GLU A 41 ? PRO A 81  GLU A 84  5 ? 4 
HELX_P HELX_P2 2 THR A 75 ? ALA A 79 ? THR A 118 ALA A 122 5 ? 5 
# 
_struct_conf_type.id          HELX_P 
_struct_conf_type.criteria    ? 
_struct_conf_type.reference   ? 
# 
_struct_mon_prot_cis.pdbx_id                1 
_struct_mon_prot_cis.label_comp_id          ASP 
_struct_mon_prot_cis.label_seq_id           110 
_struct_mon_prot_cis.label_asym_id          A 
_struct_mon_prot_cis.label_alt_id           . 
_struct_mon_prot_cis.pdbx_PDB_ins_code      ? 
_struct_mon_prot_cis.auth_comp_id           ASP 
_struct_mon_prot_cis.auth_seq_id            153 
_struct_mon_prot_cis.auth_asym_id           A 
_struct_mon_prot_cis.pdbx_label_comp_id_2   PRO 
_struct_mon_prot_cis.pdbx_label_seq_id_2    111 
_struct_mon_prot_cis.pdbx_label_asym_id_2   A 
_struct_mon_prot_cis.pdbx_PDB_ins_code_2    ? 
_struct_mon_prot_cis.pdbx_auth_comp_id_2    PRO 
_struct_mon_prot_cis.pdbx_auth_seq_id_2     154 
_struct_mon_prot_cis.pdbx_auth_asym_id_2    A 
_struct_mon_prot_cis.pdbx_PDB_model_num     1 
_struct_mon_prot_cis.pdbx_omega_angle       0.97 
# 
_struct_sheet.id               A 
_struct_sheet.type             ? 
_struct_sheet.number_strands   5 
_struct_sheet.details          ? 
# 
loop_
_struct_sheet_order.sheet_id 
_struct_sheet_order.range_id_1 
_struct_sheet_order.range_id_2 
_struct_sheet_order.offset 
_struct_sheet_order.sense 
A 1 2 ? anti-parallel 
A 2 3 ? anti-parallel 
A 3 4 ? anti-parallel 
A 4 5 ? anti-parallel 
# 
loop_
_struct_sheet_range.sheet_id 
_struct_sheet_range.id 
_struct_sheet_range.beg_label_comp_id 
_struct_sheet_range.beg_label_asym_id 
_struct_sheet_range.beg_label_seq_id 
_struct_sheet_range.pdbx_beg_PDB_ins_code 
_struct_sheet_range.end_label_comp_id 
_struct_sheet_range.end_label_asym_id 
_struct_sheet_range.end_label_seq_id 
_struct_sheet_range.pdbx_end_PDB_ins_code 
_struct_sheet_range.beg_auth_comp_id 
_struct_sheet_range.beg_auth_asym_id 
_struct_sheet_range.beg_auth_seq_id 
_struct_sheet_range.end_auth_comp_id 
_struct_sheet_range.end_auth_asym_id 
_struct_sheet_range.end_auth_seq_id 
A 1 VAL A 90  ? ALA A 94  ? VAL A 133 ALA A 137 
A 2 LYS A 43  ? HIS A 49  ? LYS A 86  HIS A 92  
A 3 ARG A 67  ? TYR A 72  ? ARG A 110 TYR A 115 
A 4 ILE A 14  ? GLN A 16  ? ILE A 57  GLN A 59  
A 5 TYR A 131 ? ILE A 133 ? TYR A 174 ILE A 176 
# 
loop_
_pdbx_struct_sheet_hbond.sheet_id 
_pdbx_struct_sheet_hbond.range_id_1 
_pdbx_struct_sheet_hbond.range_id_2 
_pdbx_struct_sheet_hbond.range_1_label_atom_id 
_pdbx_struct_sheet_hbond.range_1_label_comp_id 
_pdbx_struct_sheet_hbond.range_1_label_asym_id 
_pdbx_struct_sheet_hbond.range_1_label_seq_id 
_pdbx_struct_sheet_hbond.range_1_PDB_ins_code 
_pdbx_struct_sheet_hbond.range_1_auth_atom_id 
_pdbx_struct_sheet_hbond.range_1_auth_comp_id 
_pdbx_struct_sheet_hbond.range_1_auth_asym_id 
_pdbx_struct_sheet_hbond.range_1_auth_seq_id 
_pdbx_struct_sheet_hbond.range_2_label_atom_id 
_pdbx_struct_sheet_hbond.range_2_label_comp_id 
_pdbx_struct_sheet_hbond.range_2_label_asym_id 
_pdbx_struct_sheet_hbond.range_2_label_seq_id 
_pdbx_struct_sheet_hbond.range_2_PDB_ins_code 
_pdbx_struct_sheet_hbond.range_2_auth_atom_id 
_pdbx_struct_sheet_hbond.range_2_auth_comp_id 
_pdbx_struct_sheet_hbond.range_2_auth_asym_id 
_pdbx_struct_sheet_hbond.range_2_auth_seq_id 
A 1 2 O TYR A 91 ? O TYR A 134 N TRP A 46  ? N TRP A 89  
A 2 3 N HIS A 49 ? N HIS A 92  O ARG A 67  ? O ARG A 110 
A 3 4 O TRP A 68 ? O TRP A 111 N ILE A 14  ? N ILE A 57  
A 4 5 N THR A 15 ? N THR A 58  O TYR A 132 ? O TYR A 175 
# 
_struct_site.id                   AC1 
_struct_site.pdbx_evidence_code   Software 
_struct_site.pdbx_auth_asym_id    A 
_struct_site.pdbx_auth_comp_id    TRS 
_struct_site.pdbx_auth_seq_id     201 
_struct_site.pdbx_auth_ins_code   ? 
_struct_site.pdbx_num_residues    11 
_struct_site.details              'BINDING SITE FOR RESIDUE TRS A 201' 
# 
loop_
_struct_site_gen.id 
_struct_site_gen.site_id 
_struct_site_gen.pdbx_num_res 
_struct_site_gen.label_comp_id 
_struct_site_gen.label_asym_id 
_struct_site_gen.label_seq_id 
_struct_site_gen.pdbx_auth_ins_code 
_struct_site_gen.auth_comp_id 
_struct_site_gen.auth_asym_id 
_struct_site_gen.auth_seq_id 
_struct_site_gen.label_atom_id 
_struct_site_gen.label_alt_id 
_struct_site_gen.symmetry 
_struct_site_gen.details 
1  AC1 11 PRO A 32 ? PRO A 75  . ? 1_555 ? 
2  AC1 11 ILE A 33 ? ILE A 76  . ? 1_555 ? 
3  AC1 11 ALA A 34 ? ALA A 77  . ? 1_555 ? 
4  AC1 11 VAL A 37 ? VAL A 80  . ? 1_555 ? 
5  AC1 11 PRO A 38 ? PRO A 81  . ? 1_555 ? 
6  AC1 11 ALA A 39 ? ALA A 82  . ? 1_555 ? 
7  AC1 11 THR A 56 ? THR A 99  . ? 5_664 ? 
8  AC1 11 ALA A 57 ? ALA A 100 . ? 5_664 ? 
9  AC1 11 TYR A 72 ? TYR A 115 . ? 1_555 ? 
10 AC1 11 HOH C .  ? HOH A 312 . ? 1_555 ? 
11 AC1 11 HOH C .  ? HOH A 313 . ? 1_555 ? 
# 
_atom_sites.entry_id                    4J3K 
_atom_sites.fract_transf_matrix[1][1]   0.01275467 
_atom_sites.fract_transf_matrix[1][2]   -0.00059497 
_atom_sites.fract_transf_matrix[1][3]   -0.00611110 
_atom_sites.fract_transf_matrix[2][1]   0.00808868 
_atom_sites.fract_transf_matrix[2][2]   -0.01150584 
_atom_sites.fract_transf_matrix[2][3]   0.00160657 
_atom_sites.fract_transf_matrix[3][1]   -0.00965187 
_atom_sites.fract_transf_matrix[3][2]   -0.00946942 
_atom_sites.fract_transf_matrix[3][3]   -0.01922279 
_atom_sites.fract_transf_vector[1]      0.549398 
_atom_sites.fract_transf_vector[2]      -0.163062 
_atom_sites.fract_transf_vector[3]      0.189636 
# 
loop_
_atom_type.symbol 
C 
N 
O 
# 
loop_
_atom_site.group_PDB 
_atom_site.id 
_atom_site.type_symbol 
_atom_site.label_atom_id 
_atom_site.label_alt_id 
_atom_site.label_comp_id 
_atom_site.label_asym_id 
_atom_site.label_entity_id 
_atom_site.label_seq_id 
_atom_site.pdbx_PDB_ins_code 
_atom_site.Cartn_x 
_atom_site.Cartn_y 
_atom_site.Cartn_z 
_atom_site.occupancy 
_atom_site.B_iso_or_equiv 
_atom_site.pdbx_formal_charge 
_atom_site.auth_seq_id 
_atom_site.auth_comp_id 
_atom_site.auth_asym_id 
_atom_site.auth_atom_id 
_atom_site.pdbx_PDB_model_num 
ATOM   1    N N   . GLU A 1 1   ? -0.240  8.459   -12.806 1.00 43.62 ? 44  GLU A N   1 
ATOM   2    C CA  . GLU A 1 1   ? 0.160   9.866   -12.498 1.00 42.43 ? 44  GLU A CA  1 
ATOM   3    C C   . GLU A 1 1   ? -0.863  10.582  -11.619 1.00 40.79 ? 44  GLU A C   1 
ATOM   4    O O   . GLU A 1 1   ? -2.055  10.272  -11.643 1.00 39.76 ? 44  GLU A O   1 
ATOM   5    C CB  . GLU A 1 1   ? 0.409   10.677  -13.789 1.00 44.16 ? 44  GLU A CB  1 
ATOM   6    C CG  . GLU A 1 1   ? 0.322   12.202  -13.566 1.00 46.93 ? 44  GLU A CG  1 
ATOM   7    C CD  . GLU A 1 1   ? 0.634   13.058  -14.786 1.00 48.75 ? 44  GLU A CD  1 
ATOM   8    O OE1 . GLU A 1 1   ? 1.743   12.924  -15.347 1.00 50.10 ? 44  GLU A OE1 1 
ATOM   9    O OE2 . GLU A 1 1   ? -0.213  13.908  -15.152 1.00 49.42 ? 44  GLU A OE2 1 
ATOM   10   N N   . PHE A 1 2   ? -0.378  11.554  -10.853 1.00 38.32 ? 45  PHE A N   1 
ATOM   11   C CA  . PHE A 1 2   ? -1.226  12.346  -9.974  1.00 36.25 ? 45  PHE A CA  1 
ATOM   12   C C   . PHE A 1 2   ? -1.183  13.824  -10.389 1.00 33.80 ? 45  PHE A C   1 
ATOM   13   O O   . PHE A 1 2   ? -0.097  14.372  -10.583 1.00 33.31 ? 45  PHE A O   1 
ATOM   14   C CB  . PHE A 1 2   ? -0.718  12.255  -8.536  1.00 36.98 ? 45  PHE A CB  1 
ATOM   15   C CG  . PHE A 1 2   ? -0.735  10.861  -7.942  1.00 38.14 ? 45  PHE A CG  1 
ATOM   16   C CD1 . PHE A 1 2   ? 0.367   10.011  -8.084  1.00 38.09 ? 45  PHE A CD1 1 
ATOM   17   C CD2 . PHE A 1 2   ? -1.808  10.440  -7.158  1.00 38.57 ? 45  PHE A CD2 1 
ATOM   18   C CE1 . PHE A 1 2   ? 0.407   8.767   -7.437  1.00 38.82 ? 45  PHE A CE1 1 
ATOM   19   C CE2 . PHE A 1 2   ? -1.782  9.198   -6.506  1.00 40.60 ? 45  PHE A CE2 1 
ATOM   20   C CZ  . PHE A 1 2   ? -0.668  8.361   -6.648  1.00 39.41 ? 45  PHE A CZ  1 
ATOM   21   N N   . ASN A 1 3   ? -2.351  14.458  -10.524 1.00 30.54 ? 46  ASN A N   1 
ATOM   22   C CA  . ASN A 1 3   ? -2.433  15.889  -10.849 1.00 28.85 ? 46  ASN A CA  1 
ATOM   23   C C   . ASN A 1 3   ? -2.565  16.742  -9.552  1.00 26.02 ? 46  ASN A C   1 
ATOM   24   O O   . ASN A 1 3   ? -2.726  17.961  -9.599  1.00 26.56 ? 46  ASN A O   1 
ATOM   25   C CB  . ASN A 1 3   ? -3.628  16.159  -11.736 1.00 29.75 ? 46  ASN A CB  1 
ATOM   26   C CG  . ASN A 1 3   ? -4.920  16.072  -10.985 1.00 30.76 ? 46  ASN A CG  1 
ATOM   27   O OD1 . ASN A 1 3   ? -5.302  14.988  -10.510 1.00 31.07 ? 46  ASN A OD1 1 
ATOM   28   N ND2 . ASN A 1 3   ? -5.592  17.203  -10.832 1.00 29.80 ? 46  ASN A ND2 1 
ATOM   29   N N   . VAL A 1 4   ? -2.664  16.048  -8.422  1.00 23.56 ? 47  VAL A N   1 
ATOM   30   C CA  . VAL A 1 4   ? -2.698  16.683  -7.094  1.00 19.96 ? 47  VAL A CA  1 
ATOM   31   C C   . VAL A 1 4   ? -1.579  15.893  -6.460  1.00 17.95 ? 47  VAL A C   1 
ATOM   32   O O   . VAL A 1 4   ? -1.609  14.671  -6.460  1.00 17.63 ? 47  VAL A O   1 
ATOM   33   C CB  . VAL A 1 4   ? -4.057  16.454  -6.326  1.00 20.87 ? 47  VAL A CB  1 
ATOM   34   C CG1 . VAL A 1 4   ? -3.936  16.878  -4.870  1.00 18.03 ? 47  VAL A CG1 1 
ATOM   35   C CG2 . VAL A 1 4   ? -5.168  17.307  -6.960  1.00 17.85 ? 47  VAL A CG2 1 
ATOM   36   N N   . VAL A 1 5   ? -0.561  16.582  -5.973  1.00 15.07 ? 48  VAL A N   1 
ATOM   37   C CA  . VAL A 1 5   ? 0.561   15.907  -5.373  1.00 14.34 ? 48  VAL A CA  1 
ATOM   38   C C   . VAL A 1 5   ? 0.074   14.943  -4.310  1.00 17.07 ? 48  VAL A C   1 
ATOM   39   O O   . VAL A 1 5   ? -0.652  15.330  -3.386  1.00 15.26 ? 48  VAL A O   1 
ATOM   40   C CB  . VAL A 1 5   ? 1.577   16.896  -4.786  1.00 12.94 ? 48  VAL A CB  1 
ATOM   41   C CG1 . VAL A 1 5   ? 2.670   16.144  -4.127  1.00 13.17 ? 48  VAL A CG1 1 
ATOM   42   C CG2 . VAL A 1 5   ? 2.140   17.765  -5.915  1.00 13.75 ? 48  VAL A CG2 1 
ATOM   43   N N   . PRO A 1 6   ? 0.471   13.665  -4.431  1.00 18.83 ? 49  PRO A N   1 
ATOM   44   C CA  . PRO A 1 6   ? 0.031   12.685  -3.436  1.00 18.57 ? 49  PRO A CA  1 
ATOM   45   C C   . PRO A 1 6   ? 0.954   12.667  -2.223  1.00 18.35 ? 49  PRO A C   1 
ATOM   46   O O   . PRO A 1 6   ? 2.003   13.311  -2.232  1.00 17.15 ? 49  PRO A O   1 
ATOM   47   C CB  . PRO A 1 6   ? 0.217   11.365  -4.200  1.00 19.52 ? 49  PRO A CB  1 
ATOM   48   C CG  . PRO A 1 6   ? 1.507   11.600  -4.916  1.00 18.54 ? 49  PRO A CG  1 
ATOM   49   C CD  . PRO A 1 6   ? 1.299   13.015  -5.478  1.00 18.67 ? 49  PRO A CD  1 
ATOM   50   N N   . TYR A 1 7   ? 0.554   11.943  -1.178  1.00 17.93 ? 50  TYR A N   1 
ATOM   51   C CA  . TYR A 1 7   ? 1.426   11.719  -0.013  1.00 17.19 ? 50  TYR A CA  1 
ATOM   52   C C   . TYR A 1 7   ? 2.317   10.606  -0.575  1.00 18.03 ? 50  TYR A C   1 
ATOM   53   O O   . TYR A 1 7   ? 1.797   9.690   -1.203  1.00 17.35 ? 50  TYR A O   1 
ATOM   54   C CB  . TYR A 1 7   ? 0.629   11.154  1.164   1.00 18.63 ? 50  TYR A CB  1 
ATOM   55   C CG  . TYR A 1 7   ? -0.198  12.197  1.840   1.00 18.11 ? 50  TYR A CG  1 
ATOM   56   C CD1 . TYR A 1 7   ? -1.538  12.377  1.506   1.00 20.82 ? 50  TYR A CD1 1 
ATOM   57   C CD2 . TYR A 1 7   ? 0.379   13.053  2.774   1.00 19.83 ? 50  TYR A CD2 1 
ATOM   58   C CE1 . TYR A 1 7   ? -2.291  13.405  2.092   1.00 21.59 ? 50  TYR A CE1 1 
ATOM   59   C CE2 . TYR A 1 7   ? -0.349  14.063  3.355   1.00 21.18 ? 50  TYR A CE2 1 
ATOM   60   C CZ  . TYR A 1 7   ? -1.678  14.233  3.017   1.00 22.73 ? 50  TYR A CZ  1 
ATOM   61   O OH  . TYR A 1 7   ? -2.388  15.210  3.660   1.00 26.11 ? 50  TYR A OH  1 
ATOM   62   N N   . TYR A 1 8   ? 3.627   10.657  -0.391  1.00 18.75 ? 51  TYR A N   1 
ATOM   63   C CA  . TYR A 1 8   ? 4.445   9.607   -0.981  1.00 21.67 ? 51  TYR A CA  1 
ATOM   64   C C   . TYR A 1 8   ? 4.590   8.368   -0.116  1.00 20.30 ? 51  TYR A C   1 
ATOM   65   O O   . TYR A 1 8   ? 4.742   8.466   1.080   1.00 20.36 ? 51  TYR A O   1 
ATOM   66   C CB  . TYR A 1 8   ? 5.838   10.123  -1.411  1.00 25.53 ? 51  TYR A CB  1 
ATOM   67   C CG  . TYR A 1 8   ? 5.793   10.998  -2.641  1.00 28.68 ? 51  TYR A CG  1 
ATOM   68   C CD1 . TYR A 1 8   ? 5.358   12.316  -2.547  1.00 30.98 ? 51  TYR A CD1 1 
ATOM   69   C CD2 . TYR A 1 8   ? 6.091   10.492  -3.911  1.00 31.37 ? 51  TYR A CD2 1 
ATOM   70   C CE1 . TYR A 1 8   ? 5.205   13.110  -3.665  1.00 32.07 ? 51  TYR A CE1 1 
ATOM   71   C CE2 . TYR A 1 8   ? 5.937   11.288  -5.054  1.00 33.26 ? 51  TYR A CE2 1 
ATOM   72   C CZ  . TYR A 1 8   ? 5.487   12.604  -4.912  1.00 33.32 ? 51  TYR A CZ  1 
ATOM   73   O OH  . TYR A 1 8   ? 5.287   13.420  -6.000  1.00 33.88 ? 51  TYR A OH  1 
ATOM   74   N N   . SER A 1 9   ? 4.401   7.210   -0.739  1.00 20.01 ? 52  SER A N   1 
ATOM   75   C CA  . SER A 1 9   ? 4.539   5.918   -0.052  1.00 16.62 ? 52  SER A CA  1 
ATOM   76   C C   . SER A 1 9   ? 6.032   5.587   -0.026  1.00 18.02 ? 52  SER A C   1 
ATOM   77   O O   . SER A 1 9   ? 6.782   6.017   -0.898  1.00 17.26 ? 52  SER A O   1 
ATOM   78   C CB  . SER A 1 9   ? 3.809   4.848   -0.864  1.00 15.66 ? 52  SER A CB  1 
ATOM   79   O OG  . SER A 1 9   ? 4.099   3.515   -0.440  1.00 14.18 ? 52  SER A OG  1 
ATOM   80   N N   . TRP A 1 10  ? 6.463   4.826   0.971   1.00 17.34 ? 53  TRP A N   1 
ATOM   81   C CA  . TRP A 1 10  ? 7.867   4.407   1.045   1.00 17.86 ? 53  TRP A CA  1 
ATOM   82   C C   . TRP A 1 10  ? 8.133   3.266   0.073   1.00 19.03 ? 53  TRP A C   1 
ATOM   83   O O   . TRP A 1 10  ? 9.296   2.930   -0.198  1.00 19.85 ? 53  TRP A O   1 
ATOM   84   C CB  . TRP A 1 10  ? 8.179   3.892   2.442   1.00 19.04 ? 53  TRP A CB  1 
ATOM   85   C CG  . TRP A 1 10  ? 8.687   4.919   3.369   1.00 24.08 ? 53  TRP A CG  1 
ATOM   86   C CD1 . TRP A 1 10  ? 7.985   5.584   4.340   1.00 24.45 ? 53  TRP A CD1 1 
ATOM   87   C CD2 . TRP A 1 10  ? 10.011  5.446   3.387   1.00 26.58 ? 53  TRP A CD2 1 
ATOM   88   N NE1 . TRP A 1 10  ? 8.803   6.505   4.955   1.00 28.25 ? 53  TRP A NE1 1 
ATOM   89   C CE2 . TRP A 1 10  ? 10.052  6.442   4.393   1.00 28.19 ? 53  TRP A CE2 1 
ATOM   90   C CE3 . TRP A 1 10  ? 11.179  5.170   2.659   1.00 27.44 ? 53  TRP A CE3 1 
ATOM   91   C CZ2 . TRP A 1 10  ? 11.213  7.177   4.669   1.00 29.35 ? 53  TRP A CZ2 1 
ATOM   92   C CZ3 . TRP A 1 10  ? 12.338  5.904   2.941   1.00 29.86 ? 53  TRP A CZ3 1 
ATOM   93   C CH2 . TRP A 1 10  ? 12.344  6.888   3.942   1.00 29.74 ? 53  TRP A CH2 1 
ATOM   94   N N   . PHE A 1 11  ? 7.062   2.708   -0.504  1.00 15.57 ? 54  PHE A N   1 
ATOM   95   C CA  . PHE A 1 11  ? 7.206   1.534   -1.346  1.00 13.37 ? 54  PHE A CA  1 
ATOM   96   C C   . PHE A 1 11  ? 6.595   1.625   -2.709  1.00 14.80 ? 54  PHE A C   1 
ATOM   97   O O   . PHE A 1 11  ? 5.709   2.454   -2.960  1.00 13.83 ? 54  PHE A O   1 
ATOM   98   C CB  . PHE A 1 11  ? 6.562   0.334   -0.635  1.00 11.77 ? 54  PHE A CB  1 
ATOM   99   C CG  . PHE A 1 11  ? 7.048   0.127   0.758   1.00 13.62 ? 54  PHE A CG  1 
ATOM   100  C CD1 . PHE A 1 11  ? 8.193   -0.640  1.003   1.00 12.84 ? 54  PHE A CD1 1 
ATOM   101  C CD2 . PHE A 1 11  ? 6.401   0.717   1.832   1.00 12.97 ? 54  PHE A CD2 1 
ATOM   102  C CE1 . PHE A 1 11  ? 8.665   -0.799  2.280   1.00 14.45 ? 54  PHE A CE1 1 
ATOM   103  C CE2 . PHE A 1 11  ? 6.874   0.547   3.131   1.00 11.47 ? 54  PHE A CE2 1 
ATOM   104  C CZ  . PHE A 1 11  ? 8.007   -0.202  3.350   1.00 14.65 ? 54  PHE A CZ  1 
ATOM   105  N N   . SER A 1 12  ? 7.001   0.712   -3.579  1.00 14.97 ? 55  SER A N   1 
ATOM   106  C CA  . SER A 1 12  ? 6.435   0.702   -4.909  1.00 15.17 ? 55  SER A CA  1 
ATOM   107  C C   . SER A 1 12  ? 4.998   0.205   -4.783  1.00 16.28 ? 55  SER A C   1 
ATOM   108  O O   . SER A 1 12  ? 4.607   -0.433  -3.786  1.00 15.58 ? 55  SER A O   1 
ATOM   109  C CB  . SER A 1 12  ? 7.254   -0.219  -5.835  1.00 17.16 ? 55  SER A CB  1 
ATOM   110  O OG  . SER A 1 12  ? 7.277   -1.541  -5.336  1.00 19.24 ? 55  SER A OG  1 
ATOM   111  N N   . GLY A 1 13  ? 4.211   0.473   -5.815  1.00 15.91 ? 56  GLY A N   1 
ATOM   112  C CA  . GLY A 1 13  ? 2.813   0.073   -5.789  1.00 14.62 ? 56  GLY A CA  1 
ATOM   113  C C   . GLY A 1 13  ? 2.522   -1.339  -6.222  1.00 15.23 ? 56  GLY A C   1 
ATOM   114  O O   . GLY A 1 13  ? 3.406   -2.074  -6.696  1.00 15.48 ? 56  GLY A O   1 
ATOM   115  N N   . ILE A 1 14  ? 1.282   -1.743  -5.996  1.00 14.55 ? 57  ILE A N   1 
ATOM   116  C CA  . ILE A 1 14  ? 0.788   -3.050  -6.399  1.00 14.38 ? 57  ILE A CA  1 
ATOM   117  C C   . ILE A 1 14  ? -0.342  -2.719  -7.369  1.00 17.09 ? 57  ILE A C   1 
ATOM   118  O O   . ILE A 1 14  ? -1.345  -2.120  -6.989  1.00 17.32 ? 57  ILE A O   1 
ATOM   119  C CB  . ILE A 1 14  ? 0.300   -3.838  -5.211  1.00 13.49 ? 57  ILE A CB  1 
ATOM   120  C CG1 . ILE A 1 14  ? 1.512   -4.133  -4.313  1.00 13.85 ? 57  ILE A CG1 1 
ATOM   121  C CG2 . ILE A 1 14  ? -0.244  -5.173  -5.659  1.00 15.01 ? 57  ILE A CG2 1 
ATOM   122  C CD1 . ILE A 1 14  ? 1.184   -4.856  -3.032  1.00 27.05 ? 57  ILE A CD1 1 
ATOM   123  N N   . THR A 1 15  ? -0.169  -3.134  -8.615  1.00 20.03 ? 58  THR A N   1 
ATOM   124  C CA  . THR A 1 15  ? -1.119  -2.825  -9.670  1.00 21.00 ? 58  THR A CA  1 
ATOM   125  C C   . THR A 1 15  ? -2.075  -3.936  -10.028 1.00 22.00 ? 58  THR A C   1 
ATOM   126  O O   . THR A 1 15  ? -1.675  -5.060  -10.284 1.00 23.95 ? 58  THR A O   1 
ATOM   127  C CB  . THR A 1 15  ? -0.357  -2.406  -10.949 1.00 22.71 ? 58  THR A CB  1 
ATOM   128  O OG1 . THR A 1 15  ? 0.660   -1.474  -10.588 1.00 24.51 ? 58  THR A OG1 1 
ATOM   129  C CG2 . THR A 1 15  ? -1.299  -1.752  -11.999 1.00 22.30 ? 58  THR A CG2 1 
ATOM   130  N N   . GLN A 1 16  ? -3.358  -3.628  -10.033 1.00 24.01 ? 59  GLN A N   1 
ATOM   131  C CA  . GLN A 1 16  ? -4.297  -4.648  -10.441 1.00 25.39 ? 59  GLN A CA  1 
ATOM   132  C C   . GLN A 1 16  ? -4.096  -4.869  -11.950 1.00 27.79 ? 59  GLN A C   1 
ATOM   133  O O   . GLN A 1 16  ? -3.855  -3.911  -12.691 1.00 26.20 ? 59  GLN A O   1 
ATOM   134  C CB  . GLN A 1 16  ? -5.732  -4.212  -10.171 1.00 25.51 ? 59  GLN A CB  1 
ATOM   135  C CG  . GLN A 1 16  ? -6.717  -5.309  -10.556 1.00 25.41 ? 59  GLN A CG  1 
ATOM   136  C CD  . GLN A 1 16  ? -8.131  -4.989  -10.178 1.00 27.62 ? 59  GLN A CD  1 
ATOM   137  O OE1 . GLN A 1 16  ? -8.396  -3.997  -9.518  1.00 28.85 ? 59  GLN A OE1 1 
ATOM   138  N NE2 . GLN A 1 16  ? -9.056  -5.839  -10.589 1.00 30.06 ? 59  GLN A NE2 1 
ATOM   139  N N   . PHE A 1 17  ? -4.093  -6.126  -12.385 1.00 29.42 ? 60  PHE A N   1 
ATOM   140  C CA  . PHE A 1 17  ? -3.955  -6.406  -13.813 1.00 32.32 ? 60  PHE A CA  1 
ATOM   141  C C   . PHE A 1 17  ? -5.090  -7.278  -14.351 1.00 34.03 ? 60  PHE A C   1 
ATOM   142  O O   . PHE A 1 17  ? -5.257  -7.386  -15.560 1.00 35.14 ? 60  PHE A O   1 
ATOM   143  C CB  . PHE A 1 17  ? -2.553  -6.949  -14.181 1.00 32.11 ? 60  PHE A CB  1 
ATOM   144  C CG  . PHE A 1 17  ? -2.302  -8.379  -13.772 1.00 33.29 ? 60  PHE A CG  1 
ATOM   145  C CD1 . PHE A 1 17  ? -2.860  -9.431  -14.489 1.00 33.14 ? 60  PHE A CD1 1 
ATOM   146  C CD2 . PHE A 1 17  ? -1.461  -8.677  -12.697 1.00 33.16 ? 60  PHE A CD2 1 
ATOM   147  C CE1 . PHE A 1 17  ? -2.588  -10.753 -14.151 1.00 32.49 ? 60  PHE A CE1 1 
ATOM   148  C CE2 . PHE A 1 17  ? -1.187  -10.010 -12.349 1.00 31.72 ? 60  PHE A CE2 1 
ATOM   149  C CZ  . PHE A 1 17  ? -1.752  -11.042 -13.081 1.00 33.73 ? 60  PHE A CZ  1 
ATOM   150  N N   . GLN A 1 18  ? -5.850  -7.912  -13.456 1.00 35.14 ? 61  GLN A N   1 
ATOM   151  C CA  . GLN A 1 18  ? -7.010  -8.763  -13.800 1.00 37.37 ? 61  GLN A CA  1 
ATOM   152  C C   . GLN A 1 18  ? -8.232  -8.204  -13.096 1.00 37.88 ? 61  GLN A C   1 
ATOM   153  O O   . GLN A 1 18  ? -8.301  -8.250  -11.862 1.00 37.46 ? 61  GLN A O   1 
ATOM   154  C CB  . GLN A 1 18  ? -6.868  -10.194 -13.264 1.00 38.84 ? 61  GLN A CB  1 
ATOM   155  C CG  . GLN A 1 18  ? -5.865  -11.091 -13.913 1.00 42.21 ? 61  GLN A CG  1 
ATOM   156  C CD  . GLN A 1 18  ? -5.994  -12.525 -13.404 1.00 43.76 ? 61  GLN A CD  1 
ATOM   157  O OE1 . GLN A 1 18  ? -6.766  -13.322 -13.945 1.00 45.70 ? 61  GLN A OE1 1 
ATOM   158  N NE2 . GLN A 1 18  ? -5.260  -12.849 -12.344 1.00 44.11 ? 61  GLN A NE2 1 
ATOM   159  N N   . LYS A 1 19  ? -9.254  -7.794  -13.843 1.00 38.01 ? 62  LYS A N   1 
ATOM   160  C CA  . LYS A 1 19  ? -10.423 -7.237  -13.161 1.00 38.62 ? 62  LYS A CA  1 
ATOM   161  C C   . LYS A 1 19  ? -11.215 -8.247  -12.354 1.00 37.69 ? 62  LYS A C   1 
ATOM   162  O O   . LYS A 1 19  ? -11.220 -9.436  -12.655 1.00 37.37 ? 62  LYS A O   1 
ATOM   163  C CB  . LYS A 1 19  ? -11.352 -6.482  -14.125 1.00 41.21 ? 62  LYS A CB  1 
ATOM   164  C CG  . LYS A 1 19  ? -12.326 -5.521  -13.395 1.00 43.04 ? 62  LYS A CG  1 
ATOM   165  C CD  . LYS A 1 19  ? -13.033 -4.548  -14.342 1.00 44.33 ? 62  LYS A CD  1 
ATOM   166  C CE  . LYS A 1 19  ? -12.060 -3.515  -14.891 1.00 47.00 ? 62  LYS A CE  1 
ATOM   167  N NZ  . LYS A 1 19  ? -12.658 -2.535  -15.848 1.00 48.36 ? 62  LYS A NZ  1 
ATOM   168  N N   . GLY A 1 20  ? -11.860 -7.769  -11.301 1.00 37.43 ? 63  GLY A N   1 
ATOM   169  C CA  . GLY A 1 20  ? -12.668 -8.650  -10.482 1.00 37.10 ? 63  GLY A CA  1 
ATOM   170  C C   . GLY A 1 20  ? -11.916 -9.346  -9.374  1.00 36.60 ? 63  GLY A C   1 
ATOM   171  O O   . GLY A 1 20  ? -12.529 -9.951  -8.494  1.00 37.61 ? 63  GLY A O   1 
ATOM   172  N N   . LYS A 1 21  ? -10.591 -9.313  -9.444  1.00 34.98 ? 64  LYS A N   1 
ATOM   173  C CA  . LYS A 1 21  ? -9.779  -9.931  -8.407  1.00 34.20 ? 64  LYS A CA  1 
ATOM   174  C C   . LYS A 1 21  ? -9.716  -8.969  -7.222  1.00 32.01 ? 64  LYS A C   1 
ATOM   175  O O   . LYS A 1 21  ? -9.517  -7.758  -7.394  1.00 30.68 ? 64  LYS A O   1 
ATOM   176  C CB  . LYS A 1 21  ? -8.376  -10.249 -8.941  1.00 35.54 ? 64  LYS A CB  1 
ATOM   177  C CG  . LYS A 1 21  ? -8.310  -11.392 -9.975  1.00 38.58 ? 64  LYS A CG  1 
ATOM   178  C CD  . LYS A 1 21  ? -8.625  -12.762 -9.375  1.00 40.76 ? 64  LYS A CD  1 
ATOM   179  C CE  . LYS A 1 21  ? -8.499  -13.867 -10.427 1.00 43.49 ? 64  LYS A CE  1 
ATOM   180  N NZ  . LYS A 1 21  ? -8.671  -15.250 -9.874  1.00 45.17 ? 64  LYS A NZ  1 
ATOM   181  N N   . GLU A 1 22  ? -9.940  -9.503  -6.024  1.00 30.10 ? 65  GLU A N   1 
ATOM   182  C CA  . GLU A 1 22  ? -9.905  -8.716  -4.792  1.00 28.51 ? 65  GLU A CA  1 
ATOM   183  C C   . GLU A 1 22  ? -8.502  -8.519  -4.270  1.00 24.64 ? 65  GLU A C   1 
ATOM   184  O O   . GLU A 1 22  ? -7.697  -9.445  -4.258  1.00 24.51 ? 65  GLU A O   1 
ATOM   185  C CB  . GLU A 1 22  ? -10.659 -9.433  -3.674  1.00 31.93 ? 65  GLU A CB  1 
ATOM   186  C CG  . GLU A 1 22  ? -12.014 -9.902  -4.067  1.00 37.87 ? 65  GLU A CG  1 
ATOM   187  C CD  . GLU A 1 22  ? -12.931 -8.752  -4.272  1.00 41.10 ? 65  GLU A CD  1 
ATOM   188  O OE1 . GLU A 1 22  ? -13.159 -8.025  -3.277  1.00 44.09 ? 65  GLU A OE1 1 
ATOM   189  O OE2 . GLU A 1 22  ? -13.380 -8.556  -5.421  1.00 42.02 ? 65  GLU A OE2 1 
ATOM   190  N N   . PHE A 1 23  ? -8.254  -7.327  -3.763  1.00 21.97 ? 66  PHE A N   1 
ATOM   191  C CA  . PHE A 1 23  ? -6.985  -6.988  -3.164  1.00 20.19 ? 66  PHE A CA  1 
ATOM   192  C C   . PHE A 1 23  ? -7.150  -7.396  -1.701  1.00 19.52 ? 66  PHE A C   1 
ATOM   193  O O   . PHE A 1 23  ? -7.999  -6.854  -1.003  1.00 21.57 ? 66  PHE A O   1 
ATOM   194  C CB  . PHE A 1 23  ? -6.774  -5.478  -3.243  1.00 18.98 ? 66  PHE A CB  1 
ATOM   195  C CG  . PHE A 1 23  ? -5.466  -5.019  -2.663  1.00 16.37 ? 66  PHE A CG  1 
ATOM   196  C CD1 . PHE A 1 23  ? -4.326  -5.028  -3.447  1.00 16.92 ? 66  PHE A CD1 1 
ATOM   197  C CD2 . PHE A 1 23  ? -5.373  -4.611  -1.325  1.00 16.14 ? 66  PHE A CD2 1 
ATOM   198  C CE1 . PHE A 1 23  ? -3.088  -4.644  -2.918  1.00 16.69 ? 66  PHE A CE1 1 
ATOM   199  C CE2 . PHE A 1 23  ? -4.151  -4.226  -0.798  1.00 16.42 ? 66  PHE A CE2 1 
ATOM   200  C CZ  . PHE A 1 23  ? -3.003  -4.244  -1.598  1.00 13.12 ? 66  PHE A CZ  1 
ATOM   201  N N   . GLU A 1 24  ? -6.354  -8.345  -1.238  1.00 18.45 ? 67  GLU A N   1 
ATOM   202  C CA  . GLU A 1 24  ? -6.460  -8.789  0.146   1.00 16.30 ? 67  GLU A CA  1 
ATOM   203  C C   . GLU A 1 24  ? -5.146  -9.454  0.536   1.00 14.89 ? 67  GLU A C   1 
ATOM   204  O O   . GLU A 1 24  ? -4.323  -9.754  -0.305  1.00 15.22 ? 67  GLU A O   1 
ATOM   205  C CB  . GLU A 1 24  ? -7.557  -9.836  0.261   1.00 19.76 ? 67  GLU A CB  1 
ATOM   206  C CG  . GLU A 1 24  ? -7.299  -10.934 -0.741  1.00 21.37 ? 67  GLU A CG  1 
ATOM   207  C CD  . GLU A 1 24  ? -8.371  -11.995 -0.849  1.00 27.75 ? 67  GLU A CD  1 
ATOM   208  O OE1 . GLU A 1 24  ? -9.488  -11.846 -0.315  1.00 28.55 ? 67  GLU A OE1 1 
ATOM   209  O OE2 . GLU A 1 24  ? -8.063  -12.999 -1.524  1.00 29.31 ? 67  GLU A OE2 1 
ATOM   210  N N   . PHE A 1 25  ? -5.010  -9.674  1.831   1.00 14.72 ? 68  PHE A N   1 
ATOM   211  C CA  . PHE A 1 25  ? -3.870  -10.361 2.396   1.00 14.73 ? 68  PHE A CA  1 
ATOM   212  C C   . PHE A 1 25  ? -4.458  -11.130 3.550   1.00 16.82 ? 68  PHE A C   1 
ATOM   213  O O   . PHE A 1 25  ? -5.506  -10.754 4.091   1.00 17.44 ? 68  PHE A O   1 
ATOM   214  C CB  . PHE A 1 25  ? -2.826  -9.364  2.942   1.00 13.41 ? 68  PHE A CB  1 
ATOM   215  C CG  . PHE A 1 25  ? -2.024  -8.706  1.872   1.00 12.20 ? 68  PHE A CG  1 
ATOM   216  C CD1 . PHE A 1 25  ? -0.965  -9.386  1.275   1.00 13.05 ? 68  PHE A CD1 1 
ATOM   217  C CD2 . PHE A 1 25  ? -2.316  -7.417  1.459   1.00 12.44 ? 68  PHE A CD2 1 
ATOM   218  C CE1 . PHE A 1 25  ? -0.187  -8.787  0.288   1.00 9.94  ? 68  PHE A CE1 1 
ATOM   219  C CE2 . PHE A 1 25  ? -1.548  -6.807  0.478   1.00 11.44 ? 68  PHE A CE2 1 
ATOM   220  C CZ  . PHE A 1 25  ? -0.477  -7.503  -0.115  1.00 10.73 ? 68  PHE A CZ  1 
ATOM   221  N N   . VAL A 1 26  ? -3.766  -12.193 3.939   1.00 17.88 ? 69  VAL A N   1 
ATOM   222  C CA  . VAL A 1 26  ? -4.168  -13.003 5.075   1.00 19.09 ? 69  VAL A CA  1 
ATOM   223  C C   . VAL A 1 26  ? -3.857  -12.105 6.275   1.00 18.91 ? 69  VAL A C   1 
ATOM   224  O O   . VAL A 1 26  ? -2.863  -11.383 6.243   1.00 18.64 ? 69  VAL A O   1 
ATOM   225  C CB  . VAL A 1 26  ? -3.288  -14.267 5.132   1.00 19.08 ? 69  VAL A CB  1 
ATOM   226  C CG1 . VAL A 1 26  ? -3.472  -14.994 6.446   1.00 20.45 ? 69  VAL A CG1 1 
ATOM   227  C CG2 . VAL A 1 26  ? -3.623  -15.186 3.950   1.00 19.04 ? 69  VAL A CG2 1 
ATOM   228  N N   . GLU A 1 27  ? -4.702  -12.113 7.302   1.00 19.53 ? 70  GLU A N   1 
ATOM   229  C CA  . GLU A 1 27  ? -4.460  -11.292 8.496   1.00 19.93 ? 70  GLU A CA  1 
ATOM   230  C C   . GLU A 1 27  ? -3.080  -11.603 9.064   1.00 19.19 ? 70  GLU A C   1 
ATOM   231  O O   . GLU A 1 27  ? -2.701  -12.763 9.174   1.00 21.59 ? 70  GLU A O   1 
ATOM   232  C CB  . GLU A 1 27  ? -5.548  -11.573 9.543   1.00 24.86 ? 70  GLU A CB  1 
ATOM   233  C CG  . GLU A 1 27  ? -5.397  -10.842 10.868  1.00 31.38 ? 70  GLU A CG  1 
ATOM   234  C CD  . GLU A 1 27  ? -6.696  -10.852 11.666  1.00 36.30 ? 70  GLU A CD  1 
ATOM   235  O OE1 . GLU A 1 27  ? -7.596  -11.662 11.330  1.00 38.60 ? 70  GLU A OE1 1 
ATOM   236  O OE2 . GLU A 1 27  ? -6.835  -10.029 12.609  1.00 39.53 ? 70  GLU A OE2 1 
ATOM   237  N N   . GLY A 1 28  ? -2.318  -10.562 9.401   1.00 16.50 ? 71  GLY A N   1 
ATOM   238  C CA  . GLY A 1 28  ? -0.960  -10.741 9.892   1.00 14.54 ? 71  GLY A CA  1 
ATOM   239  C C   . GLY A 1 28  ? 0.069   -10.570 8.784   1.00 13.36 ? 71  GLY A C   1 
ATOM   240  O O   . GLY A 1 28  ? 1.265   -10.475 9.049   1.00 13.04 ? 71  GLY A O   1 
ATOM   241  N N   . GLN A 1 29  ? -0.392  -10.508 7.530   1.00 12.71 ? 72  GLN A N   1 
ATOM   242  C CA  . GLN A 1 29  ? 0.525   -10.352 6.402   1.00 11.31 ? 72  GLN A CA  1 
ATOM   243  C C   . GLN A 1 29  ? 0.170   -9.089  5.624   1.00 9.77  ? 72  GLN A C   1 
ATOM   244  O O   . GLN A 1 29  ? -0.855  -8.463  5.877   1.00 10.83 ? 72  GLN A O   1 
ATOM   245  C CB  . GLN A 1 29  ? 0.422   -11.554 5.468   1.00 13.12 ? 72  GLN A CB  1 
ATOM   246  C CG  . GLN A 1 29  ? 0.485   -12.860 6.248   1.00 15.72 ? 72  GLN A CG  1 
ATOM   247  C CD  . GLN A 1 29  ? 0.517   -14.103 5.362   1.00 17.98 ? 72  GLN A CD  1 
ATOM   248  O OE1 . GLN A 1 29  ? 0.770   -15.212 5.877   1.00 23.37 ? 72  GLN A OE1 1 
ATOM   249  N NE2 . GLN A 1 29  ? 0.310   -13.948 4.070   1.00 10.55 ? 72  GLN A NE2 1 
ATOM   250  N N   . GLY A 1 30  ? 1.021   -8.749  4.664   1.00 10.26 ? 73  GLY A N   1 
ATOM   251  C CA  . GLY A 1 30  ? 0.739   -7.597  3.836   1.00 9.16  ? 73  GLY A CA  1 
ATOM   252  C C   . GLY A 1 30  ? 1.530   -6.343  4.086   1.00 7.25  ? 73  GLY A C   1 
ATOM   253  O O   . GLY A 1 30  ? 1.316   -5.360  3.384   1.00 6.98  ? 73  GLY A O   1 
ATOM   254  N N   . VAL A 1 31  ? 2.433   -6.357  5.067   1.00 8.23  ? 74  VAL A N   1 
ATOM   255  C CA  . VAL A 1 31  ? 3.243   -5.170  5.306   1.00 9.33  ? 74  VAL A CA  1 
ATOM   256  C C   . VAL A 1 31  ? 4.571   -5.356  4.588   1.00 10.00 ? 74  VAL A C   1 
ATOM   257  O O   . VAL A 1 31  ? 5.311   -6.321  4.841   1.00 10.40 ? 74  VAL A O   1 
ATOM   258  C CB  . VAL A 1 31  ? 3.409   -4.871  6.830   1.00 9.28  ? 74  VAL A CB  1 
ATOM   259  C CG1 . VAL A 1 31  ? 4.254   -3.599  7.028   1.00 11.97 ? 74  VAL A CG1 1 
ATOM   260  C CG2 . VAL A 1 31  ? 2.048   -4.718  7.497   1.00 9.76  ? 74  VAL A CG2 1 
ATOM   261  N N   . PRO A 1 32  ? 4.885   -4.461  3.638   1.00 10.93 ? 75  PRO A N   1 
ATOM   262  C CA  . PRO A 1 32  ? 6.154   -4.604  2.897   1.00 11.05 ? 75  PRO A CA  1 
ATOM   263  C C   . PRO A 1 32  ? 7.357   -4.478  3.827   1.00 13.27 ? 75  PRO A C   1 
ATOM   264  O O   . PRO A 1 32  ? 7.282   -3.860  4.885   1.00 11.83 ? 75  PRO A O   1 
ATOM   265  C CB  . PRO A 1 32  ? 6.129   -3.448  1.882   1.00 14.08 ? 75  PRO A CB  1 
ATOM   266  C CG  . PRO A 1 32  ? 4.739   -2.881  1.937   1.00 13.68 ? 75  PRO A CG  1 
ATOM   267  C CD  . PRO A 1 32  ? 4.152   -3.234  3.273   1.00 8.99  ? 75  PRO A CD  1 
ATOM   268  N N   . ILE A 1 33  ? 8.468   -5.042  3.386   1.00 13.43 ? 76  ILE A N   1 
ATOM   269  C CA  . ILE A 1 33  ? 9.688   -5.094  4.184   1.00 14.89 ? 76  ILE A CA  1 
ATOM   270  C C   . ILE A 1 33  ? 10.547  -3.870  3.954   1.00 15.51 ? 76  ILE A C   1 
ATOM   271  O O   . ILE A 1 33  ? 10.858  -3.507  2.822   1.00 16.67 ? 76  ILE A O   1 
ATOM   272  C CB  . ILE A 1 33  ? 10.519  -6.369  3.853   1.00 15.07 ? 76  ILE A CB  1 
ATOM   273  C CG1 . ILE A 1 33  ? 9.808   -7.650  4.298   1.00 14.33 ? 76  ILE A CG1 1 
ATOM   274  C CG2 . ILE A 1 33  ? 11.893  -6.360  4.624   1.00 17.47 ? 76  ILE A CG2 1 
ATOM   275  C CD1 . ILE A 1 33  ? 8.360   -7.754  3.874   1.00 27.05 ? 76  ILE A CD1 1 
ATOM   276  N N   . ALA A 1 34  ? 10.893  -3.233  5.065   1.00 18.85 ? 77  ALA A N   1 
ATOM   277  C CA  . ALA A 1 34  ? 11.762  -2.051  5.051   1.00 20.84 ? 77  ALA A CA  1 
ATOM   278  C C   . ALA A 1 34  ? 12.926  -2.477  5.937   1.00 23.19 ? 77  ALA A C   1 
ATOM   279  O O   . ALA A 1 34  ? 12.732  -2.774  7.118   1.00 21.79 ? 77  ALA A O   1 
ATOM   280  C CB  . ALA A 1 34  ? 11.033  -0.837  5.659   1.00 20.80 ? 77  ALA A CB  1 
ATOM   281  N N   . PRO A 1 35  ? 14.134  -2.590  5.359   1.00 26.22 ? 78  PRO A N   1 
ATOM   282  C CA  . PRO A 1 35  ? 15.280  -3.000  6.171   1.00 28.92 ? 78  PRO A CA  1 
ATOM   283  C C   . PRO A 1 35  ? 15.458  -2.141  7.428   1.00 29.47 ? 78  PRO A C   1 
ATOM   284  O O   . PRO A 1 35  ? 15.251  -0.925  7.403   1.00 31.01 ? 78  PRO A O   1 
ATOM   285  C CB  . PRO A 1 35  ? 16.465  -2.905  5.198   1.00 29.78 ? 78  PRO A CB  1 
ATOM   286  C CG  . PRO A 1 35  ? 16.039  -1.877  4.217   1.00 30.65 ? 78  PRO A CG  1 
ATOM   287  C CD  . PRO A 1 35  ? 14.562  -2.171  4.007   1.00 27.84 ? 78  PRO A CD  1 
ATOM   288  N N   . GLY A 1 36  ? 15.672  -2.822  8.547   1.00 30.97 ? 79  GLY A N   1 
ATOM   289  C CA  . GLY A 1 36  ? 15.865  -2.143  9.818   1.00 31.97 ? 79  GLY A CA  1 
ATOM   290  C C   . GLY A 1 36  ? 14.651  -1.658  10.601  1.00 32.97 ? 79  GLY A C   1 
ATOM   291  O O   . GLY A 1 36  ? 14.821  -1.147  11.718  1.00 33.77 ? 79  GLY A O   1 
ATOM   292  N N   . VAL A 1 37  ? 13.445  -1.776  10.050  1.00 29.77 ? 80  VAL A N   1 
ATOM   293  C CA  . VAL A 1 37  ? 12.262  -1.320  10.782  1.00 28.46 ? 80  VAL A CA  1 
ATOM   294  C C   . VAL A 1 37  ? 11.760  -2.484  11.638  1.00 26.73 ? 80  VAL A C   1 
ATOM   295  O O   . VAL A 1 37  ? 11.603  -3.601  11.157  1.00 26.27 ? 80  VAL A O   1 
ATOM   296  C CB  . VAL A 1 37  ? 11.165  -0.827  9.811   1.00 28.68 ? 80  VAL A CB  1 
ATOM   297  C CG1 . VAL A 1 37  ? 9.866   -0.528  10.516  1.00 28.34 ? 80  VAL A CG1 1 
ATOM   298  C CG2 . VAL A 1 37  ? 11.638  0.282   8.931   1.00 30.36 ? 80  VAL A CG2 1 
ATOM   299  N N   . PRO A 1 38  ? 11.526  -2.232  12.933  1.00 25.23 ? 81  PRO A N   1 
ATOM   300  C CA  . PRO A 1 38  ? 11.054  -3.280  13.845  1.00 24.51 ? 81  PRO A CA  1 
ATOM   301  C C   . PRO A 1 38  ? 9.678   -3.777  13.444  1.00 23.18 ? 81  PRO A C   1 
ATOM   302  O O   . PRO A 1 38  ? 8.848   -3.005  12.959  1.00 22.25 ? 81  PRO A O   1 
ATOM   303  C CB  . PRO A 1 38  ? 10.993  -2.552  15.198  1.00 24.48 ? 81  PRO A CB  1 
ATOM   304  C CG  . PRO A 1 38  ? 11.895  -1.386  15.014  1.00 25.71 ? 81  PRO A CG  1 
ATOM   305  C CD  . PRO A 1 38  ? 11.597  -0.940  13.627  1.00 25.16 ? 81  PRO A CD  1 
ATOM   306  N N   . ALA A 1 39  ? 9.425   -5.048  13.731  1.00 22.24 ? 82  ALA A N   1 
ATOM   307  C CA  . ALA A 1 39  ? 8.153   -5.683  13.398  1.00 20.04 ? 82  ALA A CA  1 
ATOM   308  C C   . ALA A 1 39  ? 7.004   -5.017  14.127  1.00 19.63 ? 82  ALA A C   1 
ATOM   309  O O   . ALA A 1 39  ? 5.862   -5.062  13.685  1.00 17.07 ? 82  ALA A O   1 
ATOM   310  C CB  . ALA A 1 39  ? 8.202   -7.167  13.729  1.00 19.75 ? 82  ALA A CB  1 
ATOM   311  N N   . THR A 1 40  ? 7.305   -4.387  15.253  1.00 18.74 ? 83  THR A N   1 
ATOM   312  C CA  . THR A 1 40  ? 6.271   -3.710  16.006  1.00 17.30 ? 83  THR A CA  1 
ATOM   313  C C   . THR A 1 40  ? 5.710   -2.513  15.225  1.00 16.86 ? 83  THR A C   1 
ATOM   314  O O   . THR A 1 40  ? 4.604   -2.091  15.479  1.00 20.14 ? 83  THR A O   1 
ATOM   315  C CB  . THR A 1 40  ? 6.795   -3.237  17.357  1.00 18.72 ? 83  THR A CB  1 
ATOM   316  O OG1 . THR A 1 40  ? 8.006   -2.516  17.146  1.00 18.24 ? 83  THR A OG1 1 
ATOM   317  C CG2 . THR A 1 40  ? 7.062   -4.450  18.288  1.00 16.70 ? 83  THR A CG2 1 
ATOM   318  N N   . GLU A 1 41  ? 6.478   -1.982  14.277  1.00 16.79 ? 84  GLU A N   1 
ATOM   319  C CA  . GLU A 1 41  ? 6.024   -0.858  13.449  1.00 18.57 ? 84  GLU A CA  1 
ATOM   320  C C   . GLU A 1 41  ? 5.371   -1.304  12.129  1.00 16.55 ? 84  GLU A C   1 
ATOM   321  O O   . GLU A 1 41  ? 5.058   -0.472  11.288  1.00 17.45 ? 84  GLU A O   1 
ATOM   322  C CB  . GLU A 1 41  ? 7.195   0.053   13.065  1.00 21.07 ? 84  GLU A CB  1 
ATOM   323  C CG  . GLU A 1 41  ? 8.035   0.568   14.224  1.00 27.25 ? 84  GLU A CG  1 
ATOM   324  C CD  . GLU A 1 41  ? 7.195   0.869   15.437  1.00 30.60 ? 84  GLU A CD  1 
ATOM   325  O OE1 . GLU A 1 41  ? 6.241   1.662   15.301  1.00 30.79 ? 84  GLU A OE1 1 
ATOM   326  O OE2 . GLU A 1 41  ? 7.451   0.272   16.516  1.00 34.32 ? 84  GLU A OE2 1 
ATOM   327  N N   . ALA A 1 42  ? 5.196   -2.614  11.950  1.00 15.99 ? 85  ALA A N   1 
ATOM   328  C CA  . ALA A 1 42  ? 4.634   -3.125  10.703  1.00 13.47 ? 85  ALA A CA  1 
ATOM   329  C C   . ALA A 1 42  ? 3.127   -3.074  10.780  1.00 13.28 ? 85  ALA A C   1 
ATOM   330  O O   . ALA A 1 42  ? 2.494   -4.073  11.086  1.00 14.79 ? 85  ALA A O   1 
ATOM   331  C CB  . ALA A 1 42  ? 5.141   -4.577  10.438  1.00 12.60 ? 85  ALA A CB  1 
ATOM   332  N N   . LYS A 1 43  ? 2.552   -1.914  10.503  1.00 13.85 ? 86  LYS A N   1 
ATOM   333  C CA  . LYS A 1 43  ? 1.099   -1.756  10.579  1.00 13.27 ? 86  LYS A CA  1 
ATOM   334  C C   . LYS A 1 43  ? 0.774   -0.549  9.714   1.00 12.68 ? 86  LYS A C   1 
ATOM   335  O O   . LYS A 1 43  ? 1.488   0.447   9.748   1.00 12.45 ? 86  LYS A O   1 
ATOM   336  C CB  . LYS A 1 43  ? 0.711   -1.461  12.051  1.00 13.70 ? 86  LYS A CB  1 
ATOM   337  C CG  . LYS A 1 43  ? 1.660   -0.457  12.723  1.00 15.10 ? 86  LYS A CG  1 
ATOM   338  C CD  . LYS A 1 43  ? 1.290   -0.160  14.187  1.00 17.85 ? 86  LYS A CD  1 
ATOM   339  C CE  . LYS A 1 43  ? 2.359   0.686   14.863  1.00 17.19 ? 86  LYS A CE  1 
ATOM   340  N NZ  . LYS A 1 43  ? 2.028   0.963   16.301  1.00 19.57 ? 86  LYS A NZ  1 
ATOM   341  N N   . GLY A 1 44  ? -0.323  -0.612  8.974   1.00 11.47 ? 87  GLY A N   1 
ATOM   342  C CA  . GLY A 1 44  ? -0.645  0.526   8.124   1.00 10.34 ? 87  GLY A CA  1 
ATOM   343  C C   . GLY A 1 44  ? -1.751  0.113   7.203   1.00 11.61 ? 87  GLY A C   1 
ATOM   344  O O   . GLY A 1 44  ? -2.563  -0.748  7.559   1.00 9.34  ? 87  GLY A O   1 
ATOM   345  N N   . TYR A 1 45  ? -1.750  0.635   5.982   1.00 9.39  ? 88  TYR A N   1 
ATOM   346  C CA  . TYR A 1 45  ? -2.811  0.263   5.057   1.00 8.99  ? 88  TYR A CA  1 
ATOM   347  C C   . TYR A 1 45  ? -2.375  0.457   3.626   1.00 9.75  ? 88  TYR A C   1 
ATOM   348  O O   . TYR A 1 45  ? -1.489  1.261   3.329   1.00 8.77  ? 88  TYR A O   1 
ATOM   349  C CB  . TYR A 1 45  ? -4.061  1.165   5.277   1.00 7.95  ? 88  TYR A CB  1 
ATOM   350  C CG  . TYR A 1 45  ? -3.786  2.658   5.138   1.00 9.93  ? 88  TYR A CG  1 
ATOM   351  C CD1 . TYR A 1 45  ? -3.248  3.373   6.188   1.00 9.76  ? 88  TYR A CD1 1 
ATOM   352  C CD2 . TYR A 1 45  ? -4.045  3.348   3.938   1.00 9.55  ? 88  TYR A CD2 1 
ATOM   353  C CE1 . TYR A 1 45  ? -2.961  4.728   6.074   1.00 12.00 ? 88  TYR A CE1 1 
ATOM   354  C CE2 . TYR A 1 45  ? -3.741  4.730   3.813   1.00 10.49 ? 88  TYR A CE2 1 
ATOM   355  C CZ  . TYR A 1 45  ? -3.207  5.394   4.878   1.00 13.41 ? 88  TYR A CZ  1 
ATOM   356  O OH  . TYR A 1 45  ? -2.889  6.729   4.767   1.00 15.22 ? 88  TYR A OH  1 
ATOM   357  N N   . TRP A 1 46  ? -3.036  -0.271  2.746   1.00 8.13  ? 89  TRP A N   1 
ATOM   358  C CA  . TRP A 1 46  ? -2.788  -0.091  1.311   1.00 9.71  ? 89  TRP A CA  1 
ATOM   359  C C   . TRP A 1 46  ? -3.921  0.847   0.915   1.00 10.87 ? 89  TRP A C   1 
ATOM   360  O O   . TRP A 1 46  ? -5.060  0.693   1.378   1.00 9.24  ? 89  TRP A O   1 
ATOM   361  C CB  . TRP A 1 46  ? -2.873  -1.424  0.585   1.00 10.09 ? 89  TRP A CB  1 
ATOM   362  C CG  . TRP A 1 46  ? -1.691  -2.253  0.837   1.00 10.24 ? 89  TRP A CG  1 
ATOM   363  C CD1 . TRP A 1 46  ? -1.517  -3.169  1.872   1.00 11.04 ? 89  TRP A CD1 1 
ATOM   364  C CD2 . TRP A 1 46  ? -0.477  -2.246  0.105   1.00 10.16 ? 89  TRP A CD2 1 
ATOM   365  N NE1 . TRP A 1 46  ? -0.251  -3.706  1.816   1.00 10.30 ? 89  TRP A NE1 1 
ATOM   366  C CE2 . TRP A 1 46  ? 0.414   -3.145  0.731   1.00 9.50  ? 89  TRP A CE2 1 
ATOM   367  C CE3 . TRP A 1 46  ? -0.037  -1.541  -1.035  1.00 9.66  ? 89  TRP A CE3 1 
ATOM   368  C CZ2 . TRP A 1 46  ? 1.716   -3.364  0.275   1.00 9.67  ? 89  TRP A CZ2 1 
ATOM   369  C CZ3 . TRP A 1 46  ? 1.250   -1.756  -1.496  1.00 12.25 ? 89  TRP A CZ3 1 
ATOM   370  C CH2 . TRP A 1 46  ? 2.114   -2.656  -0.835  1.00 11.66 ? 89  TRP A CH2 1 
ATOM   371  N N   . TYR A 1 47  ? -3.614  1.816   0.071   1.00 10.35 ? 90  TYR A N   1 
ATOM   372  C CA  . TYR A 1 47  ? -4.591  2.829   -0.372  1.00 12.10 ? 90  TYR A CA  1 
ATOM   373  C C   . TYR A 1 47  ? -4.748  2.721   -1.871  1.00 12.64 ? 90  TYR A C   1 
ATOM   374  O O   . TYR A 1 47  ? -3.752  2.709   -2.605  1.00 12.90 ? 90  TYR A O   1 
ATOM   375  C CB  . TYR A 1 47  ? -4.042  4.201   -0.054  1.00 14.92 ? 90  TYR A CB  1 
ATOM   376  C CG  . TYR A 1 47  ? -4.893  5.305   -0.601  1.00 19.66 ? 90  TYR A CG  1 
ATOM   377  C CD1 . TYR A 1 47  ? -6.167  5.515   -0.103  1.00 23.55 ? 90  TYR A CD1 1 
ATOM   378  C CD2 . TYR A 1 47  ? -4.380  6.200   -1.536  1.00 24.31 ? 90  TYR A CD2 1 
ATOM   379  C CE1 . TYR A 1 47  ? -6.905  6.601   -0.502  1.00 28.57 ? 90  TYR A CE1 1 
ATOM   380  C CE2 . TYR A 1 47  ? -5.110  7.296   -1.940  1.00 28.38 ? 90  TYR A CE2 1 
ATOM   381  C CZ  . TYR A 1 47  ? -6.368  7.487   -1.409  1.00 28.86 ? 90  TYR A CZ  1 
ATOM   382  O OH  . TYR A 1 47  ? -7.096  8.604   -1.729  1.00 34.56 ? 90  TYR A OH  1 
ATOM   383  N N   . ARG A 1 48  ? -5.984  2.608   -2.327  1.00 12.96 ? 91  ARG A N   1 
ATOM   384  C CA  . ARG A 1 48  ? -6.247  2.453   -3.744  1.00 13.12 ? 91  ARG A CA  1 
ATOM   385  C C   . ARG A 1 48  ? -6.218  3.743   -4.541  1.00 14.36 ? 91  ARG A C   1 
ATOM   386  O O   . ARG A 1 48  ? -6.924  4.694   -4.220  1.00 15.98 ? 91  ARG A O   1 
ATOM   387  C CB  . ARG A 1 48  ? -7.609  1.794   -3.945  1.00 12.36 ? 91  ARG A CB  1 
ATOM   388  C CG  . ARG A 1 48  ? -7.879  1.381   -5.406  1.00 13.62 ? 91  ARG A CG  1 
ATOM   389  C CD  . ARG A 1 48  ? -9.236  0.735   -5.538  1.00 16.01 ? 91  ARG A CD  1 
ATOM   390  N NE  . ARG A 1 48  ? -10.252 1.514   -4.844  1.00 15.94 ? 91  ARG A NE  1 
ATOM   391  C CZ  . ARG A 1 48  ? -11.369 0.998   -4.348  1.00 16.38 ? 91  ARG A CZ  1 
ATOM   392  N NH1 . ARG A 1 48  ? -11.597 -0.292  -4.485  1.00 18.58 ? 91  ARG A NH1 1 
ATOM   393  N NH2 . ARG A 1 48  ? -12.230 1.760   -3.680  1.00 17.29 ? 91  ARG A NH2 1 
ATOM   394  N N   . HIS A 1 49  ? -5.433  3.740   -5.604  1.00 13.80 ? 92  HIS A N   1 
ATOM   395  C CA  . HIS A 1 49  ? -5.384  4.876   -6.509  1.00 15.92 ? 92  HIS A CA  1 
ATOM   396  C C   . HIS A 1 49  ? -6.147  4.454   -7.758  1.00 16.41 ? 92  HIS A C   1 
ATOM   397  O O   . HIS A 1 49  ? -5.675  3.579   -8.496  1.00 17.41 ? 92  HIS A O   1 
ATOM   398  C CB  . HIS A 1 49  ? -3.967  5.249   -6.940  1.00 19.18 ? 92  HIS A CB  1 
ATOM   399  C CG  . HIS A 1 49  ? -3.943  6.495   -7.779  1.00 25.28 ? 92  HIS A CG  1 
ATOM   400  N ND1 . HIS A 1 49  ? -3.064  6.696   -8.806  1.00 27.70 ? 92  HIS A ND1 1 
ATOM   401  C CD2 . HIS A 1 49  ? -4.756  7.581   -7.760  1.00 26.88 ? 92  HIS A CD2 1 
ATOM   402  C CE1 . HIS A 1 49  ? -3.316  7.853   -9.400  1.00 26.18 ? 92  HIS A CE1 1 
ATOM   403  N NE2 . HIS A 1 49  ? -4.338  8.406   -8.784  1.00 28.47 ? 92  HIS A NE2 1 
ATOM   404  N N   . ASN A 1 50  ? -7.347  5.005   -7.927  1.00 17.91 ? 93  ASN A N   1 
ATOM   405  C CA  . ASN A 1 50  ? -8.182  4.725   -9.090  1.00 19.90 ? 93  ASN A CA  1 
ATOM   406  C C   . ASN A 1 50  ? -7.552  5.579   -10.168 1.00 23.73 ? 93  ASN A C   1 
ATOM   407  O O   . ASN A 1 50  ? -7.281  6.767   -9.960  1.00 21.26 ? 93  ASN A O   1 
ATOM   408  C CB  . ASN A 1 50  ? -9.628  5.114   -8.812  1.00 18.29 ? 93  ASN A CB  1 
ATOM   409  C CG  . ASN A 1 50  ? -10.280 4.167   -7.817  1.00 16.93 ? 93  ASN A CG  1 
ATOM   410  O OD1 . ASN A 1 50  ? -10.191 2.956   -7.974  1.00 19.03 ? 93  ASN A OD1 1 
ATOM   411  N ND2 . ASN A 1 50  ? -10.900 4.711   -6.784  1.00 18.95 ? 93  ASN A ND2 1 
ATOM   412  N N   . ARG A 1 51  ? -7.375  4.993   -11.334 1.00 26.44 ? 94  ARG A N   1 
ATOM   413  C CA  . ARG A 1 51  ? -6.640  5.672   -12.375 1.00 31.88 ? 94  ARG A CA  1 
ATOM   414  C C   . ARG A 1 51  ? -7.260  6.287   -13.619 1.00 35.20 ? 94  ARG A C   1 
ATOM   415  O O   . ARG A 1 51  ? -6.611  7.152   -14.203 1.00 38.03 ? 94  ARG A O   1 
ATOM   416  C CB  . ARG A 1 51  ? -5.480  4.773   -12.808 1.00 30.93 ? 94  ARG A CB  1 
ATOM   417  C CG  . ARG A 1 51  ? -4.288  4.672   -11.860 1.00 32.46 ? 94  ARG A CG  1 
ATOM   418  C CD  . ARG A 1 51  ? -3.695  3.260   -11.948 1.00 32.08 ? 94  ARG A CD  1 
ATOM   419  N NE  . ARG A 1 51  ? -2.499  3.206   -12.777 1.00 34.62 ? 94  ARG A NE  1 
ATOM   420  C CZ  . ARG A 1 51  ? -2.122  2.175   -13.529 1.00 34.49 ? 94  ARG A CZ  1 
ATOM   421  N NH1 . ARG A 1 51  ? -2.836  1.053   -13.592 1.00 33.43 ? 94  ARG A NH1 1 
ATOM   422  N NH2 . ARG A 1 51  ? -1.020  2.287   -14.244 1.00 36.92 ? 94  ARG A NH2 1 
ATOM   423  N N   . ARG A 1 52  ? -8.458  5.890   -14.041 1.00 38.62 ? 95  ARG A N   1 
ATOM   424  C CA  . ARG A 1 52  ? -9.036  6.477   -15.321 1.00 41.59 ? 95  ARG A CA  1 
ATOM   425  C C   . ARG A 1 52  ? -8.108  6.796   -16.526 1.00 42.95 ? 95  ARG A C   1 
ATOM   426  O O   . ARG A 1 52  ? -7.143  7.547   -16.398 1.00 42.65 ? 95  ARG A O   1 
ATOM   427  C CB  . ARG A 1 52  ? -9.842  7.763   -15.064 1.00 42.87 ? 95  ARG A CB  1 
ATOM   428  C CG  . ARG A 1 52  ? -11.215 7.747   -15.748 1.00 43.01 ? 95  ARG A CG  1 
ATOM   429  C CD  . ARG A 1 52  ? -11.971 9.107   -15.812 1.00 42.79 ? 95  ARG A CD  1 
ATOM   430  N NE  . ARG A 1 52  ? -12.320 9.247   -17.225 1.00 41.48 ? 95  ARG A NE  1 
ATOM   431  C CZ  . ARG A 1 52  ? -13.201 10.082  -17.781 1.00 41.21 ? 95  ARG A CZ  1 
ATOM   432  N NH1 . ARG A 1 52  ? -13.929 10.959  -17.075 1.00 38.47 ? 95  ARG A NH1 1 
ATOM   433  N NH2 . ARG A 1 52  ? -13.354 10.000  -19.091 1.00 39.52 ? 95  ARG A NH2 1 
ATOM   434  N N   . SER A 1 53  ? -8.412  6.239   -17.699 1.00 44.96 ? 96  SER A N   1 
ATOM   435  C CA  . SER A 1 53  ? -7.627  6.532   -18.904 1.00 46.50 ? 96  SER A CA  1 
ATOM   436  C C   . SER A 1 53  ? -8.490  7.436   -19.804 1.00 46.96 ? 96  SER A C   1 
ATOM   437  O O   . SER A 1 53  ? -9.703  7.548   -19.595 1.00 46.78 ? 96  SER A O   1 
ATOM   438  C CB  . SER A 1 53  ? -7.180  5.230   -19.624 1.00 48.14 ? 96  SER A CB  1 
ATOM   439  O OG  . SER A 1 53  ? -8.258  4.439   -20.106 1.00 50.28 ? 96  SER A OG  1 
ATOM   440  N N   . PHE A 1 54  ? -7.879  8.150   -20.744 1.00 46.94 ? 97  PHE A N   1 
ATOM   441  C CA  . PHE A 1 54  ? -8.683  9.014   -21.608 1.00 46.65 ? 97  PHE A CA  1 
ATOM   442  C C   . PHE A 1 54  ? -9.253  8.221   -22.775 1.00 45.96 ? 97  PHE A C   1 
ATOM   443  O O   . PHE A 1 54  ? -8.667  7.238   -23.232 1.00 45.47 ? 97  PHE A O   1 
ATOM   444  C CB  . PHE A 1 54  ? -7.889  10.236  -22.088 1.00 47.68 ? 97  PHE A CB  1 
ATOM   445  C CG  . PHE A 1 54  ? -6.644  9.893   -22.835 1.00 48.63 ? 97  PHE A CG  1 
ATOM   446  C CD1 . PHE A 1 54  ? -6.714  9.311   -24.095 1.00 48.43 ? 97  PHE A CD1 1 
ATOM   447  C CD2 . PHE A 1 54  ? -5.395  10.122  -22.271 1.00 49.28 ? 97  PHE A CD2 1 
ATOM   448  C CE1 . PHE A 1 54  ? -5.568  8.955   -24.781 1.00 48.85 ? 97  PHE A CE1 1 
ATOM   449  C CE2 . PHE A 1 54  ? -4.231  9.764   -22.957 1.00 49.34 ? 97  PHE A CE2 1 
ATOM   450  C CZ  . PHE A 1 54  ? -4.324  9.179   -24.215 1.00 49.56 ? 97  PHE A CZ  1 
ATOM   451  N N   . LYS A 1 55  ? -10.429 8.622   -23.220 1.00 44.61 ? 98  LYS A N   1 
ATOM   452  C CA  . LYS A 1 55  ? -11.075 7.949   -24.322 1.00 44.35 ? 98  LYS A CA  1 
ATOM   453  C C   . LYS A 1 55  ? -10.251 8.145   -25.601 1.00 44.72 ? 98  LYS A C   1 
ATOM   454  O O   . LYS A 1 55  ? -9.729  9.235   -25.856 1.00 42.34 ? 98  LYS A O   1 
ATOM   455  C CB  . LYS A 1 55  ? -12.456 8.561   -24.504 1.00 44.84 ? 98  LYS A CB  1 
ATOM   456  C CG  . LYS A 1 55  ? -13.477 7.702   -25.191 1.00 45.68 ? 98  LYS A CG  1 
ATOM   457  C CD  . LYS A 1 55  ? -14.803 8.449   -25.218 1.00 46.36 ? 98  LYS A CD  1 
ATOM   458  C CE  . LYS A 1 55  ? -15.941 7.568   -25.687 1.00 47.19 ? 98  LYS A CE  1 
ATOM   459  N NZ  . LYS A 1 55  ? -17.119 8.390   -26.092 1.00 47.23 ? 98  LYS A NZ  1 
ATOM   460  N N   . THR A 1 56  ? -10.008 7.052   -26.313 1.00 45.28 ? 99  THR A N   1 
ATOM   461  C CA  . THR A 1 56  ? -9.319  7.102   -27.604 1.00 46.95 ? 99  THR A CA  1 
ATOM   462  C C   . THR A 1 56  ? -10.370 6.450   -28.492 1.00 48.41 ? 99  THR A C   1 
ATOM   463  O O   . THR A 1 56  ? -11.469 6.154   -28.020 1.00 47.97 ? 99  THR A O   1 
ATOM   464  C CB  . THR A 1 56  ? -8.052  6.207   -27.669 1.00 47.02 ? 99  THR A CB  1 
ATOM   465  O OG1 . THR A 1 56  ? -8.388  4.860   -27.305 1.00 47.04 ? 99  THR A OG1 1 
ATOM   466  C CG2 . THR A 1 56  ? -6.926  6.741   -26.786 1.00 46.36 ? 99  THR A CG2 1 
ATOM   467  N N   . ALA A 1 57  ? -10.066 6.269   -29.773 1.00 50.12 ? 100 ALA A N   1 
ATOM   468  C CA  . ALA A 1 57  ? -10.993 5.584   -30.681 1.00 52.65 ? 100 ALA A CA  1 
ATOM   469  C C   . ALA A 1 57  ? -10.488 4.144   -30.930 1.00 54.29 ? 100 ALA A C   1 
ATOM   470  O O   . ALA A 1 57  ? -10.883 3.479   -31.894 1.00 53.74 ? 100 ALA A O   1 
ATOM   471  C CB  . ALA A 1 57  ? -11.159 6.365   -32.008 1.00 51.72 ? 100 ALA A CB  1 
ATOM   472  N N   . ASP A 1 58  ? -9.587  3.675   -30.062 1.00 56.72 ? 101 ASP A N   1 
ATOM   473  C CA  . ASP A 1 58  ? -9.043  2.308   -30.168 1.00 59.20 ? 101 ASP A CA  1 
ATOM   474  C C   . ASP A 1 58  ? -10.062 1.456   -29.410 1.00 61.31 ? 101 ASP A C   1 
ATOM   475  O O   . ASP A 1 58  ? -11.238 1.417   -29.783 1.00 61.47 ? 101 ASP A O   1 
ATOM   476  C CB  . ASP A 1 58  ? -7.687  2.177   -29.459 1.00 59.21 ? 101 ASP A CB  1 
ATOM   477  C CG  . ASP A 1 58  ? -6.667  3.199   -29.921 1.00 59.42 ? 101 ASP A CG  1 
ATOM   478  O OD1 . ASP A 1 58  ? -6.418  3.252   -31.142 1.00 59.23 ? 101 ASP A OD1 1 
ATOM   479  O OD2 . ASP A 1 58  ? -6.100  3.929   -29.061 1.00 59.66 ? 101 ASP A OD2 1 
ATOM   480  N N   . GLY A 1 59  ? -9.605  0.798   -28.341 1.00 63.66 ? 102 GLY A N   1 
ATOM   481  C CA  . GLY A 1 59  ? -10.474 -0.018  -27.506 1.00 65.54 ? 102 GLY A CA  1 
ATOM   482  C C   . GLY A 1 59  ? -11.219 0.864   -26.507 1.00 67.16 ? 102 GLY A C   1 
ATOM   483  O O   . GLY A 1 59  ? -12.015 0.338   -25.695 1.00 67.25 ? 102 GLY A O   1 
ATOM   484  N N   . GLN A 1 63  ? -9.470  0.702   -19.335 1.00 60.12 ? 106 GLN A N   1 
ATOM   485  C CA  . GLN A 1 63  ? -8.330  -0.243  -19.120 1.00 56.37 ? 106 GLN A CA  1 
ATOM   486  C C   . GLN A 1 63  ? -7.305  0.043   -18.013 1.00 52.12 ? 106 GLN A C   1 
ATOM   487  O O   . GLN A 1 63  ? -6.537  -0.854  -17.672 1.00 52.89 ? 106 GLN A O   1 
ATOM   488  C CB  . GLN A 1 63  ? -7.588  -0.495  -20.430 1.00 57.70 ? 106 GLN A CB  1 
ATOM   489  C CG  . GLN A 1 63  ? -6.900  0.726   -21.003 1.00 59.63 ? 106 GLN A CG  1 
ATOM   490  C CD  . GLN A 1 63  ? -6.540  0.534   -22.462 1.00 61.35 ? 106 GLN A CD  1 
ATOM   491  O OE1 . GLN A 1 63  ? -5.988  1.433   -23.098 1.00 62.14 ? 106 GLN A OE1 1 
ATOM   492  N NE2 . GLN A 1 63  ? -6.875  -0.639  -23.011 1.00 61.19 ? 106 GLN A NE2 1 
ATOM   493  N N   . LEU A 1 64  ? -7.208  1.264   -17.496 1.00 46.55 ? 107 LEU A N   1 
ATOM   494  C CA  . LEU A 1 64  ? -6.247  1.463   -16.416 1.00 41.73 ? 107 LEU A CA  1 
ATOM   495  C C   . LEU A 1 64  ? -6.898  0.947   -15.154 1.00 37.74 ? 107 LEU A C   1 
ATOM   496  O O   . LEU A 1 64  ? -7.948  1.447   -14.756 1.00 37.86 ? 107 LEU A O   1 
ATOM   497  C CB  . LEU A 1 64  ? -5.874  2.927   -16.229 1.00 41.39 ? 107 LEU A CB  1 
ATOM   498  C CG  . LEU A 1 64  ? -4.719  3.465   -17.057 1.00 42.18 ? 107 LEU A CG  1 
ATOM   499  C CD1 . LEU A 1 64  ? -4.462  4.864   -16.591 1.00 42.67 ? 107 LEU A CD1 1 
ATOM   500  C CD2 . LEU A 1 64  ? -3.463  2.632   -16.894 1.00 42.75 ? 107 LEU A CD2 1 
ATOM   501  N N   . LEU A 1 65  ? -6.326  -0.103  -14.582 1.00 31.78 ? 108 LEU A N   1 
ATOM   502  C CA  . LEU A 1 65  ? -6.852  -0.682  -13.361 1.00 28.24 ? 108 LEU A CA  1 
ATOM   503  C C   . LEU A 1 65  ? -6.175  0.009   -12.170 1.00 24.27 ? 108 LEU A C   1 
ATOM   504  O O   . LEU A 1 65  ? -5.124  0.620   -12.306 1.00 23.32 ? 108 LEU A O   1 
ATOM   505  C CB  . LEU A 1 65  ? -6.693  -2.209  -13.367 1.00 27.88 ? 108 LEU A CB  1 
ATOM   506  C CG  . LEU A 1 65  ? -7.602  -2.920  -14.390 1.00 28.43 ? 108 LEU A CG  1 
ATOM   507  C CD1 . LEU A 1 65  ? -7.455  -4.397  -14.255 1.00 28.69 ? 108 LEU A CD1 1 
ATOM   508  C CD2 . LEU A 1 65  ? -9.064  -2.556  -14.167 1.00 29.79 ? 108 LEU A CD2 1 
ATOM   509  N N   . PRO A 1 66  ? -6.777  -0.080  -10.987 1.00 21.95 ? 109 PRO A N   1 
ATOM   510  C CA  . PRO A 1 66  ? -6.172  0.587   -9.836  1.00 20.24 ? 109 PRO A CA  1 
ATOM   511  C C   . PRO A 1 66  ? -4.805  0.069   -9.414  1.00 19.11 ? 109 PRO A C   1 
ATOM   512  O O   . PRO A 1 66  ? -4.423  -1.059  -9.712  1.00 19.76 ? 109 PRO A O   1 
ATOM   513  C CB  . PRO A 1 66  ? -7.208  0.387   -8.730  1.00 18.34 ? 109 PRO A CB  1 
ATOM   514  C CG  . PRO A 1 66  ? -8.539  0.059   -9.533  1.00 24.54 ? 109 PRO A CG  1 
ATOM   515  C CD  . PRO A 1 66  ? -8.003  -0.805  -10.617 1.00 21.61 ? 109 PRO A CD  1 
ATOM   516  N N   . ARG A 1 67  ? -4.094  0.943   -8.726  1.00 17.77 ? 110 ARG A N   1 
ATOM   517  C CA  . ARG A 1 67  ? -2.778  0.699   -8.197  1.00 16.93 ? 110 ARG A CA  1 
ATOM   518  C C   . ARG A 1 67  ? -2.863  1.057   -6.706  1.00 15.01 ? 110 ARG A C   1 
ATOM   519  O O   . ARG A 1 67  ? -3.339  2.127   -6.355  1.00 15.20 ? 110 ARG A O   1 
ATOM   520  C CB  . ARG A 1 67  ? -1.775  1.621   -8.847  1.00 15.73 ? 110 ARG A CB  1 
ATOM   521  C CG  . ARG A 1 67  ? -0.378  1.362   -8.371  1.00 19.18 ? 110 ARG A CG  1 
ATOM   522  C CD  . ARG A 1 67  ? 0.640   2.078   -9.203  1.00 22.05 ? 110 ARG A CD  1 
ATOM   523  N NE  . ARG A 1 67  ? 0.953   1.374   -10.441 1.00 27.17 ? 110 ARG A NE  1 
ATOM   524  C CZ  . ARG A 1 67  ? 1.414   1.983   -11.532 1.00 31.20 ? 110 ARG A CZ  1 
ATOM   525  N NH1 . ARG A 1 67  ? 1.599   3.297   -11.527 1.00 33.51 ? 110 ARG A NH1 1 
ATOM   526  N NH2 . ARG A 1 67  ? 1.702   1.287   -12.622 1.00 31.33 ? 110 ARG A NH2 1 
ATOM   527  N N   . TRP A 1 68  ? -2.375  0.168   -5.852  1.00 14.93 ? 111 TRP A N   1 
ATOM   528  C CA  . TRP A 1 68  ? -2.430  0.405   -4.400  1.00 12.96 ? 111 TRP A CA  1 
ATOM   529  C C   . TRP A 1 68  ? -1.053  0.744   -3.873  1.00 12.53 ? 111 TRP A C   1 
ATOM   530  O O   . TRP A 1 68  ? -0.080  0.166   -4.296  1.00 12.39 ? 111 TRP A O   1 
ATOM   531  C CB  . TRP A 1 68  ? -2.942  -0.849  -3.697  1.00 13.55 ? 111 TRP A CB  1 
ATOM   532  C CG  . TRP A 1 68  ? -4.368  -1.237  -4.063  1.00 12.29 ? 111 TRP A CG  1 
ATOM   533  C CD1 . TRP A 1 68  ? -4.799  -1.790  -5.238  1.00 12.20 ? 111 TRP A CD1 1 
ATOM   534  C CD2 . TRP A 1 68  ? -5.488  -1.208  -3.192  1.00 12.52 ? 111 TRP A CD2 1 
ATOM   535  N NE1 . TRP A 1 68  ? -6.131  -2.122  -5.139  1.00 13.57 ? 111 TRP A NE1 1 
ATOM   536  C CE2 . TRP A 1 68  ? -6.584  -1.770  -3.890  1.00 12.32 ? 111 TRP A CE2 1 
ATOM   537  C CE3 . TRP A 1 68  ? -5.696  -0.765  -1.870  1.00 10.53 ? 111 TRP A CE3 1 
ATOM   538  C CZ2 . TRP A 1 68  ? -7.854  -1.919  -3.312  1.00 12.23 ? 111 TRP A CZ2 1 
ATOM   539  C CZ3 . TRP A 1 68  ? -6.970  -0.915  -1.294  1.00 9.56  ? 111 TRP A CZ3 1 
ATOM   540  C CH2 . TRP A 1 68  ? -8.029  -1.478  -2.016  1.00 13.69 ? 111 TRP A CH2 1 
ATOM   541  N N   . TYR A 1 69  ? -0.999  1.626   -2.885  1.00 11.56 ? 112 TYR A N   1 
ATOM   542  C CA  . TYR A 1 69  ? 0.234   2.078   -2.282  1.00 12.73 ? 112 TYR A CA  1 
ATOM   543  C C   . TYR A 1 69  ? 0.114   1.950   -0.777  1.00 10.82 ? 112 TYR A C   1 
ATOM   544  O O   . TYR A 1 69  ? -0.925  2.246   -0.230  1.00 10.99 ? 112 TYR A O   1 
ATOM   545  C CB  . TYR A 1 69  ? 0.440   3.537   -2.627  1.00 14.94 ? 112 TYR A CB  1 
ATOM   546  C CG  . TYR A 1 69  ? 0.829   3.741   -4.056  1.00 18.47 ? 112 TYR A CG  1 
ATOM   547  C CD1 . TYR A 1 69  ? 2.151   3.544   -4.456  1.00 20.17 ? 112 TYR A CD1 1 
ATOM   548  C CD2 . TYR A 1 69  ? -0.089  4.204   -4.988  1.00 20.59 ? 112 TYR A CD2 1 
ATOM   549  C CE1 . TYR A 1 69  ? 2.560   3.822   -5.775  1.00 21.63 ? 112 TYR A CE1 1 
ATOM   550  C CE2 . TYR A 1 69  ? 0.312   4.487   -6.324  1.00 22.86 ? 112 TYR A CE2 1 
ATOM   551  C CZ  . TYR A 1 69  ? 1.639   4.302   -6.689  1.00 23.28 ? 112 TYR A CZ  1 
ATOM   552  O OH  . TYR A 1 69  ? 2.044   4.665   -7.962  1.00 27.29 ? 112 TYR A OH  1 
ATOM   553  N N   . PHE A 1 70  ? 1.208   1.569   -0.135  1.00 9.40  ? 113 PHE A N   1 
ATOM   554  C CA  . PHE A 1 70  ? 1.243   1.366   1.299   1.00 8.59  ? 113 PHE A CA  1 
ATOM   555  C C   . PHE A 1 70  ? 1.655   2.580   2.096   1.00 9.81  ? 113 PHE A C   1 
ATOM   556  O O   . PHE A 1 70  ? 2.663   3.244   1.766   1.00 10.96 ? 113 PHE A O   1 
ATOM   557  C CB  . PHE A 1 70  ? 2.171   0.172   1.631   1.00 8.55  ? 113 PHE A CB  1 
ATOM   558  C CG  . PHE A 1 70  ? 2.329   -0.069  3.111   1.00 10.32 ? 113 PHE A CG  1 
ATOM   559  C CD1 . PHE A 1 70  ? 1.399   -0.840  3.819   1.00 10.22 ? 113 PHE A CD1 1 
ATOM   560  C CD2 . PHE A 1 70  ? 3.354   0.542   3.811   1.00 10.50 ? 113 PHE A CD2 1 
ATOM   561  C CE1 . PHE A 1 70  ? 1.474   -0.968  5.210   1.00 8.81  ? 113 PHE A CE1 1 
ATOM   562  C CE2 . PHE A 1 70  ? 3.439   0.410   5.215   1.00 11.33 ? 113 PHE A CE2 1 
ATOM   563  C CZ  . PHE A 1 70  ? 2.495   -0.351  5.902   1.00 10.34 ? 113 PHE A CZ  1 
ATOM   564  N N   . TYR A 1 71  ? 0.928   2.807   3.192   1.00 8.96  ? 114 TYR A N   1 
ATOM   565  C CA  . TYR A 1 71  ? 1.204   3.882   4.118   1.00 10.39 ? 114 TYR A CA  1 
ATOM   566  C C   . TYR A 1 71  ? 1.217   3.332   5.525   1.00 11.72 ? 114 TYR A C   1 
ATOM   567  O O   . TYR A 1 71  ? 0.365   2.541   5.888   1.00 12.24 ? 114 TYR A O   1 
ATOM   568  C CB  . TYR A 1 71  ? 0.141   4.969   4.053   1.00 12.02 ? 114 TYR A CB  1 
ATOM   569  C CG  . TYR A 1 71  ? 0.167   5.684   2.739   1.00 12.50 ? 114 TYR A CG  1 
ATOM   570  C CD1 . TYR A 1 71  ? 1.078   6.700   2.510   1.00 14.19 ? 114 TYR A CD1 1 
ATOM   571  C CD2 . TYR A 1 71  ? -0.667  5.282   1.699   1.00 13.72 ? 114 TYR A CD2 1 
ATOM   572  C CE1 . TYR A 1 71  ? 1.171   7.322   1.251   1.00 13.39 ? 114 TYR A CE1 1 
ATOM   573  C CE2 . TYR A 1 71  ? -0.583  5.878   0.445   1.00 15.46 ? 114 TYR A CE2 1 
ATOM   574  C CZ  . TYR A 1 71  ? 0.335   6.895   0.230   1.00 16.50 ? 114 TYR A CZ  1 
ATOM   575  O OH  . TYR A 1 71  ? 0.377   7.468   -1.013  1.00 17.15 ? 114 TYR A OH  1 
ATOM   576  N N   . TYR A 1 72  ? 2.259   3.670   6.262   1.00 11.64 ? 115 TYR A N   1 
ATOM   577  C CA  . TYR A 1 72  ? 2.324   3.258   7.656   1.00 12.24 ? 115 TYR A CA  1 
ATOM   578  C C   . TYR A 1 72  ? 1.171   3.911   8.406   1.00 14.62 ? 115 TYR A C   1 
ATOM   579  O O   . TYR A 1 72  ? 0.731   5.026   8.063   1.00 15.02 ? 115 TYR A O   1 
ATOM   580  C CB  . TYR A 1 72  ? 3.653   3.694   8.246   1.00 11.67 ? 115 TYR A CB  1 
ATOM   581  C CG  . TYR A 1 72  ? 4.777   2.808   7.800   1.00 12.64 ? 115 TYR A CG  1 
ATOM   582  C CD1 . TYR A 1 72  ? 4.953   1.550   8.390   1.00 13.71 ? 115 TYR A CD1 1 
ATOM   583  C CD2 . TYR A 1 72  ? 5.685   3.216   6.836   1.00 13.73 ? 115 TYR A CD2 1 
ATOM   584  C CE1 . TYR A 1 72  ? 6.014   0.731   8.033   1.00 13.86 ? 115 TYR A CE1 1 
ATOM   585  C CE2 . TYR A 1 72  ? 6.758   2.395   6.467   1.00 14.46 ? 115 TYR A CE2 1 
ATOM   586  C CZ  . TYR A 1 72  ? 6.908   1.164   7.072   1.00 13.77 ? 115 TYR A CZ  1 
ATOM   587  O OH  . TYR A 1 72  ? 7.977   0.383   6.716   1.00 14.76 ? 115 TYR A OH  1 
ATOM   588  N N   . LEU A 1 73  ? 0.686   3.213   9.428   1.00 14.89 ? 116 LEU A N   1 
ATOM   589  C CA  . LEU A 1 73  ? -0.426  3.703   10.236  1.00 16.39 ? 116 LEU A CA  1 
ATOM   590  C C   . LEU A 1 73  ? -0.134  5.075   10.801  1.00 18.50 ? 116 LEU A C   1 
ATOM   591  O O   . LEU A 1 73  ? 0.879   5.288   11.471  1.00 18.51 ? 116 LEU A O   1 
ATOM   592  C CB  . LEU A 1 73  ? -0.716  2.737   11.392  1.00 17.12 ? 116 LEU A CB  1 
ATOM   593  C CG  . LEU A 1 73  ? -1.990  2.961   12.220  1.00 18.99 ? 116 LEU A CG  1 
ATOM   594  C CD1 . LEU A 1 73  ? -3.240  2.660   11.409  1.00 17.88 ? 116 LEU A CD1 1 
ATOM   595  C CD2 . LEU A 1 73  ? -1.916  2.025   13.431  1.00 17.24 ? 116 LEU A CD2 1 
ATOM   596  N N   . GLY A 1 74  ? -1.048  5.998   10.551  1.00 20.12 ? 117 GLY A N   1 
ATOM   597  C CA  . GLY A 1 74  ? -0.836  7.335   11.054  1.00 20.21 ? 117 GLY A CA  1 
ATOM   598  C C   . GLY A 1 74  ? -0.238  8.250   10.027  1.00 21.44 ? 117 GLY A C   1 
ATOM   599  O O   . GLY A 1 74  ? 0.070   9.380   10.369  1.00 22.81 ? 117 GLY A O   1 
ATOM   600  N N   . THR A 1 75  ? -0.048  7.779   8.793   1.00 19.49 ? 118 THR A N   1 
ATOM   601  C CA  . THR A 1 75  ? 0.504   8.610   7.740   1.00 18.81 ? 118 THR A CA  1 
ATOM   602  C C   . THR A 1 75  ? -0.369  8.472   6.489   1.00 17.60 ? 118 THR A C   1 
ATOM   603  O O   . THR A 1 75  ? -1.277  7.638   6.422   1.00 17.23 ? 118 THR A O   1 
ATOM   604  C CB  . THR A 1 75  ? 1.956   8.196   7.303   1.00 18.79 ? 118 THR A CB  1 
ATOM   605  O OG1 . THR A 1 75  ? 1.922   6.944   6.606   1.00 16.34 ? 118 THR A OG1 1 
ATOM   606  C CG2 . THR A 1 75  ? 2.924   8.091   8.504   1.00 22.07 ? 118 THR A CG2 1 
ATOM   607  N N   . GLY A 1 76  ? -0.088  9.322   5.509   1.00 18.23 ? 119 GLY A N   1 
ATOM   608  C CA  . GLY A 1 76  ? -0.785  9.272   4.242   1.00 18.12 ? 119 GLY A CA  1 
ATOM   609  C C   . GLY A 1 76  ? -2.149  9.884   4.197   1.00 18.67 ? 119 GLY A C   1 
ATOM   610  O O   . GLY A 1 76  ? -2.567  10.532  5.137   1.00 20.27 ? 119 GLY A O   1 
ATOM   611  N N   . PRO A 1 77  ? -2.916  9.607   3.135   1.00 17.84 ? 120 PRO A N   1 
ATOM   612  C CA  . PRO A 1 77  ? -4.267  10.151  2.958   1.00 19.41 ? 120 PRO A CA  1 
ATOM   613  C C   . PRO A 1 77  ? -5.287  9.740   4.023   1.00 20.89 ? 120 PRO A C   1 
ATOM   614  O O   . PRO A 1 77  ? -6.311  10.405  4.197   1.00 21.79 ? 120 PRO A O   1 
ATOM   615  C CB  . PRO A 1 77  ? -4.646  9.678   1.575   1.00 19.23 ? 120 PRO A CB  1 
ATOM   616  C CG  . PRO A 1 77  ? -3.874  8.371   1.450   1.00 17.80 ? 120 PRO A CG  1 
ATOM   617  C CD  . PRO A 1 77  ? -2.552  8.683   2.052   1.00 16.21 ? 120 PRO A CD  1 
ATOM   618  N N   . HIS A 1 78  ? -5.028  8.629   4.711   1.00 19.88 ? 121 HIS A N   1 
ATOM   619  C CA  . HIS A 1 78  ? -5.936  8.223   5.775   1.00 20.05 ? 121 HIS A CA  1 
ATOM   620  C C   . HIS A 1 78  ? -5.219  8.135   7.094   1.00 19.16 ? 121 HIS A C   1 
ATOM   621  O O   . HIS A 1 78  ? -5.494  7.273   7.925   1.00 19.24 ? 121 HIS A O   1 
ATOM   622  C CB  . HIS A 1 78  ? -6.636  6.939   5.427   1.00 20.63 ? 121 HIS A CB  1 
ATOM   623  C CG  . HIS A 1 78  ? -7.643  7.112   4.333   1.00 22.95 ? 121 HIS A CG  1 
ATOM   624  N ND1 . HIS A 1 78  ? -8.922  7.559   4.573   1.00 24.36 ? 121 HIS A ND1 1 
ATOM   625  C CD2 . HIS A 1 78  ? -7.539  6.947   2.996   1.00 25.30 ? 121 HIS A CD2 1 
ATOM   626  C CE1 . HIS A 1 78  ? -9.568  7.665   3.422   1.00 25.60 ? 121 HIS A CE1 1 
ATOM   627  N NE2 . HIS A 1 78  ? -8.754  7.300   2.452   1.00 26.64 ? 121 HIS A NE2 1 
ATOM   628  N N   . ALA A 1 79  ? -4.347  9.110   7.313   1.00 19.15 ? 122 ALA A N   1 
ATOM   629  C CA  . ALA A 1 79  ? -3.572  9.189   8.529   1.00 19.43 ? 122 ALA A CA  1 
ATOM   630  C C   . ALA A 1 79  ? -4.430  9.247   9.809   1.00 21.55 ? 122 ALA A C   1 
ATOM   631  O O   . ALA A 1 79  ? -3.994  8.790   10.859  1.00 21.96 ? 122 ALA A O   1 
ATOM   632  C CB  . ALA A 1 79  ? -2.677  10.402  8.472   1.00 18.73 ? 122 ALA A CB  1 
ATOM   633  N N   . LYS A 1 80  ? -5.654  9.759   9.711   1.00 23.39 ? 123 LYS A N   1 
ATOM   634  C CA  . LYS A 1 80  ? -6.487  9.906   10.909  1.00 24.29 ? 123 LYS A CA  1 
ATOM   635  C C   . LYS A 1 80  ? -7.523  8.851   11.136  1.00 24.01 ? 123 LYS A C   1 
ATOM   636  O O   . LYS A 1 80  ? -8.256  8.885   12.129  1.00 26.17 ? 123 LYS A O   1 
ATOM   637  C CB  . LYS A 1 80  ? -7.197  11.260  10.893  1.00 26.99 ? 123 LYS A CB  1 
ATOM   638  C CG  . LYS A 1 80  ? -6.300  12.462  10.984  1.00 29.73 ? 123 LYS A CG  1 
ATOM   639  C CD  . LYS A 1 80  ? -7.132  13.722  10.831  1.00 34.57 ? 123 LYS A CD  1 
ATOM   640  C CE  . LYS A 1 80  ? -6.291  14.988  10.966  1.00 36.15 ? 123 LYS A CE  1 
ATOM   641  N NZ  . LYS A 1 80  ? -5.504  15.273  9.716   1.00 38.45 ? 123 LYS A NZ  1 
ATOM   642  N N   . ASP A 1 81  ? -7.597  7.893   10.237  1.00 22.69 ? 124 ASP A N   1 
ATOM   643  C CA  . ASP A 1 81  ? -8.577  6.870   10.399  1.00 19.85 ? 124 ASP A CA  1 
ATOM   644  C C   . ASP A 1 81  ? -8.118  5.785   11.363  1.00 19.37 ? 124 ASP A C   1 
ATOM   645  O O   . ASP A 1 81  ? -6.912  5.551   11.554  1.00 20.60 ? 124 ASP A O   1 
ATOM   646  C CB  . ASP A 1 81  ? -8.979  6.319   9.036   1.00 21.89 ? 124 ASP A CB  1 
ATOM   647  C CG  . ASP A 1 81  ? -9.652  7.383   8.152   1.00 25.90 ? 124 ASP A CG  1 
ATOM   648  O OD1 . ASP A 1 81  ? -10.751 7.846   8.499   1.00 28.03 ? 124 ASP A OD1 1 
ATOM   649  O OD2 . ASP A 1 81  ? -9.115  7.744   7.090   1.00 27.39 ? 124 ASP A OD2 1 
ATOM   650  N N   . GLN A 1 82  ? -9.090  5.118   11.968  1.00 17.43 ? 125 GLN A N   1 
ATOM   651  C CA  . GLN A 1 82  ? -8.779  4.055   12.904  1.00 16.49 ? 125 GLN A CA  1 
ATOM   652  C C   . GLN A 1 82  ? -8.498  2.758   12.187  1.00 14.43 ? 125 GLN A C   1 
ATOM   653  O O   . GLN A 1 82  ? -9.251  2.321   11.298  1.00 15.50 ? 125 GLN A O   1 
ATOM   654  C CB  . GLN A 1 82  ? -9.939  3.862   13.897  1.00 16.84 ? 125 GLN A CB  1 
ATOM   655  C CG  . GLN A 1 82  ? -9.704  2.780   14.968  1.00 18.37 ? 125 GLN A CG  1 
ATOM   656  C CD  . GLN A 1 82  ? -10.994 2.422   15.725  1.00 18.67 ? 125 GLN A CD  1 
ATOM   657  O OE1 . GLN A 1 82  ? -12.093 2.414   15.156  1.00 20.23 ? 125 GLN A OE1 1 
ATOM   658  N NE2 . GLN A 1 82  ? -10.853 2.105   16.995  1.00 20.91 ? 125 GLN A NE2 1 
ATOM   659  N N   . TYR A 1 83  ? -7.406  2.131   12.584  1.00 15.35 ? 126 TYR A N   1 
ATOM   660  C CA  . TYR A 1 83  ? -7.052  0.856   12.001  1.00 15.92 ? 126 TYR A CA  1 
ATOM   661  C C   . TYR A 1 83  ? -8.231  -0.096  11.995  1.00 17.69 ? 126 TYR A C   1 
ATOM   662  O O   . TYR A 1 83  ? -8.956  -0.225  13.001  1.00 17.85 ? 126 TYR A O   1 
ATOM   663  C CB  . TYR A 1 83  ? -5.912  0.195   12.797  1.00 15.31 ? 126 TYR A CB  1 
ATOM   664  C CG  . TYR A 1 83  ? -5.465  -1.099  12.151  1.00 15.24 ? 126 TYR A CG  1 
ATOM   665  C CD1 . TYR A 1 83  ? -4.393  -1.107  11.259  1.00 12.98 ? 126 TYR A CD1 1 
ATOM   666  C CD2 . TYR A 1 83  ? -6.146  -2.301  12.376  1.00 12.96 ? 126 TYR A CD2 1 
ATOM   667  C CE1 . TYR A 1 83  ? -4.018  -2.276  10.601  1.00 14.68 ? 126 TYR A CE1 1 
ATOM   668  C CE2 . TYR A 1 83  ? -5.778  -3.483  11.721  1.00 12.62 ? 126 TYR A CE2 1 
ATOM   669  C CZ  . TYR A 1 83  ? -4.691  -3.439  10.825  1.00 13.64 ? 126 TYR A CZ  1 
ATOM   670  O OH  . TYR A 1 83  ? -4.277  -4.555  10.139  1.00 13.45 ? 126 TYR A OH  1 
ATOM   671  N N   . GLY A 1 84  ? -8.450  -0.739  10.856  1.00 16.40 ? 127 GLY A N   1 
ATOM   672  C CA  . GLY A 1 84  ? -9.504  -1.729  10.723  1.00 17.07 ? 127 GLY A CA  1 
ATOM   673  C C   . GLY A 1 84  ? -10.887 -1.255  10.334  1.00 18.82 ? 127 GLY A C   1 
ATOM   674  O O   . GLY A 1 84  ? -11.781 -2.058  10.061  1.00 18.03 ? 127 GLY A O   1 
ATOM   675  N N   . THR A 1 85  ? -11.056 0.055   10.317  1.00 18.58 ? 128 THR A N   1 
ATOM   676  C CA  . THR A 1 85  ? -12.332 0.632   9.954   1.00 20.44 ? 128 THR A CA  1 
ATOM   677  C C   . THR A 1 85  ? -12.579 0.364   8.505   1.00 22.33 ? 128 THR A C   1 
ATOM   678  O O   . THR A 1 85  ? -11.708 0.503   7.638   1.00 21.24 ? 128 THR A O   1 
ATOM   679  C CB  . THR A 1 85  ? -12.366 2.146   10.170  1.00 19.17 ? 128 THR A CB  1 
ATOM   680  O OG1 . THR A 1 85  ? -11.911 2.426   11.491  1.00 21.66 ? 128 THR A OG1 1 
ATOM   681  C CG2 . THR A 1 85  ? -13.769 2.687   10.022  1.00 22.21 ? 128 THR A CG2 1 
ATOM   682  N N   . ASP A 1 86  ? -13.802 0.008   8.241   1.00 22.42 ? 129 ASP A N   1 
ATOM   683  C CA  . ASP A 1 86  ? -14.221 -0.283  6.917   1.00 24.85 ? 129 ASP A CA  1 
ATOM   684  C C   . ASP A 1 86  ? -14.339 1.046   6.140   1.00 25.33 ? 129 ASP A C   1 
ATOM   685  O O   . ASP A 1 86  ? -15.215 1.857   6.428   1.00 25.93 ? 129 ASP A O   1 
ATOM   686  C CB  . ASP A 1 86  ? -15.539 -1.018  7.050   1.00 30.36 ? 129 ASP A CB  1 
ATOM   687  C CG  . ASP A 1 86  ? -16.195 -1.249  5.754   1.00 34.13 ? 129 ASP A CG  1 
ATOM   688  O OD1 . ASP A 1 86  ? -15.613 -0.887  4.707   1.00 34.69 ? 129 ASP A OD1 1 
ATOM   689  O OD2 . ASP A 1 86  ? -17.309 -1.804  5.780   1.00 37.40 ? 129 ASP A OD2 1 
ATOM   690  N N   . ILE A 1 87  ? -13.416 1.264   5.195   1.00 23.49 ? 130 ILE A N   1 
ATOM   691  C CA  . ILE A 1 87  ? -13.350 2.475   4.364   1.00 23.53 ? 130 ILE A CA  1 
ATOM   692  C C   . ILE A 1 87  ? -13.075 2.034   2.947   1.00 22.77 ? 130 ILE A C   1 
ATOM   693  O O   . ILE A 1 87  ? -12.140 1.270   2.681   1.00 23.72 ? 130 ILE A O   1 
ATOM   694  C CB  . ILE A 1 87  ? -12.201 3.402   4.812   1.00 23.63 ? 130 ILE A CB  1 
ATOM   695  C CG1 . ILE A 1 87  ? -12.408 3.810   6.263   1.00 22.94 ? 130 ILE A CG1 1 
ATOM   696  C CG2 . ILE A 1 87  ? -12.094 4.630   3.913   1.00 24.16 ? 130 ILE A CG2 1 
ATOM   697  C CD1 . ILE A 1 87  ? -11.166 4.373   6.920   1.00 27.05 ? 130 ILE A CD1 1 
ATOM   698  N N   . ASP A 1 88  ? -13.861 2.540   2.020   1.00 21.18 ? 131 ASP A N   1 
ATOM   699  C CA  . ASP A 1 88  ? -13.687 2.134   0.650   1.00 19.95 ? 131 ASP A CA  1 
ATOM   700  C C   . ASP A 1 88  ? -12.316 2.606   0.140   1.00 18.92 ? 131 ASP A C   1 
ATOM   701  O O   . ASP A 1 88  ? -11.920 3.745   0.356   1.00 18.65 ? 131 ASP A O   1 
ATOM   702  C CB  . ASP A 1 88  ? -14.830 2.700   -0.171  1.00 20.84 ? 131 ASP A CB  1 
ATOM   703  C CG  . ASP A 1 88  ? -14.874 2.139   -1.554  1.00 24.32 ? 131 ASP A CG  1 
ATOM   704  O OD1 . ASP A 1 88  ? -15.180 2.932   -2.470  1.00 24.22 ? 131 ASP A OD1 1 
ATOM   705  O OD2 . ASP A 1 88  ? -14.639 0.926   -1.734  1.00 25.85 ? 131 ASP A OD2 1 
ATOM   706  N N   . GLY A 1 89  ? -11.572 1.670   -0.432  1.00 19.36 ? 132 GLY A N   1 
ATOM   707  C CA  . GLY A 1 89  ? -10.250 1.983   -0.953  1.00 19.23 ? 132 GLY A CA  1 
ATOM   708  C C   . GLY A 1 89  ? -9.080  1.921   0.012   1.00 18.18 ? 132 GLY A C   1 
ATOM   709  O O   . GLY A 1 89  ? -7.961  2.240   -0.376  1.00 14.65 ? 132 GLY A O   1 
ATOM   710  N N   . VAL A 1 90  ? -9.339  1.465   1.245   1.00 16.37 ? 133 VAL A N   1 
ATOM   711  C CA  . VAL A 1 90  ? -8.315  1.343   2.292   1.00 15.53 ? 133 VAL A CA  1 
ATOM   712  C C   . VAL A 1 90  ? -8.307  -0.125  2.748   1.00 16.86 ? 133 VAL A C   1 
ATOM   713  O O   . VAL A 1 90  ? -9.362  -0.703  3.035   1.00 15.60 ? 133 VAL A O   1 
ATOM   714  C CB  . VAL A 1 90  ? -8.646  2.248   3.481   1.00 15.40 ? 133 VAL A CB  1 
ATOM   715  C CG1 . VAL A 1 90  ? -7.626  2.105   4.594   1.00 16.38 ? 133 VAL A CG1 1 
ATOM   716  C CG2 . VAL A 1 90  ? -8.708  3.697   3.023   1.00 16.65 ? 133 VAL A CG2 1 
ATOM   717  N N   . TYR A 1 91  ? -7.138  -0.756  2.702   1.00 13.18 ? 134 TYR A N   1 
ATOM   718  C CA  . TYR A 1 91  ? -7.058  -2.152  3.107   1.00 12.26 ? 134 TYR A CA  1 
ATOM   719  C C   . TYR A 1 91  ? -6.022  -2.202  4.226   1.00 12.35 ? 134 TYR A C   1 
ATOM   720  O O   . TYR A 1 91  ? -4.820  -2.085  3.962   1.00 11.43 ? 134 TYR A O   1 
ATOM   721  C CB  . TYR A 1 91  ? -6.628  -3.040  1.955   1.00 13.95 ? 134 TYR A CB  1 
ATOM   722  C CG  . TYR A 1 91  ? -6.820  -4.504  2.275   1.00 14.16 ? 134 TYR A CG  1 
ATOM   723  C CD1 . TYR A 1 91  ? -8.043  -5.149  2.010   1.00 14.87 ? 134 TYR A CD1 1 
ATOM   724  C CD2 . TYR A 1 91  ? -5.811  -5.224  2.923   1.00 12.05 ? 134 TYR A CD2 1 
ATOM   725  C CE1 . TYR A 1 91  ? -8.249  -6.490  2.400   1.00 16.81 ? 134 TYR A CE1 1 
ATOM   726  C CE2 . TYR A 1 91  ? -5.999  -6.545  3.311   1.00 14.39 ? 134 TYR A CE2 1 
ATOM   727  C CZ  . TYR A 1 91  ? -7.218  -7.181  3.049   1.00 15.15 ? 134 TYR A CZ  1 
ATOM   728  O OH  . TYR A 1 91  ? -7.384  -8.493  3.432   1.00 18.87 ? 134 TYR A OH  1 
ATOM   729  N N   . TRP A 1 92  ? -6.500  -2.359  5.452   1.00 10.17 ? 135 TRP A N   1 
ATOM   730  C CA  . TRP A 1 92  ? -5.602  -2.386  6.613   1.00 11.33 ? 135 TRP A CA  1 
ATOM   731  C C   . TRP A 1 92  ? -4.800  -3.678  6.743   1.00 9.80  ? 135 TRP A C   1 
ATOM   732  O O   . TRP A 1 92  ? -5.317  -4.760  6.487   1.00 11.92 ? 135 TRP A O   1 
ATOM   733  C CB  . TRP A 1 92  ? -6.392  -2.172  7.906   1.00 12.02 ? 135 TRP A CB  1 
ATOM   734  C CG  . TRP A 1 92  ? -7.202  -0.922  7.910   1.00 11.33 ? 135 TRP A CG  1 
ATOM   735  C CD1 . TRP A 1 92  ? -8.519  -0.823  7.629   1.00 12.98 ? 135 TRP A CD1 1 
ATOM   736  C CD2 . TRP A 1 92  ? -6.757  0.404   8.232   1.00 10.77 ? 135 TRP A CD2 1 
ATOM   737  N NE1 . TRP A 1 92  ? -8.947  0.473   7.760   1.00 13.58 ? 135 TRP A NE1 1 
ATOM   738  C CE2 . TRP A 1 92  ? -7.886  1.242   8.128   1.00 10.48 ? 135 TRP A CE2 1 
ATOM   739  C CE3 . TRP A 1 92  ? -5.526  0.946   8.605   1.00 10.42 ? 135 TRP A CE3 1 
ATOM   740  C CZ2 . TRP A 1 92  ? -7.817  2.611   8.361   1.00 10.90 ? 135 TRP A CZ2 1 
ATOM   741  C CZ3 . TRP A 1 92  ? -5.456  2.305   8.843   1.00 12.93 ? 135 TRP A CZ3 1 
ATOM   742  C CH2 . TRP A 1 92  ? -6.608  3.125   8.725   1.00 11.63 ? 135 TRP A CH2 1 
ATOM   743  N N   . VAL A 1 93  ? -3.522  -3.539  7.083   1.00 9.85  ? 136 VAL A N   1 
ATOM   744  C CA  . VAL A 1 93  ? -2.643  -4.696  7.279   1.00 9.51  ? 136 VAL A CA  1 
ATOM   745  C C   . VAL A 1 93  ? -1.712  -4.466  8.460   1.00 11.62 ? 136 VAL A C   1 
ATOM   746  O O   . VAL A 1 93  ? -1.369  -3.339  8.767   1.00 10.14 ? 136 VAL A O   1 
ATOM   747  C CB  . VAL A 1 93  ? -1.760  -4.974  6.059   1.00 11.95 ? 136 VAL A CB  1 
ATOM   748  C CG1 . VAL A 1 93  ? -2.611  -5.535  4.890   1.00 9.43  ? 136 VAL A CG1 1 
ATOM   749  C CG2 . VAL A 1 93  ? -0.985  -3.704  5.651   1.00 9.72  ? 136 VAL A CG2 1 
ATOM   750  N N   . ALA A 1 94  ? -1.380  -5.528  9.182   1.00 10.83 ? 137 ALA A N   1 
ATOM   751  C CA  . ALA A 1 94  ? -0.439  -5.396  10.284  1.00 12.57 ? 137 ALA A CA  1 
ATOM   752  C C   . ALA A 1 94  ? 0.124   -6.750  10.682  1.00 14.86 ? 137 ALA A C   1 
ATOM   753  O O   . ALA A 1 94  ? -0.549  -7.752  10.573  1.00 14.81 ? 137 ALA A O   1 
ATOM   754  C CB  . ALA A 1 94  ? -1.085  -4.706  11.520  1.00 13.89 ? 137 ALA A CB  1 
ATOM   755  N N   . SER A 1 95  ? 1.382   -6.715  11.111  1.00 14.20 ? 138 SER A N   1 
ATOM   756  C CA  . SER A 1 95  ? 2.103   -7.870  11.620  1.00 16.73 ? 138 SER A CA  1 
ATOM   757  C C   . SER A 1 95  ? 1.454   -8.249  12.971  1.00 17.06 ? 138 SER A C   1 
ATOM   758  O O   . SER A 1 95  ? 0.850   -7.403  13.646  1.00 17.66 ? 138 SER A O   1 
ATOM   759  C CB  . SER A 1 95  ? 3.556   -7.430  11.858  1.00 18.29 ? 138 SER A CB  1 
ATOM   760  O OG  . SER A 1 95  ? 4.171   -8.133  12.919  1.00 25.40 ? 138 SER A OG  1 
ATOM   761  N N   . ASN A 1 96  ? 1.562   -9.507  13.379  1.00 19.48 ? 139 ASN A N   1 
ATOM   762  C CA  . ASN A 1 96  ? 0.968   -9.862  14.662  1.00 21.11 ? 139 ASN A CA  1 
ATOM   763  C C   . ASN A 1 96  ? 1.750   -9.242  15.814  1.00 21.68 ? 139 ASN A C   1 
ATOM   764  O O   . ASN A 1 96  ? 1.344   -9.350  16.956  1.00 22.88 ? 139 ASN A O   1 
ATOM   765  C CB  . ASN A 1 96  ? 0.815   -11.370 14.848  1.00 23.64 ? 139 ASN A CB  1 
ATOM   766  C CG  . ASN A 1 96  ? 2.087   -12.146 14.596  1.00 24.69 ? 139 ASN A CG  1 
ATOM   767  O OD1 . ASN A 1 96  ? 3.199   -11.667 14.818  1.00 25.02 ? 139 ASN A OD1 1 
ATOM   768  N ND2 . ASN A 1 96  ? 1.920   -13.392 14.169  1.00 26.58 ? 139 ASN A ND2 1 
ATOM   769  N N   . GLN A 1 97  ? 2.864   -8.576  15.507  1.00 20.23 ? 140 GLN A N   1 
ATOM   770  C CA  . GLN A 1 97  ? 3.656   -7.917  16.551  1.00 19.68 ? 140 GLN A CA  1 
ATOM   771  C C   . GLN A 1 97  ? 3.252   -6.472  16.728  1.00 20.27 ? 140 GLN A C   1 
ATOM   772  O O   . GLN A 1 97  ? 3.740   -5.792  17.631  1.00 17.12 ? 140 GLN A O   1 
ATOM   773  C CB  . GLN A 1 97  ? 5.113   -7.880  16.163  1.00 20.99 ? 140 GLN A CB  1 
ATOM   774  C CG  . GLN A 1 97  ? 5.619   -9.172  15.706  1.00 24.35 ? 140 GLN A CG  1 
ATOM   775  C CD  . GLN A 1 97  ? 5.632   -10.103 16.840  1.00 25.29 ? 140 GLN A CD  1 
ATOM   776  O OE1 . GLN A 1 97  ? 4.826   -11.031 16.908  1.00 28.10 ? 140 GLN A OE1 1 
ATOM   777  N NE2 . GLN A 1 97  ? 6.464   -9.803  17.820  1.00 24.04 ? 140 GLN A NE2 1 
ATOM   778  N N   . ALA A 1 98  ? 2.363   -5.997  15.871  1.00 17.30 ? 141 ALA A N   1 
ATOM   779  C CA  . ALA A 1 98  ? 1.988   -4.605  15.931  1.00 18.14 ? 141 ALA A CA  1 
ATOM   780  C C   . ALA A 1 98  ? 0.802   -4.279  16.804  1.00 18.83 ? 141 ALA A C   1 
ATOM   781  O O   . ALA A 1 98  ? -0.165  -5.042  16.868  1.00 17.19 ? 141 ALA A O   1 
ATOM   782  C CB  . ALA A 1 98  ? 1.758   -4.087  14.535  1.00 17.82 ? 141 ALA A CB  1 
ATOM   783  N N   . ASP A 1 99  ? 0.900   -3.141  17.489  1.00 20.07 ? 142 ASP A N   1 
ATOM   784  C CA  . ASP A 1 99  ? -0.181  -2.640  18.310  1.00 21.78 ? 142 ASP A CA  1 
ATOM   785  C C   . ASP A 1 99  ? -0.784  -1.520  17.450  1.00 22.46 ? 142 ASP A C   1 
ATOM   786  O O   . ASP A 1 99  ? -0.220  -0.433  17.324  1.00 24.27 ? 142 ASP A O   1 
ATOM   787  C CB  . ASP A 1 99  ? 0.336   -2.054  19.619  1.00 24.85 ? 142 ASP A CB  1 
ATOM   788  C CG  . ASP A 1 99  ? -0.768  -1.454  20.446  1.00 26.95 ? 142 ASP A CG  1 
ATOM   789  O OD1 . ASP A 1 99  ? -0.450  -1.012  21.564  1.00 28.45 ? 142 ASP A OD1 1 
ATOM   790  O OD2 . ASP A 1 99  ? -1.943  -1.431  20.009  1.00 27.05 ? 142 ASP A OD2 1 
ATOM   791  N N   . VAL A 1 100 ? -1.969  -1.778  16.931  1.00 22.97 ? 143 VAL A N   1 
ATOM   792  C CA  . VAL A 1 100 ? -2.633  -0.822  16.056  1.00 25.50 ? 143 VAL A CA  1 
ATOM   793  C C   . VAL A 1 100 ? -3.361  0.356   16.704  1.00 28.20 ? 143 VAL A C   1 
ATOM   794  O O   . VAL A 1 100 ? -4.064  1.081   16.013  1.00 28.65 ? 143 VAL A O   1 
ATOM   795  C CB  . VAL A 1 100 ? -3.549  -1.537  15.053  1.00 23.24 ? 143 VAL A CB  1 
ATOM   796  C CG1 . VAL A 1 100 ? -2.731  -2.534  14.207  1.00 21.03 ? 143 VAL A CG1 1 
ATOM   797  C CG2 . VAL A 1 100 ? -4.642  -2.244  15.777  1.00 23.93 ? 143 VAL A CG2 1 
ATOM   798  N N   . ASN A 1 101 ? -3.246  0.509   18.026  1.00 29.44 ? 144 ASN A N   1 
ATOM   799  C CA  . ASN A 1 101 ? -3.856  1.669   18.679  1.00 30.99 ? 144 ASN A CA  1 
ATOM   800  C C   . ASN A 1 101 ? -2.886  2.823   18.581  1.00 31.31 ? 144 ASN A C   1 
ATOM   801  O O   . ASN A 1 101 ? -3.218  3.931   18.977  1.00 32.22 ? 144 ASN A O   1 
ATOM   802  C CB  . ASN A 1 101 ? -4.092  1.470   20.181  1.00 33.30 ? 144 ASN A CB  1 
ATOM   803  C CG  . ASN A 1 101 ? -5.173  0.476   20.487  1.00 34.32 ? 144 ASN A CG  1 
ATOM   804  O OD1 . ASN A 1 101 ? -6.092  0.270   19.706  1.00 35.50 ? 144 ASN A OD1 1 
ATOM   805  N ND2 . ASN A 1 101 ? -5.071  -0.150  21.657  1.00 36.55 ? 144 ASN A ND2 1 
ATOM   806  N N   . THR A 1 102 ? -1.651  2.568   18.167  1.00 30.21 ? 145 THR A N   1 
ATOM   807  C CA  . THR A 1 102 ? -0.708  3.662   18.091  1.00 30.02 ? 145 THR A CA  1 
ATOM   808  C C   . THR A 1 102 ? -0.142  3.813   16.682  1.00 30.03 ? 145 THR A C   1 
ATOM   809  O O   . THR A 1 102 ? 0.052   2.824   15.983  1.00 28.82 ? 145 THR A O   1 
ATOM   810  C CB  . THR A 1 102 ? 0.448   3.458   19.098  1.00 30.17 ? 145 THR A CB  1 
ATOM   811  O OG1 . THR A 1 102 ? 1.125   2.235   18.801  1.00 30.41 ? 145 THR A OG1 1 
ATOM   812  C CG2 . THR A 1 102 ? -0.082  3.419   20.551  1.00 31.13 ? 145 THR A CG2 1 
ATOM   813  N N   . PRO A 1 103 ? 0.076   5.065   16.229  1.00 30.76 ? 146 PRO A N   1 
ATOM   814  C CA  . PRO A 1 103 ? 0.631   5.297   14.889  1.00 30.97 ? 146 PRO A CA  1 
ATOM   815  C C   . PRO A 1 103 ? 2.028   4.708   14.805  1.00 32.30 ? 146 PRO A C   1 
ATOM   816  O O   . PRO A 1 103 ? 2.732   4.603   15.817  1.00 31.33 ? 146 PRO A O   1 
ATOM   817  C CB  . PRO A 1 103 ? 0.721   6.829   14.817  1.00 30.86 ? 146 PRO A CB  1 
ATOM   818  C CG  . PRO A 1 103 ? 0.838   7.243   16.285  1.00 31.52 ? 146 PRO A CG  1 
ATOM   819  C CD  . PRO A 1 103 ? -0.195  6.340   16.912  1.00 31.23 ? 146 PRO A CD  1 
ATOM   820  N N   . ALA A 1 104 ? 2.465   4.389   13.598  1.00 31.96 ? 147 ALA A N   1 
ATOM   821  C CA  . ALA A 1 104 ? 3.796   3.845   13.444  1.00 35.25 ? 147 ALA A CA  1 
ATOM   822  C C   . ALA A 1 104 ? 4.777   5.004   13.582  1.00 37.92 ? 147 ALA A C   1 
ATOM   823  O O   . ALA A 1 104 ? 4.482   6.132   13.189  1.00 38.57 ? 147 ALA A O   1 
ATOM   824  C CB  . ALA A 1 104 ? 3.945   3.175   12.098  1.00 33.44 ? 147 ALA A CB  1 
ATOM   825  N N   . ASP A 1 105 ? 5.933   4.717   14.159  1.00 40.71 ? 148 ASP A N   1 
ATOM   826  C CA  . ASP A 1 105 ? 6.984   5.715   14.373  1.00 43.86 ? 148 ASP A CA  1 
ATOM   827  C C   . ASP A 1 105 ? 7.825   5.879   13.078  1.00 44.06 ? 148 ASP A C   1 
ATOM   828  O O   . ASP A 1 105 ? 9.040   5.669   13.103  1.00 44.71 ? 148 ASP A O   1 
ATOM   829  C CB  . ASP A 1 105 ? 7.846   5.221   15.563  1.00 44.93 ? 148 ASP A CB  1 
ATOM   830  C CG  . ASP A 1 105 ? 8.893   6.238   16.026  1.00 47.65 ? 148 ASP A CG  1 
ATOM   831  O OD1 . ASP A 1 105 ? 9.949   5.800   16.553  1.00 48.86 ? 148 ASP A OD1 1 
ATOM   832  O OD2 . ASP A 1 105 ? 8.665   7.460   15.884  1.00 47.87 ? 148 ASP A OD2 1 
ATOM   833  N N   . ILE A 1 106 ? 7.202   6.322   11.976  1.00 44.87 ? 149 ILE A N   1 
ATOM   834  C CA  . ILE A 1 106 ? 7.886   6.452   10.666  1.00 44.41 ? 149 ILE A CA  1 
ATOM   835  C C   . ILE A 1 106 ? 7.625   7.767   9.917   1.00 45.71 ? 149 ILE A C   1 
ATOM   836  O O   . ILE A 1 106 ? 6.478   8.088   9.625   1.00 46.05 ? 149 ILE A O   1 
ATOM   837  C CB  . ILE A 1 106 ? 7.426   5.318   9.681   1.00 43.49 ? 149 ILE A CB  1 
ATOM   838  C CG1 . ILE A 1 106 ? 7.400   3.944   10.370  1.00 42.57 ? 149 ILE A CG1 1 
ATOM   839  C CG2 . ILE A 1 106 ? 8.293   5.306   8.417   1.00 41.72 ? 149 ILE A CG2 1 
ATOM   840  C CD1 . ILE A 1 106 ? 8.726   3.445   10.890  1.00 27.05 ? 149 ILE A CD1 1 
ATOM   841  N N   . VAL A 1 107 ? 8.681   8.455   9.484   1.00 46.66 ? 150 VAL A N   1 
ATOM   842  C CA  . VAL A 1 107 ? 8.478   9.715   8.764   1.00 47.44 ? 150 VAL A CA  1 
ATOM   843  C C   . VAL A 1 107 ? 8.268   9.475   7.282   1.00 46.43 ? 150 VAL A C   1 
ATOM   844  O O   . VAL A 1 107 ? 8.843   8.554   6.715   1.00 46.39 ? 150 VAL A O   1 
ATOM   845  C CB  . VAL A 1 107 ? 9.672   10.665  8.913   1.00 48.30 ? 150 VAL A CB  1 
ATOM   846  C CG1 . VAL A 1 107 ? 9.301   12.043  8.361   1.00 48.82 ? 150 VAL A CG1 1 
ATOM   847  C CG2 . VAL A 1 107 ? 10.107  10.748  10.371  1.00 49.03 ? 150 VAL A CG2 1 
ATOM   848  N N   . ASP A 1 108 ? 7.475   10.317  6.635   1.00 46.28 ? 151 ASP A N   1 
ATOM   849  C CA  . ASP A 1 108 ? 7.257   10.137  5.210   1.00 44.72 ? 151 ASP A CA  1 
ATOM   850  C C   . ASP A 1 108 ? 8.528   10.273  4.407   1.00 44.23 ? 151 ASP A C   1 
ATOM   851  O O   . ASP A 1 108 ? 9.547   10.769  4.890   1.00 44.34 ? 151 ASP A O   1 
ATOM   852  C CB  . ASP A 1 108 ? 6.200   11.088  4.688   1.00 44.73 ? 151 ASP A CB  1 
ATOM   853  C CG  . ASP A 1 108 ? 4.890   10.903  5.384   1.00 44.98 ? 151 ASP A CG  1 
ATOM   854  O OD1 . ASP A 1 108 ? 4.818   9.990   6.236   1.00 43.38 ? 151 ASP A OD1 1 
ATOM   855  O OD2 . ASP A 1 108 ? 3.944   11.667  5.090   1.00 44.65 ? 151 ASP A OD2 1 
ATOM   856  N N   . ARG A 1 109 ? 8.442   9.788   3.175   1.00 42.72 ? 152 ARG A N   1 
ATOM   857  C CA  . ARG A 1 109 ? 9.534   9.799   2.230   1.00 41.75 ? 152 ARG A CA  1 
ATOM   858  C C   . ARG A 1 109 ? 9.535   11.059  1.366   1.00 42.46 ? 152 ARG A C   1 
ATOM   859  O O   . ARG A 1 109 ? 8.492   11.645  1.107   1.00 41.46 ? 152 ARG A O   1 
ATOM   860  C CB  . ARG A 1 109 ? 9.412   8.571   1.319   1.00 38.79 ? 152 ARG A CB  1 
ATOM   861  C CG  . ARG A 1 109 ? 10.320  8.575   0.102   1.00 35.12 ? 152 ARG A CG  1 
ATOM   862  C CD  . ARG A 1 109 ? 10.294  7.260   -0.666  1.00 30.30 ? 152 ARG A CD  1 
ATOM   863  N NE  . ARG A 1 109 ? 9.160   7.123   -1.573  1.00 25.82 ? 152 ARG A NE  1 
ATOM   864  C CZ  . ARG A 1 109 ? 9.123   7.585   -2.813  1.00 27.37 ? 152 ARG A CZ  1 
ATOM   865  N NH1 . ARG A 1 109 ? 10.171  8.242   -3.320  1.00 25.50 ? 152 ARG A NH1 1 
ATOM   866  N NH2 . ARG A 1 109 ? 8.062   7.348   -3.571  1.00 26.70 ? 152 ARG A NH2 1 
ATOM   867  N N   . ASP A 1 110 ? 10.738  11.386  0.894   1.00 44.06 ? 153 ASP A N   1 
ATOM   868  C CA  . ASP A 1 110 ? 11.109  12.467  -0.001  1.00 45.11 ? 153 ASP A CA  1 
ATOM   869  C C   . ASP A 1 110 ? 11.661  13.539  0.865   1.00 47.66 ? 153 ASP A C   1 
ATOM   870  O O   . ASP A 1 110 ? 11.478  13.472  2.108   1.00 48.83 ? 153 ASP A O   1 
ATOM   871  C CB  . ASP A 1 110 ? 9.940   12.960  -0.846  1.00 44.11 ? 153 ASP A CB  1 
ATOM   872  C CG  . ASP A 1 110 ? 10.087  12.539  -2.279  1.00 43.35 ? 153 ASP A CG  1 
ATOM   873  O OD1 . ASP A 1 110 ? 11.068  11.823  -2.523  1.00 41.35 ? 153 ASP A OD1 1 
ATOM   874  O OD2 . ASP A 1 110 ? 9.253   12.902  -3.137  1.00 43.77 ? 153 ASP A OD2 1 
ATOM   875  N N   . PRO A 1 111 ? 12.310  14.563  0.262   1.00 48.02 ? 154 PRO A N   1 
ATOM   876  C CA  . PRO A 1 111 ? 12.578  14.852  -1.164  1.00 49.52 ? 154 PRO A CA  1 
ATOM   877  C C   . PRO A 1 111 ? 13.264  13.825  -2.064  1.00 51.01 ? 154 PRO A C   1 
ATOM   878  O O   . PRO A 1 111 ? 12.898  12.648  -2.244  1.00 51.91 ? 154 PRO A O   1 
ATOM   879  C CB  . PRO A 1 111 ? 13.489  16.086  -1.096  1.00 49.63 ? 154 PRO A CB  1 
ATOM   880  C CG  . PRO A 1 111 ? 14.355  15.738  0.076   1.00 48.98 ? 154 PRO A CG  1 
ATOM   881  C CD  . PRO A 1 111 ? 13.284  15.279  1.109   1.00 47.96 ? 154 PRO A CD  1 
ATOM   882  N N   . SER A 1 112 ? 14.273  14.391  -2.717  1.00 52.93 ? 155 SER A N   1 
ATOM   883  C CA  . SER A 1 112 ? 15.184  13.676  -3.567  1.00 53.55 ? 155 SER A CA  1 
ATOM   884  C C   . SER A 1 112 ? 16.075  13.054  -2.499  1.00 53.36 ? 155 SER A C   1 
ATOM   885  O O   . SER A 1 112 ? 17.263  12.881  -2.713  1.00 54.30 ? 155 SER A O   1 
ATOM   886  C CB  . SER A 1 112 ? 16.004  14.671  -4.401  1.00 54.60 ? 155 SER A CB  1 
ATOM   887  O OG  . SER A 1 112 ? 16.658  15.633  -3.578  1.00 55.88 ? 155 SER A OG  1 
ATOM   888  N N   . SER A 1 113 ? 15.518  12.830  -1.307  1.00 52.51 ? 156 SER A N   1 
ATOM   889  C CA  . SER A 1 113 ? 16.275  12.239  -0.228  1.00 51.90 ? 156 SER A CA  1 
ATOM   890  C C   . SER A 1 113 ? 16.224  10.715  -0.272  1.00 50.81 ? 156 SER A C   1 
ATOM   891  O O   . SER A 1 113 ? 17.217  10.072  0.061   1.00 51.59 ? 156 SER A O   1 
ATOM   892  C CB  . SER A 1 113 ? 15.862  12.814  1.143   1.00 52.93 ? 156 SER A CB  1 
ATOM   893  O OG  . SER A 1 113 ? 14.565  12.414  1.549   1.00 55.07 ? 156 SER A OG  1 
ATOM   894  N N   . ASP A 1 114 ? 15.109  10.138  -0.741  1.00 48.89 ? 157 ASP A N   1 
ATOM   895  C CA  . ASP A 1 114 ? 14.964  8.673   -0.839  1.00 46.30 ? 157 ASP A CA  1 
ATOM   896  C C   . ASP A 1 114 ? 14.049  8.146   -1.950  1.00 43.49 ? 157 ASP A C   1 
ATOM   897  O O   . ASP A 1 114 ? 12.954  8.668   -2.158  1.00 43.41 ? 157 ASP A O   1 
ATOM   898  C CB  . ASP A 1 114 ? 14.482  8.108   0.495   1.00 47.46 ? 157 ASP A CB  1 
ATOM   899  C CG  . ASP A 1 114 ? 15.512  8.244   1.578   1.00 48.80 ? 157 ASP A CG  1 
ATOM   900  O OD1 . ASP A 1 114 ? 15.332  9.099   2.471   1.00 49.80 ? 157 ASP A OD1 1 
ATOM   901  O OD2 . ASP A 1 114 ? 16.528  7.522   1.507   1.00 49.02 ? 157 ASP A OD2 1 
ATOM   902  N N   . GLU A 1 115 ? 14.489  7.115   -2.668  1.00 40.95 ? 158 GLU A N   1 
ATOM   903  C CA  . GLU A 1 115 ? 13.654  6.523   -3.725  1.00 37.79 ? 158 GLU A CA  1 
ATOM   904  C C   . GLU A 1 115 ? 12.698  5.543   -3.035  1.00 34.10 ? 158 GLU A C   1 
ATOM   905  O O   . GLU A 1 115 ? 12.886  5.225   -1.869  1.00 32.43 ? 158 GLU A O   1 
ATOM   906  C CB  . GLU A 1 115 ? 14.502  5.735   -4.717  1.00 40.56 ? 158 GLU A CB  1 
ATOM   907  C CG  . GLU A 1 115 ? 13.791  5.435   -6.040  1.00 44.64 ? 158 GLU A CG  1 
ATOM   908  C CD  . GLU A 1 115 ? 13.835  6.621   -6.994  1.00 46.80 ? 158 GLU A CD  1 
ATOM   909  O OE1 . GLU A 1 115 ? 14.905  7.262   -7.073  1.00 47.84 ? 158 GLU A OE1 1 
ATOM   910  O OE2 . GLU A 1 115 ? 12.817  6.921   -7.660  1.00 47.31 ? 158 GLU A OE2 1 
ATOM   911  N N   . ALA A 1 116 ? 11.679  5.085   -3.757  1.00 31.02 ? 159 ALA A N   1 
ATOM   912  C CA  . ALA A 1 116 ? 10.732  4.108   -3.204  1.00 28.73 ? 159 ALA A CA  1 
ATOM   913  C C   . ALA A 1 116 ? 11.391  2.730   -3.164  1.00 27.72 ? 159 ALA A C   1 
ATOM   914  O O   . ALA A 1 116 ? 12.063  2.318   -4.115  1.00 27.75 ? 159 ALA A O   1 
ATOM   915  C CB  . ALA A 1 116 ? 9.485   4.035   -4.053  1.00 26.98 ? 159 ALA A CB  1 
ATOM   916  N N   . ILE A 1 117 ? 11.194  2.050   -2.040  1.00 25.45 ? 160 ILE A N   1 
ATOM   917  C CA  . ILE A 1 117 ? 11.693  0.708   -1.780  1.00 23.21 ? 160 ILE A CA  1 
ATOM   918  C C   . ILE A 1 117 ? 10.810  -0.271  -2.558  1.00 22.78 ? 160 ILE A C   1 
ATOM   919  O O   . ILE A 1 117 ? 9.580   -0.255  -2.429  1.00 20.04 ? 160 ILE A O   1 
ATOM   920  C CB  . ILE A 1 117 ? 11.555  0.375   -0.271  1.00 23.23 ? 160 ILE A CB  1 
ATOM   921  C CG1 . ILE A 1 117 ? 12.352  1.363   0.587   1.00 23.07 ? 160 ILE A CG1 1 
ATOM   922  C CG2 . ILE A 1 117 ? 11.984  -1.059  0.035   1.00 23.41 ? 160 ILE A CG2 1 
ATOM   923  C CD1 . ILE A 1 117 ? 13.885  1.366   0.258   1.00 27.05 ? 160 ILE A CD1 1 
ATOM   924  N N   . PRO A 1 118 ? 11.436  -1.161  -3.341  1.00 21.11 ? 161 PRO A N   1 
ATOM   925  C CA  . PRO A 1 118 ? 10.639  -2.118  -4.094  1.00 19.65 ? 161 PRO A CA  1 
ATOM   926  C C   . PRO A 1 118 ? 9.903   -2.989  -3.095  1.00 18.78 ? 161 PRO A C   1 
ATOM   927  O O   . PRO A 1 118 ? 10.470  -3.465  -2.140  1.00 16.99 ? 161 PRO A O   1 
ATOM   928  C CB  . PRO A 1 118 ? 11.707  -2.890  -4.875  1.00 22.55 ? 161 PRO A CB  1 
ATOM   929  C CG  . PRO A 1 118 ? 12.787  -1.810  -5.101  1.00 22.71 ? 161 PRO A CG  1 
ATOM   930  C CD  . PRO A 1 118 ? 12.865  -1.277  -3.686  1.00 23.43 ? 161 PRO A CD  1 
ATOM   931  N N   . THR A 1 119 ? 8.602   -3.094  -3.280  1.00 17.73 ? 162 THR A N   1 
ATOM   932  C CA  . THR A 1 119 ? 7.781   -3.863  -2.384  1.00 14.63 ? 162 THR A CA  1 
ATOM   933  C C   . THR A 1 119 ? 8.114   -5.349  -2.397  1.00 15.20 ? 162 THR A C   1 
ATOM   934  O O   . THR A 1 119 ? 8.137   -5.961  -3.460  1.00 14.68 ? 162 THR A O   1 
ATOM   935  C CB  . THR A 1 119 ? 6.295   -3.635  -2.753  1.00 14.69 ? 162 THR A CB  1 
ATOM   936  O OG1 . THR A 1 119 ? 5.912   -2.312  -2.346  1.00 14.68 ? 162 THR A OG1 1 
ATOM   937  C CG2 . THR A 1 119 ? 5.402   -4.661  -2.119  1.00 10.67 ? 162 THR A CG2 1 
ATOM   938  N N   . ARG A 1 120 ? 8.390   -5.903  -1.214  1.00 13.26 ? 163 ARG A N   1 
ATOM   939  C CA  . ARG A 1 120 ? 8.646   -7.340  -1.051  1.00 14.87 ? 163 ARG A CA  1 
ATOM   940  C C   . ARG A 1 120 ? 7.995   -7.720  0.251   1.00 13.75 ? 163 ARG A C   1 
ATOM   941  O O   . ARG A 1 120 ? 7.963   -6.914  1.190   1.00 13.83 ? 163 ARG A O   1 
ATOM   942  C CB  . ARG A 1 120 ? 10.109  -7.663  -0.780  1.00 20.04 ? 163 ARG A CB  1 
ATOM   943  C CG  . ARG A 1 120 ? 11.135  -7.460  -1.810  1.00 27.64 ? 163 ARG A CG  1 
ATOM   944  C CD  . ARG A 1 120 ? 12.329  -8.311  -1.287  1.00 30.97 ? 163 ARG A CD  1 
ATOM   945  N NE  . ARG A 1 120 ? 12.948  -7.785  -0.057  1.00 34.52 ? 163 ARG A NE  1 
ATOM   946  C CZ  . ARG A 1 120 ? 13.253  -8.480  1.043   1.00 34.27 ? 163 ARG A CZ  1 
ATOM   947  N NH1 . ARG A 1 120 ? 12.995  -9.780  1.151   1.00 35.80 ? 163 ARG A NH1 1 
ATOM   948  N NH2 . ARG A 1 120 ? 13.905  -7.872  2.025   1.00 36.48 ? 163 ARG A NH2 1 
ATOM   949  N N   . PHE A 1 121 ? 7.703   -9.004  0.373   1.00 12.16 ? 164 PHE A N   1 
ATOM   950  C CA  . PHE A 1 121 ? 7.066   -9.556  1.564   1.00 11.55 ? 164 PHE A CA  1 
ATOM   951  C C   . PHE A 1 121 ? 7.864   -10.735 2.088   1.00 12.95 ? 164 PHE A C   1 
ATOM   952  O O   . PHE A 1 121 ? 8.615   -11.357 1.352   1.00 12.40 ? 164 PHE A O   1 
ATOM   953  C CB  . PHE A 1 121 ? 5.651   -10.003 1.202   1.00 11.98 ? 164 PHE A CB  1 
ATOM   954  C CG  . PHE A 1 121 ? 4.771   -8.874  0.740   1.00 11.49 ? 164 PHE A CG  1 
ATOM   955  C CD1 . PHE A 1 121 ? 4.312   -7.915  1.639   1.00 12.19 ? 164 PHE A CD1 1 
ATOM   956  C CD2 . PHE A 1 121 ? 4.415   -8.766  -0.587  1.00 14.09 ? 164 PHE A CD2 1 
ATOM   957  C CE1 . PHE A 1 121 ? 3.523   -6.861  1.211   1.00 12.38 ? 164 PHE A CE1 1 
ATOM   958  C CE2 . PHE A 1 121 ? 3.614   -7.704  -1.032  1.00 13.50 ? 164 PHE A CE2 1 
ATOM   959  C CZ  . PHE A 1 121 ? 3.167   -6.756  -0.132  1.00 13.63 ? 164 PHE A CZ  1 
ATOM   960  N N   . PRO A 1 122 ? 7.662   -11.098 3.373   1.00 13.04 ? 165 PRO A N   1 
ATOM   961  C CA  . PRO A 1 122 ? 8.427   -12.239 3.881   1.00 14.77 ? 165 PRO A CA  1 
ATOM   962  C C   . PRO A 1 122 ? 7.949   -13.565 3.298   1.00 15.17 ? 165 PRO A C   1 
ATOM   963  O O   . PRO A 1 122 ? 6.803   -13.669 2.817   1.00 13.46 ? 165 PRO A O   1 
ATOM   964  C CB  . PRO A 1 122 ? 8.101   -12.244 5.386   1.00 18.21 ? 165 PRO A CB  1 
ATOM   965  C CG  . PRO A 1 122 ? 7.430   -10.930 5.682   1.00 17.40 ? 165 PRO A CG  1 
ATOM   966  C CD  . PRO A 1 122 ? 6.836   -10.444 4.399   1.00 14.77 ? 165 PRO A CD  1 
ATOM   967  N N   . PRO A 1 123 ? 8.816   -14.603 3.322   1.00 14.66 ? 166 PRO A N   1 
ATOM   968  C CA  . PRO A 1 123 ? 8.534   -15.947 2.824   1.00 14.79 ? 166 PRO A CA  1 
ATOM   969  C C   . PRO A 1 123 ? 7.259   -16.400 3.501   1.00 13.71 ? 166 PRO A C   1 
ATOM   970  O O   . PRO A 1 123 ? 7.081   -16.149 4.697   1.00 16.39 ? 166 PRO A O   1 
ATOM   971  C CB  . PRO A 1 123 ? 9.720   -16.764 3.353   1.00 15.32 ? 166 PRO A CB  1 
ATOM   972  C CG  . PRO A 1 123 ? 10.856  -15.821 3.157   1.00 15.62 ? 166 PRO A CG  1 
ATOM   973  C CD  . PRO A 1 123 ? 10.269  -14.454 3.602   1.00 16.91 ? 166 PRO A CD  1 
ATOM   974  N N   . GLY A 1 124 ? 6.365   -17.045 2.761   1.00 10.87 ? 167 GLY A N   1 
ATOM   975  C CA  . GLY A 1 124 ? 5.095   -17.466 3.333   1.00 11.47 ? 167 GLY A CA  1 
ATOM   976  C C   . GLY A 1 124 ? 3.952   -16.503 3.097   1.00 11.44 ? 167 GLY A C   1 
ATOM   977  O O   . GLY A 1 124 ? 2.805   -16.843 3.310   1.00 13.86 ? 167 GLY A O   1 
ATOM   978  N N   . THR A 1 125 ? 4.247   -15.299 2.621   1.00 10.46 ? 168 THR A N   1 
ATOM   979  C CA  . THR A 1 125 ? 3.156   -14.351 2.409   1.00 10.56 ? 168 THR A CA  1 
ATOM   980  C C   . THR A 1 125 ? 2.329   -14.787 1.209   1.00 10.08 ? 168 THR A C   1 
ATOM   981  O O   . THR A 1 125 ? 2.867   -14.991 0.150   1.00 11.75 ? 168 THR A O   1 
ATOM   982  C CB  . THR A 1 125 ? 3.687   -12.931 2.108   1.00 12.28 ? 168 THR A CB  1 
ATOM   983  O OG1 . THR A 1 125 ? 4.489   -12.499 3.215   1.00 11.37 ? 168 THR A OG1 1 
ATOM   984  C CG2 . THR A 1 125 ? 2.535   -11.931 1.907   1.00 10.53 ? 168 THR A CG2 1 
ATOM   985  N N   . VAL A 1 126 ? 1.023   -14.827 1.400   1.00 12.82 ? 169 VAL A N   1 
ATOM   986  C CA  . VAL A 1 126 ? 0.106   -15.190 0.335   1.00 13.54 ? 169 VAL A CA  1 
ATOM   987  C C   . VAL A 1 126 ? -0.144  -13.921 -0.498  1.00 13.16 ? 169 VAL A C   1 
ATOM   988  O O   . VAL A 1 126 ? -0.663  -12.933 0.020   1.00 15.46 ? 169 VAL A O   1 
ATOM   989  C CB  . VAL A 1 126 ? -1.216  -15.677 0.941   1.00 16.48 ? 169 VAL A CB  1 
ATOM   990  C CG1 . VAL A 1 126 ? -2.257  -15.886 -0.174  1.00 18.99 ? 169 VAL A CG1 1 
ATOM   991  C CG2 . VAL A 1 126 ? -0.980  -16.969 1.751   1.00 16.68 ? 169 VAL A CG2 1 
ATOM   992  N N   . LEU A 1 127 ? 0.294   -13.933 -1.751  1.00 16.22 ? 170 LEU A N   1 
ATOM   993  C CA  . LEU A 1 127 ? 0.145   -12.779 -2.648  1.00 15.36 ? 170 LEU A CA  1 
ATOM   994  C C   . LEU A 1 127 ? -1.213  -12.783 -3.353  1.00 18.35 ? 170 LEU A C   1 
ATOM   995  O O   . LEU A 1 127 ? -1.656  -13.822 -3.830  1.00 19.04 ? 170 LEU A O   1 
ATOM   996  C CB  . LEU A 1 127 ? 1.251   -12.793 -3.697  1.00 16.05 ? 170 LEU A CB  1 
ATOM   997  C CG  . LEU A 1 127 ? 2.694   -12.888 -3.165  1.00 17.61 ? 170 LEU A CG  1 
ATOM   998  C CD1 . LEU A 1 127 ? 3.672   -13.177 -4.288  1.00 19.10 ? 170 LEU A CD1 1 
ATOM   999  C CD2 . LEU A 1 127 ? 3.045   -11.620 -2.439  1.00 17.75 ? 170 LEU A CD2 1 
ATOM   1000 N N   . PRO A 1 128 ? -1.874  -11.611 -3.440  1.00 17.99 ? 171 PRO A N   1 
ATOM   1001 C CA  . PRO A 1 128 ? -3.190  -11.513 -4.094  1.00 18.61 ? 171 PRO A CA  1 
ATOM   1002 C C   . PRO A 1 128 ? -3.129  -11.774 -5.591  1.00 20.72 ? 171 PRO A C   1 
ATOM   1003 O O   . PRO A 1 128 ? -2.444  -11.109 -6.336  1.00 20.03 ? 171 PRO A O   1 
ATOM   1004 C CB  . PRO A 1 128 ? -3.651  -10.096 -3.741  1.00 17.97 ? 171 PRO A CB  1 
ATOM   1005 C CG  . PRO A 1 128 ? -2.375  -9.321  -3.627  1.00 17.45 ? 171 PRO A CG  1 
ATOM   1006 C CD  . PRO A 1 128 ? -1.393  -10.294 -2.986  1.00 17.60 ? 171 PRO A CD  1 
ATOM   1007 N N   . GLN A 1 129 ? -3.851  -12.790 -6.013  1.00 23.18 ? 172 GLN A N   1 
ATOM   1008 C CA  . GLN A 1 129 ? -3.867  -13.151 -7.415  1.00 24.66 ? 172 GLN A CA  1 
ATOM   1009 C C   . GLN A 1 129 ? -4.483  -12.005 -8.222  1.00 24.38 ? 172 GLN A C   1 
ATOM   1010 O O   . GLN A 1 129 ? -5.433  -11.382 -7.770  1.00 23.43 ? 172 GLN A O   1 
ATOM   1011 C CB  . GLN A 1 129 ? -4.710  -14.398 -7.544  1.00 28.60 ? 172 GLN A CB  1 
ATOM   1012 C CG  . GLN A 1 129 ? -4.263  -15.348 -8.587  1.00 36.08 ? 172 GLN A CG  1 
ATOM   1013 C CD  . GLN A 1 129 ? -4.793  -16.738 -8.311  1.00 39.56 ? 172 GLN A CD  1 
ATOM   1014 O OE1 . GLN A 1 129 ? -4.022  -17.679 -8.110  1.00 42.21 ? 172 GLN A OE1 1 
ATOM   1015 N NE2 . GLN A 1 129 ? -6.114  -16.869 -8.258  1.00 41.63 ? 172 GLN A NE2 1 
ATOM   1016 N N   . GLY A 1 130 ? -3.903  -11.698 -9.380  1.00 25.37 ? 173 GLY A N   1 
ATOM   1017 C CA  . GLY A 1 130 ? -4.446  -10.625 -10.202 1.00 25.37 ? 173 GLY A CA  1 
ATOM   1018 C C   . GLY A 1 130 ? -3.774  -9.279  -10.003 1.00 25.93 ? 173 GLY A C   1 
ATOM   1019 O O   . GLY A 1 130 ? -4.159  -8.293  -10.630 1.00 25.51 ? 173 GLY A O   1 
ATOM   1020 N N   . TYR A 1 131 ? -2.733  -9.262  -9.176  1.00 22.69 ? 174 TYR A N   1 
ATOM   1021 C CA  . TYR A 1 131 ? -2.010  -8.045  -8.894  1.00 22.83 ? 174 TYR A CA  1 
ATOM   1022 C C   . TYR A 1 131 ? -0.552  -8.249  -9.177  1.00 23.35 ? 174 TYR A C   1 
ATOM   1023 O O   . TYR A 1 131 ? 0.008   -9.315  -8.942  1.00 24.41 ? 174 TYR A O   1 
ATOM   1024 C CB  . TYR A 1 131 ? -2.233  -7.627  -7.441  1.00 19.90 ? 174 TYR A CB  1 
ATOM   1025 C CG  . TYR A 1 131 ? -3.651  -7.221  -7.193  1.00 19.56 ? 174 TYR A CG  1 
ATOM   1026 C CD1 . TYR A 1 131 ? -4.646  -8.174  -7.007  1.00 19.34 ? 174 TYR A CD1 1 
ATOM   1027 C CD2 . TYR A 1 131 ? -4.014  -5.873  -7.204  1.00 17.88 ? 174 TYR A CD2 1 
ATOM   1028 C CE1 . TYR A 1 131 ? -5.964  -7.808  -6.850  1.00 20.24 ? 174 TYR A CE1 1 
ATOM   1029 C CE2 . TYR A 1 131 ? -5.319  -5.498  -7.042  1.00 20.01 ? 174 TYR A CE2 1 
ATOM   1030 C CZ  . TYR A 1 131 ? -6.294  -6.457  -6.867  1.00 20.30 ? 174 TYR A CZ  1 
ATOM   1031 O OH  . TYR A 1 131 ? -7.596  -6.049  -6.700  1.00 20.51 ? 174 TYR A OH  1 
ATOM   1032 N N   . TYR A 1 132 ? 0.075   -7.198  -9.665  1.00 24.02 ? 175 TYR A N   1 
ATOM   1033 C CA  . TYR A 1 132 ? 1.476   -7.249  -10.001 1.00 24.57 ? 175 TYR A CA  1 
ATOM   1034 C C   . TYR A 1 132 ? 2.199   -6.306  -9.075  1.00 22.10 ? 175 TYR A C   1 
ATOM   1035 O O   . TYR A 1 132 ? 1.817   -5.147  -8.959  1.00 22.03 ? 175 TYR A O   1 
ATOM   1036 C CB  . TYR A 1 132 ? 1.667   -6.764  -11.439 1.00 27.50 ? 175 TYR A CB  1 
ATOM   1037 C CG  . TYR A 1 132 ? 3.117   -6.580  -11.809 1.00 31.93 ? 175 TYR A CG  1 
ATOM   1038 C CD1 . TYR A 1 132 ? 3.975   -7.682  -11.900 1.00 33.39 ? 175 TYR A CD1 1 
ATOM   1039 C CD2 . TYR A 1 132 ? 3.652   -5.311  -12.028 1.00 32.57 ? 175 TYR A CD2 1 
ATOM   1040 C CE1 . TYR A 1 132 ? 5.336   -7.522  -12.200 1.00 34.53 ? 175 TYR A CE1 1 
ATOM   1041 C CE2 . TYR A 1 132 ? 5.021   -5.136  -12.329 1.00 32.96 ? 175 TYR A CE2 1 
ATOM   1042 C CZ  . TYR A 1 132 ? 5.849   -6.252  -12.416 1.00 34.57 ? 175 TYR A CZ  1 
ATOM   1043 O OH  . TYR A 1 132 ? 7.184   -6.112  -12.750 1.00 35.32 ? 175 TYR A OH  1 
ATOM   1044 N N   . ILE A 1 133 ? 3.262   -6.788  -8.443  1.00 21.61 ? 176 ILE A N   1 
ATOM   1045 C CA  . ILE A 1 133 ? 4.035   -5.948  -7.549  1.00 22.42 ? 176 ILE A CA  1 
ATOM   1046 C C   . ILE A 1 133 ? 5.061   -5.163  -8.338  1.00 24.38 ? 176 ILE A C   1 
ATOM   1047 O O   . ILE A 1 133 ? 6.023   -5.722  -8.871  1.00 23.82 ? 176 ILE A O   1 
ATOM   1048 C CB  . ILE A 1 133 ? 4.727   -6.753  -6.461  1.00 22.10 ? 176 ILE A CB  1 
ATOM   1049 C CG1 . ILE A 1 133 ? 3.657   -7.435  -5.597  1.00 24.90 ? 176 ILE A CG1 1 
ATOM   1050 C CG2 . ILE A 1 133 ? 5.636   -5.841  -5.633  1.00 23.46 ? 176 ILE A CG2 1 
ATOM   1051 C CD1 . ILE A 1 133 ? 4.197   -8.499  -4.674  1.00 27.05 ? 176 ILE A CD1 1 
ATOM   1052 N N   . GLU A 1 134 ? 4.865   -3.853  -8.404  1.00 24.62 ? 177 GLU A N   1 
ATOM   1053 C CA  . GLU A 1 134 ? 5.786   -3.007  -9.135  1.00 27.63 ? 177 GLU A CA  1 
ATOM   1054 C C   . GLU A 1 134 ? 7.215   -3.177  -8.625  1.00 29.27 ? 177 GLU A C   1 
ATOM   1055 O O   . GLU A 1 134 ? 7.469   -3.230  -7.409  1.00 26.95 ? 177 GLU A O   1 
ATOM   1056 C CB  . GLU A 1 134 ? 5.345   -1.542  -9.071  1.00 27.32 ? 177 GLU A CB  1 
ATOM   1057 C CG  . GLU A 1 134 ? 3.970   -1.262  -9.726  1.00 30.56 ? 177 GLU A CG  1 
ATOM   1058 C CD  . GLU A 1 134 ? 3.952   -1.509  -11.241 1.00 33.50 ? 177 GLU A CD  1 
ATOM   1059 O OE1 . GLU A 1 134 ? 2.851   -1.581  -11.827 1.00 35.97 ? 177 GLU A OE1 1 
ATOM   1060 O OE2 . GLU A 1 134 ? 5.029   -1.612  -11.858 1.00 34.80 ? 177 GLU A OE2 1 
ATOM   1061 N N   . GLY A 1 135 ? 8.134   -3.283  -9.582  1.00 33.23 ? 178 GLY A N   1 
ATOM   1062 C CA  . GLY A 1 135 ? 9.539   -3.479  -9.280  1.00 37.74 ? 178 GLY A CA  1 
ATOM   1063 C C   . GLY A 1 135 ? 9.957   -4.921  -9.130  1.00 41.34 ? 178 GLY A C   1 
ATOM   1064 O O   . GLY A 1 135 ? 11.091  -5.201  -8.745  1.00 43.01 ? 178 GLY A O   1 
ATOM   1065 N N   . SER A 1 136 ? 9.038   -5.837  -9.417  1.00 43.48 ? 179 SER A N   1 
ATOM   1066 C CA  . SER A 1 136 ? 9.331   -7.259  -9.325  1.00 45.22 ? 179 SER A CA  1 
ATOM   1067 C C   . SER A 1 136 ? 9.620   -7.780  -10.730 1.00 46.27 ? 179 SER A C   1 
ATOM   1068 O O   . SER A 1 136 ? 9.642   -6.942  -11.657 1.00 27.05 ? 179 SER A O   1 
ATOM   1069 C CB  . SER A 1 136 ? 8.160   -8.016  -8.679  1.00 45.23 ? 179 SER A CB  1 
ATOM   1070 O OG  . SER A 1 136 ? 7.003   -7.996  -9.495  1.00 45.18 ? 179 SER A OG  1 
ATOM   1071 O OXT . SER A 1 136 ? 9.843   -9.000  -10.892 1.00 48.12 ? 179 SER A OXT 1 
HETATM 1072 C C   . TRS B 2 .   ? 9.142   -3.844  8.670   1.00 27.84 ? 201 TRS A C   1 
HETATM 1073 C C1  . TRS B 2 .   ? 8.903   -4.692  9.959   1.00 27.86 ? 201 TRS A C1  1 
HETATM 1074 C C2  . TRS B 2 .   ? 9.814   -4.590  7.621   1.00 25.09 ? 201 TRS A C2  1 
HETATM 1075 C C3  . TRS B 2 .   ? 7.829   -3.143  8.182   1.00 24.81 ? 201 TRS A C3  1 
HETATM 1076 N N   . TRS B 2 .   ? 10.016  -2.790  8.882   1.00 31.68 ? 201 TRS A N   1 
HETATM 1077 O O1  . TRS B 2 .   ? 10.131  -5.363  10.371  1.00 29.39 ? 201 TRS A O1  1 
HETATM 1078 O O2  . TRS B 2 .   ? 9.087   -5.692  7.376   1.00 35.08 ? 201 TRS A O2  1 
HETATM 1079 O O3  . TRS B 2 .   ? 8.114   -2.348  7.010   1.00 19.06 ? 201 TRS A O3  1 
HETATM 1080 O O   . HOH C 3 .   ? 3.395   1.179   -1.867  1.00 11.64 ? 301 HOH A O   1 
HETATM 1081 O O   . HOH C 3 .   ? 4.674   4.238   3.060   1.00 15.13 ? 302 HOH A O   1 
HETATM 1082 O O   . HOH C 3 .   ? 4.014   5.959   5.215   1.00 14.58 ? 303 HOH A O   1 
HETATM 1083 O O   . HOH C 3 .   ? 9.517   -3.964  0.537   1.00 15.41 ? 304 HOH A O   1 
HETATM 1084 O O   . HOH C 3 .   ? 5.201   1.890   -8.045  1.00 24.37 ? 305 HOH A O   1 
HETATM 1085 O O   . HOH C 3 .   ? 6.611   4.584   -6.727  1.00 29.50 ? 306 HOH A O   1 
HETATM 1086 O O   . HOH C 3 .   ? 5.875   4.974   -4.213  1.00 19.84 ? 307 HOH A O   1 
HETATM 1087 O O   . HOH C 3 .   ? 3.882   8.094   -5.979  1.00 36.94 ? 308 HOH A O   1 
HETATM 1088 O O   . HOH C 3 .   ? -1.219  -12.526 2.559   1.00 15.10 ? 309 HOH A O   1 
HETATM 1089 O O   . HOH C 3 .   ? 3.386   -10.396 4.702   1.00 14.60 ? 310 HOH A O   1 
HETATM 1090 O O   . HOH C 3 .   ? 4.556   -8.598  6.134   1.00 19.98 ? 311 HOH A O   1 
HETATM 1091 O O   . HOH C 3 .   ? 7.068   -6.585  7.042   1.00 22.90 ? 312 HOH A O   1 
HETATM 1092 O O   . HOH C 3 .   ? 12.384  -5.455  8.180   1.00 26.98 ? 313 HOH A O   1 
HETATM 1093 O O   . HOH C 3 .   ? 12.978  -4.169  -1.404  1.00 22.71 ? 314 HOH A O   1 
HETATM 1094 O O   . HOH C 3 .   ? -8.101  -3.074  -7.045  1.00 21.52 ? 315 HOH A O   1 
HETATM 1095 O O   . HOH C 3 .   ? -10.576 -2.127  -6.090  1.00 28.98 ? 316 HOH A O   1 
HETATM 1096 O O   . HOH C 3 .   ? -10.614 -12.376 -5.810  1.00 41.22 ? 317 HOH A O   1 
HETATM 1097 O O   . HOH C 3 .   ? -6.982  -11.635 -5.590  1.00 26.66 ? 318 HOH A O   1 
HETATM 1098 O O   . HOH C 3 .   ? -3.362  -12.297 -0.563  1.00 19.82 ? 319 HOH A O   1 
HETATM 1099 O O   . HOH C 3 .   ? 9.125   -5.228  -6.027  1.00 24.18 ? 320 HOH A O   1 
HETATM 1100 O O   . HOH C 3 .   ? 8.313   -8.552  -4.392  1.00 32.54 ? 321 HOH A O   1 
HETATM 1101 O O   . HOH C 3 .   ? -5.461  -14.430 -4.255  1.00 30.26 ? 322 HOH A O   1 
HETATM 1102 O O   . HOH C 3 .   ? -5.190  -13.825 -1.808  1.00 30.89 ? 323 HOH A O   1 
HETATM 1103 O O   . HOH C 3 .   ? -2.581  -7.995  8.000   1.00 14.45 ? 324 HOH A O   1 
HETATM 1104 O O   . HOH C 3 .   ? -8.197  -5.403  6.549   1.00 28.12 ? 325 HOH A O   1 
HETATM 1105 O O   . HOH C 3 .   ? -9.351  -3.482  5.562   1.00 24.18 ? 326 HOH A O   1 
HETATM 1106 O O   . HOH C 3 .   ? 2.337   -11.354 11.447  1.00 20.51 ? 327 HOH A O   1 
HETATM 1107 O O   . HOH C 3 .   ? 5.833   -7.994  9.099   1.00 33.00 ? 328 HOH A O   1 
HETATM 1108 O O   . HOH C 3 .   ? -11.374 -0.820  5.030   1.00 24.64 ? 329 HOH A O   1 
HETATM 1109 O O   . HOH C 3 .   ? 0.621   -11.559 18.198  1.00 24.05 ? 330 HOH A O   1 
HETATM 1110 O O   . HOH C 3 .   ? 3.789   -3.850  19.665  1.00 21.21 ? 331 HOH A O   1 
HETATM 1111 O O   . HOH C 3 .   ? 3.267   -1.541  17.612  1.00 21.94 ? 332 HOH A O   1 
HETATM 1112 O O   . HOH C 3 .   ? 4.299   2.045   17.082  1.00 32.69 ? 333 HOH A O   1 
HETATM 1113 O O   . HOH C 3 .   ? -3.677  5.566   9.388   1.00 19.33 ? 334 HOH A O   1 
HETATM 1114 O O   . HOH C 3 .   ? -2.898  6.038   13.981  1.00 29.35 ? 335 HOH A O   1 
HETATM 1115 O O   . HOH C 3 .   ? -4.654  6.202   11.758  1.00 29.79 ? 336 HOH A O   1 
HETATM 1116 O O   . HOH C 3 .   ? -5.943  2.706   14.841  1.00 27.10 ? 337 HOH A O   1 
HETATM 1117 O O   . HOH C 3 .   ? 12.215  2.783   6.077   1.00 37.54 ? 338 HOH A O   1 
HETATM 1118 O O   . HOH C 3 .   ? 12.189  4.924   7.372   1.00 47.44 ? 339 HOH A O   1 
HETATM 1119 O O   . HOH C 3 .   ? 7.583   -10.283 -2.202  1.00 15.28 ? 340 HOH A O   1 
HETATM 1120 O O   . HOH C 3 .   ? -12.120 -1.000  -0.524  1.00 32.84 ? 341 HOH A O   1 
HETATM 1121 O O   . HOH C 3 .   ? 10.909  1.112   -7.100  1.00 51.07 ? 342 HOH A O   1 
HETATM 1122 O O   . HOH C 3 .   ? 1.593   11.483  6.241   1.00 31.81 ? 343 HOH A O   1 
HETATM 1123 O O   . HOH C 3 .   ? -7.741  -12.416 3.832   1.00 27.99 ? 344 HOH A O   1 
HETATM 1124 O O   . HOH C 3 .   ? -2.133  -0.631  23.483  1.00 40.21 ? 345 HOH A O   1 
HETATM 1125 O O   . HOH C 3 .   ? -7.839  6.827   -5.772  1.00 26.41 ? 346 HOH A O   1 
HETATM 1126 O O   . HOH C 3 .   ? -2.968  -4.601  17.534  1.00 19.15 ? 347 HOH A O   1 
HETATM 1127 O O   . HOH C 3 .   ? 4.349   -12.738 7.110   1.00 41.67 ? 348 HOH A O   1 
HETATM 1128 O O   . HOH C 3 .   ? -10.261 8.021   0.231   1.00 43.13 ? 349 HOH A O   1 
HETATM 1129 O O   . HOH C 3 .   ? 0.346   -10.575 -6.397  1.00 25.43 ? 350 HOH A O   1 
HETATM 1130 O O   . HOH C 3 .   ? -1.152  -14.770 -12.558 1.00 44.79 ? 351 HOH A O   1 
HETATM 1131 O O   . HOH C 3 .   ? -8.529  2.463   -11.888 1.00 29.16 ? 352 HOH A O   1 
HETATM 1132 O O   . HOH C 3 .   ? -15.262 5.501   7.984   1.00 39.25 ? 353 HOH A O   1 
HETATM 1133 O O   . HOH C 3 .   ? 10.850  -11.487 -0.101  1.00 30.71 ? 354 HOH A O   1 
HETATM 1134 O O   . HOH C 3 .   ? -14.482 -0.873  -3.350  1.00 36.76 ? 355 HOH A O   1 
HETATM 1135 O O   . HOH C 3 .   ? -6.779  7.663   15.324  1.00 46.77 ? 356 HOH A O   1 
HETATM 1136 O O   . HOH C 3 .   ? -10.156 11.724  -25.051 1.00 33.35 ? 357 HOH A O   1 
HETATM 1137 O O   . HOH C 3 .   ? -4.065  -2.306  23.917  1.00 38.50 ? 358 HOH A O   1 
HETATM 1138 O O   . HOH C 3 .   ? -8.000  -14.396 5.633   1.00 31.90 ? 359 HOH A O   1 
HETATM 1139 O O   . HOH C 3 .   ? -11.858 1.114   -8.950  1.00 25.60 ? 360 HOH A O   1 
HETATM 1140 O O   . HOH C 3 .   ? -4.284  -6.265  16.306  1.00 35.41 ? 361 HOH A O   1 
HETATM 1141 O O   . HOH C 3 .   ? 2.085   2.152   -15.257 1.00 53.29 ? 362 HOH A O   1 
HETATM 1142 O O   . HOH C 3 .   ? -9.323  10.435  13.739  1.00 29.84 ? 363 HOH A O   1 
HETATM 1143 O O   . HOH C 3 .   ? 4.735   -15.288 6.399   1.00 38.28 ? 364 HOH A O   1 
HETATM 1144 O O   . HOH C 3 .   ? 3.405   -1.034  -15.889 1.00 71.25 ? 365 HOH A O   1 
HETATM 1145 O O   . HOH C 3 .   ? 6.380   12.624  7.582   1.00 40.11 ? 366 HOH A O   1 
HETATM 1146 O O   . HOH C 3 .   ? -1.324  -7.082  15.321  1.00 37.26 ? 367 HOH A O   1 
HETATM 1147 O O   . HOH C 3 .   ? 10.012  -11.409 -2.489  1.00 33.76 ? 368 HOH A O   1 
HETATM 1148 O O   . HOH C 3 .   ? -7.544  11.987  2.327   1.00 40.56 ? 369 HOH A O   1 
HETATM 1149 O O   . HOH C 3 .   ? -10.185 -5.139  -1.114  1.00 40.50 ? 370 HOH A O   1 
HETATM 1150 O O   . HOH C 3 .   ? 15.165  2.412   -4.049  1.00 55.45 ? 371 HOH A O   1 
HETATM 1151 O O   . HOH C 3 .   ? 12.506  10.379  3.733   1.00 40.56 ? 372 HOH A O   1 
HETATM 1152 O O   . HOH C 3 .   ? -14.958 -1.750  -8.038  1.00 38.06 ? 373 HOH A O   1 
HETATM 1153 O O   . HOH C 3 .   ? 4.320   -12.763 10.740  1.00 53.16 ? 374 HOH A O   1 
HETATM 1154 O O   . HOH C 3 .   ? 2.043   -1.230  -18.988 1.00 43.82 ? 375 HOH A O   1 
HETATM 1155 O O   . HOH C 3 .   ? 10.722  2.566   17.025  1.00 66.90 ? 376 HOH A O   1 
HETATM 1156 O O   . HOH C 3 .   ? -11.101 -2.844  -10.300 1.00 32.81 ? 377 HOH A O   1 
HETATM 1157 O O   . HOH C 3 .   ? -11.560 -0.806  -12.110 1.00 42.20 ? 378 HOH A O   1 
HETATM 1158 O O   . HOH C 3 .   ? 8.678   -15.863 6.912   1.00 32.47 ? 379 HOH A O   1 
HETATM 1159 O O   . HOH C 3 .   ? 16.275  3.479   -6.846  1.00 61.20 ? 380 HOH A O   1 
HETATM 1160 O O   . HOH C 3 .   ? -10.647 -2.448  0.772   1.00 40.39 ? 381 HOH A O   1 
HETATM 1161 O O   . HOH C 3 .   ? -5.441  -3.949  21.855  1.00 37.52 ? 382 HOH A O   1 
HETATM 1162 O O   . HOH C 3 .   ? -12.223 -1.279  -8.067  1.00 27.82 ? 383 HOH A O   1 
HETATM 1163 O O   . HOH C 3 .   ? -10.575 -5.033  7.395   1.00 38.27 ? 384 HOH A O   1 
HETATM 1164 O O   . HOH C 3 .   ? 15.423  -2.525  0.586   1.00 47.97 ? 385 HOH A O   1 
HETATM 1165 O O   . HOH C 3 .   ? -10.229 -5.265  -4.334  1.00 37.02 ? 386 HOH A O   1 
HETATM 1166 O O   . HOH C 3 .   ? -9.816  -9.300  3.132   1.00 34.51 ? 387 HOH A O   1 
HETATM 1167 O O   . HOH C 3 .   ? -11.183 1.710   -11.629 1.00 41.19 ? 388 HOH A O   1 
HETATM 1168 O O   . HOH C 3 .   ? -9.632  8.446   -5.863  1.00 37.55 ? 389 HOH A O   1 
HETATM 1169 O O   . HOH C 3 .   ? 0.988   6.058   -9.662  1.00 33.21 ? 390 HOH A O   1 
HETATM 1170 O O   . HOH C 3 .   ? 13.167  16.079  -4.524  1.00 43.74 ? 391 HOH A O   1 
HETATM 1171 O O   . HOH C 3 .   ? -3.363  -6.584  14.095  1.00 41.60 ? 392 HOH A O   1 
HETATM 1172 O O   . HOH C 3 .   ? 12.164  -8.556  -13.130 1.00 57.98 ? 393 HOH A O   1 
HETATM 1173 O O   . HOH C 3 .   ? 2.396   14.225  -8.736  1.00 44.93 ? 394 HOH A O   1 
HETATM 1174 O O   . HOH C 3 .   ? -1.925  10.464  -1.200  1.00 34.50 ? 395 HOH A O   1 
HETATM 1175 O O   . HOH C 3 .   ? 13.829  8.593   7.034   1.00 67.95 ? 396 HOH A O   1 
HETATM 1176 O O   . HOH C 3 .   ? -1.651  -13.229 -10.289 1.00 33.44 ? 397 HOH A O   1 
HETATM 1177 O O   . HOH C 3 .   ? 8.754   -7.885  17.921  1.00 35.87 ? 398 HOH A O   1 
HETATM 1178 O O   . HOH C 3 .   ? -0.373  -14.558 9.406   1.00 39.76 ? 399 HOH A O   1 
HETATM 1179 O O   . HOH C 3 .   ? 11.998  -6.480  -15.616 1.00 48.03 ? 400 HOH A O   1 
HETATM 1180 O O   . HOH C 3 .   ? -1.474  18.107  -13.498 1.00 40.49 ? 401 HOH A O   1 
HETATM 1181 O O   . HOH C 3 .   ? 7.021   -10.989 19.985  1.00 33.66 ? 402 HOH A O   1 
HETATM 1182 O O   . HOH C 3 .   ? 3.301   -17.392 7.516   1.00 46.18 ? 403 HOH A O   1 
HETATM 1183 O O   . HOH C 3 .   ? 5.472   3.875   -17.306 1.00 59.05 ? 404 HOH A O   1 
HETATM 1184 O O   . HOH C 3 .   ? 2.194   -10.824 -14.241 1.00 57.33 ? 405 HOH A O   1 
HETATM 1185 O O   . HOH C 3 .   ? -11.073 -4.912  10.649  1.00 32.97 ? 406 HOH A O   1 
HETATM 1186 O O   . HOH C 3 .   ? 10.675  0.137   19.297  1.00 60.13 ? 407 HOH A O   1 
HETATM 1187 O O   . HOH C 3 .   ? -0.916  -0.573  -16.064 1.00 55.06 ? 408 HOH A O   1 
HETATM 1188 O O   . HOH C 3 .   ? 15.564  4.135   0.857   1.00 51.82 ? 409 HOH A O   1 
HETATM 1189 O O   . HOH C 3 .   ? 3.907   -9.662  -8.999  1.00 30.76 ? 410 HOH A O   1 
HETATM 1190 O O   . HOH C 3 .   ? 17.089  5.747   -1.759  1.00 43.81 ? 411 HOH A O   1 
HETATM 1191 O O   . HOH C 3 .   ? -6.708  11.236  7.356   1.00 37.73 ? 412 HOH A O   1 
HETATM 1192 O O   . HOH C 3 .   ? 16.101  7.980   5.915   1.00 53.05 ? 413 HOH A O   1 
HETATM 1193 O O   . HOH C 3 .   ? -7.570  -2.290  22.130  1.00 47.94 ? 414 HOH A O   1 
HETATM 1194 O O   . HOH C 3 .   ? -4.198  12.379  5.852   1.00 38.26 ? 415 HOH A O   1 
HETATM 1195 O O   . HOH C 3 .   ? -4.350  13.223  -8.199  1.00 36.95 ? 416 HOH A O   1 
HETATM 1196 O O   . HOH C 3 .   ? 1.470   -17.644 9.562   1.00 55.44 ? 417 HOH A O   1 
HETATM 1197 O O   . HOH C 3 .   ? 1.952   -0.874  22.428  1.00 36.15 ? 418 HOH A O   1 
HETATM 1198 O O   . HOH C 3 .   ? -1.098  0.553   25.409  1.00 47.88 ? 419 HOH A O   1 
HETATM 1199 O O   . HOH C 3 .   ? -5.705  -15.661 9.414   1.00 52.60 ? 420 HOH A O   1 
HETATM 1200 O O   . HOH C 3 .   ? 21.390  2.082   7.026   1.00 53.02 ? 421 HOH A O   1 
HETATM 1201 O O   . HOH C 3 .   ? 3.015   -11.455 -7.227  1.00 40.25 ? 422 HOH A O   1 
HETATM 1202 O O   . HOH C 3 .   ? -13.074 -5.216  -2.726  1.00 56.57 ? 423 HOH A O   1 
HETATM 1203 O O   . HOH C 3 .   ? -8.450  13.854  -23.741 1.00 44.64 ? 424 HOH A O   1 
HETATM 1204 O O   . HOH C 3 .   ? -16.989 -4.118  -9.267  1.00 50.98 ? 425 HOH A O   1 
HETATM 1205 O O   . HOH C 3 .   ? 24.741  0.597   12.031  1.00 56.26 ? 426 HOH A O   1 
HETATM 1206 O O   . HOH C 3 .   ? -1.646  8.059   -2.291  1.00 36.28 ? 427 HOH A O   1 
HETATM 1207 O O   . HOH C 3 .   ? -8.578  -3.811  14.729  1.00 37.19 ? 428 HOH A O   1 
HETATM 1208 O O   . HOH C 3 .   ? 9.532   -0.867  -9.167  1.00 45.83 ? 429 HOH A O   1 
HETATM 1209 O O   . HOH C 3 .   ? 2.447   1.048   20.745  1.00 46.51 ? 430 HOH A O   1 
HETATM 1210 O O   . HOH C 3 .   ? -5.599  -6.799  10.074  1.00 41.29 ? 431 HOH A O   1 
HETATM 1211 O O   . HOH C 3 .   ? 14.629  -4.964  -15.971 1.00 44.01 ? 432 HOH A O   1 
HETATM 1212 O O   . HOH C 3 .   ? -6.916  -13.692 7.860   1.00 34.16 ? 433 HOH A O   1 
HETATM 1213 O O   . HOH C 3 .   ? -6.315  9.811   -15.520 1.00 45.20 ? 434 HOH A O   1 
HETATM 1214 O O   . HOH C 3 .   ? -9.070  -5.326  12.347  1.00 40.52 ? 435 HOH A O   1 
HETATM 1215 O O   . HOH C 3 .   ? -14.359 11.898  -14.778 1.00 18.10 ? 436 HOH A O   1 
HETATM 1216 O O   . HOH C 3 .   ? -8.549  -4.929  9.727   1.00 48.92 ? 437 HOH A O   1 
HETATM 1217 O O   . HOH C 3 .   ? 8.331   7.548   -6.484  1.00 46.87 ? 438 HOH A O   1 
HETATM 1218 O O   . HOH C 3 .   ? -2.163  -11.198 13.041  1.00 48.98 ? 439 HOH A O   1 
HETATM 1219 O O   . HOH C 3 .   ? -15.430 -9.636  -15.587 1.00 55.29 ? 440 HOH A O   1 
HETATM 1220 O O   . HOH C 3 .   ? -8.833  17.634  -22.689 1.00 47.72 ? 441 HOH A O   1 
HETATM 1221 O O   . HOH C 3 .   ? 2.853   9.747   3.728   1.00 37.44 ? 442 HOH A O   1 
HETATM 1222 O O   . HOH C 3 .   ? 15.321  1.108   -8.925  1.00 46.35 ? 443 HOH A O   1 
HETATM 1223 O O   . HOH C 3 .   ? 19.336  0.309   10.948  1.00 62.65 ? 444 HOH A O   1 
HETATM 1224 O O   . HOH C 3 .   ? 17.013  9.894   -5.142  1.00 48.72 ? 445 HOH A O   1 
HETATM 1225 O O   . HOH C 3 .   ? 1.025   12.394  8.535   1.00 50.06 ? 446 HOH A O   1 
HETATM 1226 O O   . HOH C 3 .   ? -1.161  9.748   -16.247 1.00 54.26 ? 447 HOH A O   1 
HETATM 1227 O O   . HOH C 3 .   ? -11.555 -0.318  -15.446 1.00 54.40 ? 448 HOH A O   1 
HETATM 1228 O O   . HOH C 3 .   ? 4.445   7.036   -3.616  1.00 24.53 ? 449 HOH A O   1 
HETATM 1229 O O   . HOH C 3 .   ? -1.819  7.009   -4.458  1.00 49.00 ? 450 HOH A O   1 
HETATM 1230 O O   . HOH C 3 .   ? 10.496  6.038   -6.929  1.00 36.07 ? 451 HOH A O   1 
HETATM 1231 O O   . HOH C 3 .   ? 1.597   7.810   -11.426 1.00 45.85 ? 452 HOH A O   1 
HETATM 1232 O O   . HOH C 3 .   ? -9.635  12.785  14.283  1.00 38.37 ? 453 HOH A O   1 
HETATM 1233 O O   . HOH C 3 .   ? -8.613  6.385   16.242  1.00 37.83 ? 454 HOH A O   1 
HETATM 1234 O O   . HOH C 3 .   ? 1.858   7.318   -4.495  1.00 39.25 ? 455 HOH A O   1 
HETATM 1235 O O   . HOH C 3 .   ? 10.976  -9.328  -4.579  1.00 34.15 ? 456 HOH A O   1 
HETATM 1236 O O   . HOH C 3 .   ? 11.505  -6.302  -6.629  1.00 36.52 ? 457 HOH A O   1 
# 
loop_
_pdbx_poly_seq_scheme.asym_id 
_pdbx_poly_seq_scheme.entity_id 
_pdbx_poly_seq_scheme.seq_id 
_pdbx_poly_seq_scheme.mon_id 
_pdbx_poly_seq_scheme.ndb_seq_num 
_pdbx_poly_seq_scheme.pdb_seq_num 
_pdbx_poly_seq_scheme.auth_seq_num 
_pdbx_poly_seq_scheme.pdb_mon_id 
_pdbx_poly_seq_scheme.auth_mon_id 
_pdbx_poly_seq_scheme.pdb_strand_id 
_pdbx_poly_seq_scheme.pdb_ins_code 
_pdbx_poly_seq_scheme.hetero 
A 1 1   GLU 1   44  44  GLU GLU A . n 
A 1 2   PHE 2   45  45  PHE PHE A . n 
A 1 3   ASN 3   46  46  ASN ASN A . n 
A 1 4   VAL 4   47  47  VAL VAL A . n 
A 1 5   VAL 5   48  48  VAL VAL A . n 
A 1 6   PRO 6   49  49  PRO PRO A . n 
A 1 7   TYR 7   50  50  TYR TYR A . n 
A 1 8   TYR 8   51  51  TYR TYR A . n 
A 1 9   SER 9   52  52  SER SER A . n 
A 1 10  TRP 10  53  53  TRP TRP A . n 
A 1 11  PHE 11  54  54  PHE PHE A . n 
A 1 12  SER 12  55  55  SER SER A . n 
A 1 13  GLY 13  56  56  GLY GLY A . n 
A 1 14  ILE 14  57  57  ILE ILE A . n 
A 1 15  THR 15  58  58  THR THR A . n 
A 1 16  GLN 16  59  59  GLN GLN A . n 
A 1 17  PHE 17  60  60  PHE PHE A . n 
A 1 18  GLN 18  61  61  GLN GLN A . n 
A 1 19  LYS 19  62  62  LYS LYS A . n 
A 1 20  GLY 20  63  63  GLY GLY A . n 
A 1 21  LYS 21  64  64  LYS LYS A . n 
A 1 22  GLU 22  65  65  GLU GLU A . n 
A 1 23  PHE 23  66  66  PHE PHE A . n 
A 1 24  GLU 24  67  67  GLU GLU A . n 
A 1 25  PHE 25  68  68  PHE PHE A . n 
A 1 26  VAL 26  69  69  VAL VAL A . n 
A 1 27  GLU 27  70  70  GLU GLU A . n 
A 1 28  GLY 28  71  71  GLY GLY A . n 
A 1 29  GLN 29  72  72  GLN GLN A . n 
A 1 30  GLY 30  73  73  GLY GLY A . n 
A 1 31  VAL 31  74  74  VAL VAL A . n 
A 1 32  PRO 32  75  75  PRO PRO A . n 
A 1 33  ILE 33  76  76  ILE ILE A . n 
A 1 34  ALA 34  77  77  ALA ALA A . n 
A 1 35  PRO 35  78  78  PRO PRO A . n 
A 1 36  GLY 36  79  79  GLY GLY A . n 
A 1 37  VAL 37  80  80  VAL VAL A . n 
A 1 38  PRO 38  81  81  PRO PRO A . n 
A 1 39  ALA 39  82  82  ALA ALA A . n 
A 1 40  THR 40  83  83  THR THR A . n 
A 1 41  GLU 41  84  84  GLU GLU A . n 
A 1 42  ALA 42  85  85  ALA ALA A . n 
A 1 43  LYS 43  86  86  LYS LYS A . n 
A 1 44  GLY 44  87  87  GLY GLY A . n 
A 1 45  TYR 45  88  88  TYR TYR A . n 
A 1 46  TRP 46  89  89  TRP TRP A . n 
A 1 47  TYR 47  90  90  TYR TYR A . n 
A 1 48  ARG 48  91  91  ARG ARG A . n 
A 1 49  HIS 49  92  92  HIS HIS A . n 
A 1 50  ASN 50  93  93  ASN ASN A . n 
A 1 51  ARG 51  94  94  ARG ARG A . n 
A 1 52  ARG 52  95  95  ARG ARG A . n 
A 1 53  SER 53  96  96  SER SER A . n 
A 1 54  PHE 54  97  97  PHE PHE A . n 
A 1 55  LYS 55  98  98  LYS LYS A . n 
A 1 56  THR 56  99  99  THR THR A . n 
A 1 57  ALA 57  100 100 ALA ALA A . n 
A 1 58  ASP 58  101 101 ASP ASP A . n 
A 1 59  GLY 59  102 102 GLY GLY A . n 
A 1 60  ASN 60  103 ?   ?   ?   A . n 
A 1 61  GLN 61  104 ?   ?   ?   A . n 
A 1 62  ARG 62  105 ?   ?   ?   A . n 
A 1 63  GLN 63  106 106 GLN GLN A . n 
A 1 64  LEU 64  107 107 LEU LEU A . n 
A 1 65  LEU 65  108 108 LEU LEU A . n 
A 1 66  PRO 66  109 109 PRO PRO A . n 
A 1 67  ARG 67  110 110 ARG ARG A . n 
A 1 68  TRP 68  111 111 TRP TRP A . n 
A 1 69  TYR 69  112 112 TYR TYR A . n 
A 1 70  PHE 70  113 113 PHE PHE A . n 
A 1 71  TYR 71  114 114 TYR TYR A . n 
A 1 72  TYR 72  115 115 TYR TYR A . n 
A 1 73  LEU 73  116 116 LEU LEU A . n 
A 1 74  GLY 74  117 117 GLY GLY A . n 
A 1 75  THR 75  118 118 THR THR A . n 
A 1 76  GLY 76  119 119 GLY GLY A . n 
A 1 77  PRO 77  120 120 PRO PRO A . n 
A 1 78  HIS 78  121 121 HIS HIS A . n 
A 1 79  ALA 79  122 122 ALA ALA A . n 
A 1 80  LYS 80  123 123 LYS LYS A . n 
A 1 81  ASP 81  124 124 ASP ASP A . n 
A 1 82  GLN 82  125 125 GLN GLN A . n 
A 1 83  TYR 83  126 126 TYR TYR A . n 
A 1 84  GLY 84  127 127 GLY GLY A . n 
A 1 85  THR 85  128 128 THR THR A . n 
A 1 86  ASP 86  129 129 ASP ASP A . n 
A 1 87  ILE 87  130 130 ILE ILE A . n 
A 1 88  ASP 88  131 131 ASP ASP A . n 
A 1 89  GLY 89  132 132 GLY GLY A . n 
A 1 90  VAL 90  133 133 VAL VAL A . n 
A 1 91  TYR 91  134 134 TYR TYR A . n 
A 1 92  TRP 92  135 135 TRP TRP A . n 
A 1 93  VAL 93  136 136 VAL VAL A . n 
A 1 94  ALA 94  137 137 ALA ALA A . n 
A 1 95  SER 95  138 138 SER SER A . n 
A 1 96  ASN 96  139 139 ASN ASN A . n 
A 1 97  GLN 97  140 140 GLN GLN A . n 
A 1 98  ALA 98  141 141 ALA ALA A . n 
A 1 99  ASP 99  142 142 ASP ASP A . n 
A 1 100 VAL 100 143 143 VAL VAL A . n 
A 1 101 ASN 101 144 144 ASN ASN A . n 
A 1 102 THR 102 145 145 THR THR A . n 
A 1 103 PRO 103 146 146 PRO PRO A . n 
A 1 104 ALA 104 147 147 ALA ALA A . n 
A 1 105 ASP 105 148 148 ASP ASP A . n 
A 1 106 ILE 106 149 149 ILE ILE A . n 
A 1 107 VAL 107 150 150 VAL VAL A . n 
A 1 108 ASP 108 151 151 ASP ASP A . n 
A 1 109 ARG 109 152 152 ARG ARG A . n 
A 1 110 ASP 110 153 153 ASP ASP A . n 
A 1 111 PRO 111 154 154 PRO PRO A . n 
A 1 112 SER 112 155 155 SER SER A . n 
A 1 113 SER 113 156 156 SER SER A . n 
A 1 114 ASP 114 157 157 ASP ASP A . n 
A 1 115 GLU 115 158 158 GLU GLU A . n 
A 1 116 ALA 116 159 159 ALA ALA A . n 
A 1 117 ILE 117 160 160 ILE ILE A . n 
A 1 118 PRO 118 161 161 PRO PRO A . n 
A 1 119 THR 119 162 162 THR THR A . n 
A 1 120 ARG 120 163 163 ARG ARG A . n 
A 1 121 PHE 121 164 164 PHE PHE A . n 
A 1 122 PRO 122 165 165 PRO PRO A . n 
A 1 123 PRO 123 166 166 PRO PRO A . n 
A 1 124 GLY 124 167 167 GLY GLY A . n 
A 1 125 THR 125 168 168 THR THR A . n 
A 1 126 VAL 126 169 169 VAL VAL A . n 
A 1 127 LEU 127 170 170 LEU LEU A . n 
A 1 128 PRO 128 171 171 PRO PRO A . n 
A 1 129 GLN 129 172 172 GLN GLN A . n 
A 1 130 GLY 130 173 173 GLY GLY A . n 
A 1 131 TYR 131 174 174 TYR TYR A . n 
A 1 132 TYR 132 175 175 TYR TYR A . n 
A 1 133 ILE 133 176 176 ILE ILE A . n 
A 1 134 GLU 134 177 177 GLU GLU A . n 
A 1 135 GLY 135 178 178 GLY GLY A . n 
A 1 136 SER 136 179 179 SER SER A . n 
# 
loop_
_pdbx_nonpoly_scheme.asym_id 
_pdbx_nonpoly_scheme.entity_id 
_pdbx_nonpoly_scheme.mon_id 
_pdbx_nonpoly_scheme.ndb_seq_num 
_pdbx_nonpoly_scheme.pdb_seq_num 
_pdbx_nonpoly_scheme.auth_seq_num 
_pdbx_nonpoly_scheme.pdb_mon_id 
_pdbx_nonpoly_scheme.auth_mon_id 
_pdbx_nonpoly_scheme.pdb_strand_id 
_pdbx_nonpoly_scheme.pdb_ins_code 
B 2 TRS 1   201 359 TRS MOL A . 
C 3 HOH 1   301 201 HOH HOH A . 
C 3 HOH 2   302 202 HOH HOH A . 
C 3 HOH 3   303 203 HOH HOH A . 
C 3 HOH 4   304 204 HOH HOH A . 
C 3 HOH 5   305 205 HOH HOH A . 
C 3 HOH 6   306 206 HOH HOH A . 
C 3 HOH 7   307 207 HOH HOH A . 
C 3 HOH 8   308 208 HOH HOH A . 
C 3 HOH 9   309 209 HOH HOH A . 
C 3 HOH 10  310 210 HOH HOH A . 
C 3 HOH 11  311 211 HOH HOH A . 
C 3 HOH 12  312 212 HOH HOH A . 
C 3 HOH 13  313 213 HOH HOH A . 
C 3 HOH 14  314 214 HOH HOH A . 
C 3 HOH 15  315 215 HOH HOH A . 
C 3 HOH 16  316 216 HOH HOH A . 
C 3 HOH 17  317 217 HOH HOH A . 
C 3 HOH 18  318 218 HOH HOH A . 
C 3 HOH 19  319 219 HOH HOH A . 
C 3 HOH 20  320 220 HOH HOH A . 
C 3 HOH 21  321 221 HOH HOH A . 
C 3 HOH 22  322 222 HOH HOH A . 
C 3 HOH 23  323 223 HOH HOH A . 
C 3 HOH 24  324 224 HOH HOH A . 
C 3 HOH 25  325 225 HOH HOH A . 
C 3 HOH 26  326 226 HOH HOH A . 
C 3 HOH 27  327 227 HOH HOH A . 
C 3 HOH 28  328 228 HOH HOH A . 
C 3 HOH 29  329 229 HOH HOH A . 
C 3 HOH 30  330 230 HOH HOH A . 
C 3 HOH 31  331 231 HOH HOH A . 
C 3 HOH 32  332 232 HOH HOH A . 
C 3 HOH 33  333 233 HOH HOH A . 
C 3 HOH 34  334 234 HOH HOH A . 
C 3 HOH 35  335 235 HOH HOH A . 
C 3 HOH 36  336 236 HOH HOH A . 
C 3 HOH 37  337 237 HOH HOH A . 
C 3 HOH 38  338 238 HOH HOH A . 
C 3 HOH 39  339 239 HOH HOH A . 
C 3 HOH 40  340 240 HOH HOH A . 
C 3 HOH 41  341 241 HOH HOH A . 
C 3 HOH 42  342 242 HOH HOH A . 
C 3 HOH 43  343 243 HOH HOH A . 
C 3 HOH 44  344 244 HOH HOH A . 
C 3 HOH 45  345 245 HOH HOH A . 
C 3 HOH 46  346 246 HOH HOH A . 
C 3 HOH 47  347 247 HOH HOH A . 
C 3 HOH 48  348 248 HOH HOH A . 
C 3 HOH 49  349 249 HOH HOH A . 
C 3 HOH 50  350 250 HOH HOH A . 
C 3 HOH 51  351 251 HOH HOH A . 
C 3 HOH 52  352 252 HOH HOH A . 
C 3 HOH 53  353 253 HOH HOH A . 
C 3 HOH 54  354 254 HOH HOH A . 
C 3 HOH 55  355 255 HOH HOH A . 
C 3 HOH 56  356 256 HOH HOH A . 
C 3 HOH 57  357 257 HOH HOH A . 
C 3 HOH 58  358 258 HOH HOH A . 
C 3 HOH 59  359 259 HOH HOH A . 
C 3 HOH 60  360 260 HOH HOH A . 
C 3 HOH 61  361 261 HOH HOH A . 
C 3 HOH 62  362 262 HOH HOH A . 
C 3 HOH 63  363 263 HOH HOH A . 
C 3 HOH 64  364 264 HOH HOH A . 
C 3 HOH 65  365 265 HOH HOH A . 
C 3 HOH 66  366 266 HOH HOH A . 
C 3 HOH 67  367 267 HOH HOH A . 
C 3 HOH 68  368 268 HOH HOH A . 
C 3 HOH 69  369 269 HOH HOH A . 
C 3 HOH 70  370 270 HOH HOH A . 
C 3 HOH 71  371 271 HOH HOH A . 
C 3 HOH 72  372 272 HOH HOH A . 
C 3 HOH 73  373 273 HOH HOH A . 
C 3 HOH 74  374 274 HOH HOH A . 
C 3 HOH 75  375 275 HOH HOH A . 
C 3 HOH 76  376 276 HOH HOH A . 
C 3 HOH 77  377 277 HOH HOH A . 
C 3 HOH 78  378 278 HOH HOH A . 
C 3 HOH 79  379 279 HOH HOH A . 
C 3 HOH 80  380 280 HOH HOH A . 
C 3 HOH 81  381 281 HOH HOH A . 
C 3 HOH 82  382 282 HOH HOH A . 
C 3 HOH 83  383 283 HOH HOH A . 
C 3 HOH 84  384 284 HOH HOH A . 
C 3 HOH 85  385 285 HOH HOH A . 
C 3 HOH 86  386 286 HOH HOH A . 
C 3 HOH 87  387 287 HOH HOH A . 
C 3 HOH 88  388 288 HOH HOH A . 
C 3 HOH 89  389 289 HOH HOH A . 
C 3 HOH 90  390 290 HOH HOH A . 
C 3 HOH 91  391 291 HOH HOH A . 
C 3 HOH 92  392 292 HOH HOH A . 
C 3 HOH 93  393 293 HOH HOH A . 
C 3 HOH 94  394 294 HOH HOH A . 
C 3 HOH 95  395 295 HOH HOH A . 
C 3 HOH 96  396 296 HOH HOH A . 
C 3 HOH 97  397 297 HOH HOH A . 
C 3 HOH 98  398 298 HOH HOH A . 
C 3 HOH 99  399 299 HOH HOH A . 
C 3 HOH 100 400 300 HOH HOH A . 
C 3 HOH 101 401 301 HOH HOH A . 
C 3 HOH 102 402 302 HOH HOH A . 
C 3 HOH 103 403 303 HOH HOH A . 
C 3 HOH 104 404 304 HOH HOH A . 
C 3 HOH 105 405 305 HOH HOH A . 
C 3 HOH 106 406 306 HOH HOH A . 
C 3 HOH 107 407 307 HOH HOH A . 
C 3 HOH 108 408 308 HOH HOH A . 
C 3 HOH 109 409 309 HOH HOH A . 
C 3 HOH 110 410 310 HOH HOH A . 
C 3 HOH 111 411 311 HOH HOH A . 
C 3 HOH 112 412 312 HOH HOH A . 
C 3 HOH 113 413 313 HOH HOH A . 
C 3 HOH 114 414 314 HOH HOH A . 
C 3 HOH 115 415 315 HOH HOH A . 
C 3 HOH 116 416 316 HOH HOH A . 
C 3 HOH 117 417 317 HOH HOH A . 
C 3 HOH 118 418 318 HOH HOH A . 
C 3 HOH 119 419 319 HOH HOH A . 
C 3 HOH 120 420 320 HOH HOH A . 
C 3 HOH 121 421 321 HOH HOH A . 
C 3 HOH 122 422 322 HOH HOH A . 
C 3 HOH 123 423 323 HOH HOH A . 
C 3 HOH 124 424 324 HOH HOH A . 
C 3 HOH 125 425 325 HOH HOH A . 
C 3 HOH 126 426 326 HOH HOH A . 
C 3 HOH 127 427 327 HOH HOH A . 
C 3 HOH 128 428 328 HOH HOH A . 
C 3 HOH 129 429 329 HOH HOH A . 
C 3 HOH 130 430 330 HOH HOH A . 
C 3 HOH 131 431 331 HOH HOH A . 
C 3 HOH 132 432 332 HOH HOH A . 
C 3 HOH 133 433 333 HOH HOH A . 
C 3 HOH 134 434 334 HOH HOH A . 
C 3 HOH 135 435 335 HOH HOH A . 
C 3 HOH 136 436 336 HOH HOH A . 
C 3 HOH 137 437 337 HOH HOH A . 
C 3 HOH 138 438 338 HOH HOH A . 
C 3 HOH 139 439 339 HOH HOH A . 
C 3 HOH 140 440 340 HOH HOH A . 
C 3 HOH 141 441 341 HOH HOH A . 
C 3 HOH 142 442 342 HOH HOH A . 
C 3 HOH 143 443 343 HOH HOH A . 
C 3 HOH 144 444 344 HOH HOH A . 
C 3 HOH 145 445 345 HOH HOH A . 
C 3 HOH 146 446 346 HOH HOH A . 
C 3 HOH 147 447 347 HOH HOH A . 
C 3 HOH 148 448 348 HOH HOH A . 
C 3 HOH 149 449 349 HOH HOH A . 
C 3 HOH 150 450 350 HOH HOH A . 
C 3 HOH 151 451 352 HOH HOH A . 
C 3 HOH 152 452 353 HOH HOH A . 
C 3 HOH 153 453 354 HOH HOH A . 
C 3 HOH 154 454 355 HOH HOH A . 
C 3 HOH 155 455 356 HOH HOH A . 
C 3 HOH 156 456 357 HOH HOH A . 
C 3 HOH 157 457 358 HOH HOH A . 
# 
_pdbx_struct_assembly.id                   1 
_pdbx_struct_assembly.details              author_and_software_defined_assembly 
_pdbx_struct_assembly.method_details       PISA 
_pdbx_struct_assembly.oligomeric_details   monomeric 
_pdbx_struct_assembly.oligomeric_count     1 
# 
_pdbx_struct_assembly_gen.assembly_id       1 
_pdbx_struct_assembly_gen.oper_expression   1 
_pdbx_struct_assembly_gen.asym_id_list      A,B,C 
# 
_pdbx_struct_oper_list.id                   1 
_pdbx_struct_oper_list.type                 'identity operation' 
_pdbx_struct_oper_list.name                 1_555 
_pdbx_struct_oper_list.symmetry_operation   x,y,z 
_pdbx_struct_oper_list.matrix[1][1]         1.0000000000 
_pdbx_struct_oper_list.matrix[1][2]         0.0000000000 
_pdbx_struct_oper_list.matrix[1][3]         0.0000000000 
_pdbx_struct_oper_list.vector[1]            0.0000000000 
_pdbx_struct_oper_list.matrix[2][1]         0.0000000000 
_pdbx_struct_oper_list.matrix[2][2]         1.0000000000 
_pdbx_struct_oper_list.matrix[2][3]         0.0000000000 
_pdbx_struct_oper_list.vector[2]            0.0000000000 
_pdbx_struct_oper_list.matrix[3][1]         0.0000000000 
_pdbx_struct_oper_list.matrix[3][2]         0.0000000000 
_pdbx_struct_oper_list.matrix[3][3]         1.0000000000 
_pdbx_struct_oper_list.vector[3]            0.0000000000 
# 
loop_
_pdbx_audit_revision_history.ordinal 
_pdbx_audit_revision_history.data_content_type 
_pdbx_audit_revision_history.major_revision 
_pdbx_audit_revision_history.minor_revision 
_pdbx_audit_revision_history.revision_date 
1 'Structure model' 1 0 2013-05-08 
2 'Structure model' 1 1 2013-07-10 
3 'Structure model' 1 2 2023-11-08 
# 
_pdbx_audit_revision_details.ordinal             1 
_pdbx_audit_revision_details.revision_ordinal    1 
_pdbx_audit_revision_details.data_content_type   'Structure model' 
_pdbx_audit_revision_details.provider            repository 
_pdbx_audit_revision_details.type                'Initial release' 
_pdbx_audit_revision_details.description         ? 
_pdbx_audit_revision_details.details             ? 
# 
loop_
_pdbx_audit_revision_group.ordinal 
_pdbx_audit_revision_group.revision_ordinal 
_pdbx_audit_revision_group.data_content_type 
_pdbx_audit_revision_group.group 
1 2 'Structure model' 'Database references'    
2 3 'Structure model' 'Data collection'        
3 3 'Structure model' 'Database references'    
4 3 'Structure model' 'Derived calculations'   
5 3 'Structure model' 'Refinement description' 
# 
loop_
_pdbx_audit_revision_category.ordinal 
_pdbx_audit_revision_category.revision_ordinal 
_pdbx_audit_revision_category.data_content_type 
_pdbx_audit_revision_category.category 
1 3 'Structure model' chem_comp_atom                
2 3 'Structure model' chem_comp_bond                
3 3 'Structure model' database_2                    
4 3 'Structure model' pdbx_initial_refinement_model 
5 3 'Structure model' struct_ref_seq_dif            
6 3 'Structure model' struct_site                   
# 
loop_
_pdbx_audit_revision_item.ordinal 
_pdbx_audit_revision_item.revision_ordinal 
_pdbx_audit_revision_item.data_content_type 
_pdbx_audit_revision_item.item 
1 3 'Structure model' '_database_2.pdbx_DOI'                
2 3 'Structure model' '_database_2.pdbx_database_accession' 
3 3 'Structure model' '_struct_ref_seq_dif.details'         
4 3 'Structure model' '_struct_site.pdbx_auth_asym_id'      
5 3 'Structure model' '_struct_site.pdbx_auth_comp_id'      
6 3 'Structure model' '_struct_site.pdbx_auth_seq_id'       
# 
loop_
_software.name 
_software.classification 
_software.version 
_software.citation_id 
_software.pdbx_ordinal 
HKL-2000 'data collection' . ? 1 
MOLREP   phasing           . ? 2 
CNS      refinement        . ? 3 
HKL-2000 'data reduction'  . ? 4 
HKL-2000 'data scaling'    . ? 5 
# 
_pdbx_validate_rmsd_angle.id                         1 
_pdbx_validate_rmsd_angle.PDB_model_num              1 
_pdbx_validate_rmsd_angle.auth_atom_id_1             NE 
_pdbx_validate_rmsd_angle.auth_asym_id_1             A 
_pdbx_validate_rmsd_angle.auth_comp_id_1             ARG 
_pdbx_validate_rmsd_angle.auth_seq_id_1              95 
_pdbx_validate_rmsd_angle.PDB_ins_code_1             ? 
_pdbx_validate_rmsd_angle.label_alt_id_1             ? 
_pdbx_validate_rmsd_angle.auth_atom_id_2             CZ 
_pdbx_validate_rmsd_angle.auth_asym_id_2             A 
_pdbx_validate_rmsd_angle.auth_comp_id_2             ARG 
_pdbx_validate_rmsd_angle.auth_seq_id_2              95 
_pdbx_validate_rmsd_angle.PDB_ins_code_2             ? 
_pdbx_validate_rmsd_angle.label_alt_id_2             ? 
_pdbx_validate_rmsd_angle.auth_atom_id_3             NH2 
_pdbx_validate_rmsd_angle.auth_asym_id_3             A 
_pdbx_validate_rmsd_angle.auth_comp_id_3             ARG 
_pdbx_validate_rmsd_angle.auth_seq_id_3              95 
_pdbx_validate_rmsd_angle.PDB_ins_code_3             ? 
_pdbx_validate_rmsd_angle.label_alt_id_3             ? 
_pdbx_validate_rmsd_angle.angle_value                116.77 
_pdbx_validate_rmsd_angle.angle_target_value         120.30 
_pdbx_validate_rmsd_angle.angle_deviation            -3.53 
_pdbx_validate_rmsd_angle.angle_standard_deviation   0.50 
_pdbx_validate_rmsd_angle.linker_flag                N 
# 
loop_
_pdbx_validate_torsion.id 
_pdbx_validate_torsion.PDB_model_num 
_pdbx_validate_torsion.auth_comp_id 
_pdbx_validate_torsion.auth_asym_id 
_pdbx_validate_torsion.auth_seq_id 
_pdbx_validate_torsion.PDB_ins_code 
_pdbx_validate_torsion.label_alt_id 
_pdbx_validate_torsion.phi 
_pdbx_validate_torsion.psi 
1 1 ARG A 95  ? ? 36.73  124.40  
2 1 ASP A 101 ? ? -86.09 -118.92 
3 1 ASP A 153 ? ? 100.32 168.04  
4 1 PRO A 154 ? ? -54.14 -129.99 
5 1 SER A 155 ? ? -78.48 27.60   
# 
loop_
_pdbx_unobs_or_zero_occ_residues.id 
_pdbx_unobs_or_zero_occ_residues.PDB_model_num 
_pdbx_unobs_or_zero_occ_residues.polymer_flag 
_pdbx_unobs_or_zero_occ_residues.occupancy_flag 
_pdbx_unobs_or_zero_occ_residues.auth_asym_id 
_pdbx_unobs_or_zero_occ_residues.auth_comp_id 
_pdbx_unobs_or_zero_occ_residues.auth_seq_id 
_pdbx_unobs_or_zero_occ_residues.PDB_ins_code 
_pdbx_unobs_or_zero_occ_residues.label_asym_id 
_pdbx_unobs_or_zero_occ_residues.label_comp_id 
_pdbx_unobs_or_zero_occ_residues.label_seq_id 
1 1 Y 1 A ASN 103 ? A ASN 60 
2 1 Y 1 A GLN 104 ? A GLN 61 
3 1 Y 1 A ARG 105 ? A ARG 62 
# 
loop_
_chem_comp_atom.comp_id 
_chem_comp_atom.atom_id 
_chem_comp_atom.type_symbol 
_chem_comp_atom.pdbx_aromatic_flag 
_chem_comp_atom.pdbx_stereo_config 
_chem_comp_atom.pdbx_ordinal 
ALA N    N N N 1   
ALA CA   C N S 2   
ALA C    C N N 3   
ALA O    O N N 4   
ALA CB   C N N 5   
ALA OXT  O N N 6   
ALA H    H N N 7   
ALA H2   H N N 8   
ALA HA   H N N 9   
ALA HB1  H N N 10  
ALA HB2  H N N 11  
ALA HB3  H N N 12  
ALA HXT  H N N 13  
ARG N    N N N 14  
ARG CA   C N S 15  
ARG C    C N N 16  
ARG O    O N N 17  
ARG CB   C N N 18  
ARG CG   C N N 19  
ARG CD   C N N 20  
ARG NE   N N N 21  
ARG CZ   C N N 22  
ARG NH1  N N N 23  
ARG NH2  N N N 24  
ARG OXT  O N N 25  
ARG H    H N N 26  
ARG H2   H N N 27  
ARG HA   H N N 28  
ARG HB2  H N N 29  
ARG HB3  H N N 30  
ARG HG2  H N N 31  
ARG HG3  H N N 32  
ARG HD2  H N N 33  
ARG HD3  H N N 34  
ARG HE   H N N 35  
ARG HH11 H N N 36  
ARG HH12 H N N 37  
ARG HH21 H N N 38  
ARG HH22 H N N 39  
ARG HXT  H N N 40  
ASN N    N N N 41  
ASN CA   C N S 42  
ASN C    C N N 43  
ASN O    O N N 44  
ASN CB   C N N 45  
ASN CG   C N N 46  
ASN OD1  O N N 47  
ASN ND2  N N N 48  
ASN OXT  O N N 49  
ASN H    H N N 50  
ASN H2   H N N 51  
ASN HA   H N N 52  
ASN HB2  H N N 53  
ASN HB3  H N N 54  
ASN HD21 H N N 55  
ASN HD22 H N N 56  
ASN HXT  H N N 57  
ASP N    N N N 58  
ASP CA   C N S 59  
ASP C    C N N 60  
ASP O    O N N 61  
ASP CB   C N N 62  
ASP CG   C N N 63  
ASP OD1  O N N 64  
ASP OD2  O N N 65  
ASP OXT  O N N 66  
ASP H    H N N 67  
ASP H2   H N N 68  
ASP HA   H N N 69  
ASP HB2  H N N 70  
ASP HB3  H N N 71  
ASP HD2  H N N 72  
ASP HXT  H N N 73  
GLN N    N N N 74  
GLN CA   C N S 75  
GLN C    C N N 76  
GLN O    O N N 77  
GLN CB   C N N 78  
GLN CG   C N N 79  
GLN CD   C N N 80  
GLN OE1  O N N 81  
GLN NE2  N N N 82  
GLN OXT  O N N 83  
GLN H    H N N 84  
GLN H2   H N N 85  
GLN HA   H N N 86  
GLN HB2  H N N 87  
GLN HB3  H N N 88  
GLN HG2  H N N 89  
GLN HG3  H N N 90  
GLN HE21 H N N 91  
GLN HE22 H N N 92  
GLN HXT  H N N 93  
GLU N    N N N 94  
GLU CA   C N S 95  
GLU C    C N N 96  
GLU O    O N N 97  
GLU CB   C N N 98  
GLU CG   C N N 99  
GLU CD   C N N 100 
GLU OE1  O N N 101 
GLU OE2  O N N 102 
GLU OXT  O N N 103 
GLU H    H N N 104 
GLU H2   H N N 105 
GLU HA   H N N 106 
GLU HB2  H N N 107 
GLU HB3  H N N 108 
GLU HG2  H N N 109 
GLU HG3  H N N 110 
GLU HE2  H N N 111 
GLU HXT  H N N 112 
GLY N    N N N 113 
GLY CA   C N N 114 
GLY C    C N N 115 
GLY O    O N N 116 
GLY OXT  O N N 117 
GLY H    H N N 118 
GLY H2   H N N 119 
GLY HA2  H N N 120 
GLY HA3  H N N 121 
GLY HXT  H N N 122 
HIS N    N N N 123 
HIS CA   C N S 124 
HIS C    C N N 125 
HIS O    O N N 126 
HIS CB   C N N 127 
HIS CG   C Y N 128 
HIS ND1  N Y N 129 
HIS CD2  C Y N 130 
HIS CE1  C Y N 131 
HIS NE2  N Y N 132 
HIS OXT  O N N 133 
HIS H    H N N 134 
HIS H2   H N N 135 
HIS HA   H N N 136 
HIS HB2  H N N 137 
HIS HB3  H N N 138 
HIS HD1  H N N 139 
HIS HD2  H N N 140 
HIS HE1  H N N 141 
HIS HE2  H N N 142 
HIS HXT  H N N 143 
HOH O    O N N 144 
HOH H1   H N N 145 
HOH H2   H N N 146 
ILE N    N N N 147 
ILE CA   C N S 148 
ILE C    C N N 149 
ILE O    O N N 150 
ILE CB   C N S 151 
ILE CG1  C N N 152 
ILE CG2  C N N 153 
ILE CD1  C N N 154 
ILE OXT  O N N 155 
ILE H    H N N 156 
ILE H2   H N N 157 
ILE HA   H N N 158 
ILE HB   H N N 159 
ILE HG12 H N N 160 
ILE HG13 H N N 161 
ILE HG21 H N N 162 
ILE HG22 H N N 163 
ILE HG23 H N N 164 
ILE HD11 H N N 165 
ILE HD12 H N N 166 
ILE HD13 H N N 167 
ILE HXT  H N N 168 
LEU N    N N N 169 
LEU CA   C N S 170 
LEU C    C N N 171 
LEU O    O N N 172 
LEU CB   C N N 173 
LEU CG   C N N 174 
LEU CD1  C N N 175 
LEU CD2  C N N 176 
LEU OXT  O N N 177 
LEU H    H N N 178 
LEU H2   H N N 179 
LEU HA   H N N 180 
LEU HB2  H N N 181 
LEU HB3  H N N 182 
LEU HG   H N N 183 
LEU HD11 H N N 184 
LEU HD12 H N N 185 
LEU HD13 H N N 186 
LEU HD21 H N N 187 
LEU HD22 H N N 188 
LEU HD23 H N N 189 
LEU HXT  H N N 190 
LYS N    N N N 191 
LYS CA   C N S 192 
LYS C    C N N 193 
LYS O    O N N 194 
LYS CB   C N N 195 
LYS CG   C N N 196 
LYS CD   C N N 197 
LYS CE   C N N 198 
LYS NZ   N N N 199 
LYS OXT  O N N 200 
LYS H    H N N 201 
LYS H2   H N N 202 
LYS HA   H N N 203 
LYS HB2  H N N 204 
LYS HB3  H N N 205 
LYS HG2  H N N 206 
LYS HG3  H N N 207 
LYS HD2  H N N 208 
LYS HD3  H N N 209 
LYS HE2  H N N 210 
LYS HE3  H N N 211 
LYS HZ1  H N N 212 
LYS HZ2  H N N 213 
LYS HZ3  H N N 214 
LYS HXT  H N N 215 
PHE N    N N N 216 
PHE CA   C N S 217 
PHE C    C N N 218 
PHE O    O N N 219 
PHE CB   C N N 220 
PHE CG   C Y N 221 
PHE CD1  C Y N 222 
PHE CD2  C Y N 223 
PHE CE1  C Y N 224 
PHE CE2  C Y N 225 
PHE CZ   C Y N 226 
PHE OXT  O N N 227 
PHE H    H N N 228 
PHE H2   H N N 229 
PHE HA   H N N 230 
PHE HB2  H N N 231 
PHE HB3  H N N 232 
PHE HD1  H N N 233 
PHE HD2  H N N 234 
PHE HE1  H N N 235 
PHE HE2  H N N 236 
PHE HZ   H N N 237 
PHE HXT  H N N 238 
PRO N    N N N 239 
PRO CA   C N S 240 
PRO C    C N N 241 
PRO O    O N N 242 
PRO CB   C N N 243 
PRO CG   C N N 244 
PRO CD   C N N 245 
PRO OXT  O N N 246 
PRO H    H N N 247 
PRO HA   H N N 248 
PRO HB2  H N N 249 
PRO HB3  H N N 250 
PRO HG2  H N N 251 
PRO HG3  H N N 252 
PRO HD2  H N N 253 
PRO HD3  H N N 254 
PRO HXT  H N N 255 
SER N    N N N 256 
SER CA   C N S 257 
SER C    C N N 258 
SER O    O N N 259 
SER CB   C N N 260 
SER OG   O N N 261 
SER OXT  O N N 262 
SER H    H N N 263 
SER H2   H N N 264 
SER HA   H N N 265 
SER HB2  H N N 266 
SER HB3  H N N 267 
SER HG   H N N 268 
SER HXT  H N N 269 
THR N    N N N 270 
THR CA   C N S 271 
THR C    C N N 272 
THR O    O N N 273 
THR CB   C N R 274 
THR OG1  O N N 275 
THR CG2  C N N 276 
THR OXT  O N N 277 
THR H    H N N 278 
THR H2   H N N 279 
THR HA   H N N 280 
THR HB   H N N 281 
THR HG1  H N N 282 
THR HG21 H N N 283 
THR HG22 H N N 284 
THR HG23 H N N 285 
THR HXT  H N N 286 
TRP N    N N N 287 
TRP CA   C N S 288 
TRP C    C N N 289 
TRP O    O N N 290 
TRP CB   C N N 291 
TRP CG   C Y N 292 
TRP CD1  C Y N 293 
TRP CD2  C Y N 294 
TRP NE1  N Y N 295 
TRP CE2  C Y N 296 
TRP CE3  C Y N 297 
TRP CZ2  C Y N 298 
TRP CZ3  C Y N 299 
TRP CH2  C Y N 300 
TRP OXT  O N N 301 
TRP H    H N N 302 
TRP H2   H N N 303 
TRP HA   H N N 304 
TRP HB2  H N N 305 
TRP HB3  H N N 306 
TRP HD1  H N N 307 
TRP HE1  H N N 308 
TRP HE3  H N N 309 
TRP HZ2  H N N 310 
TRP HZ3  H N N 311 
TRP HH2  H N N 312 
TRP HXT  H N N 313 
TRS C    C N N 314 
TRS C1   C N N 315 
TRS C2   C N N 316 
TRS C3   C N N 317 
TRS N    N N N 318 
TRS O1   O N N 319 
TRS O2   O N N 320 
TRS O3   O N N 321 
TRS H11  H N N 322 
TRS H12  H N N 323 
TRS H21  H N N 324 
TRS H22  H N N 325 
TRS H31  H N N 326 
TRS H32  H N N 327 
TRS HN1  H N N 328 
TRS HN2  H N N 329 
TRS HN3  H N N 330 
TRS HO1  H N N 331 
TRS HO2  H N N 332 
TRS HO3  H N N 333 
TYR N    N N N 334 
TYR CA   C N S 335 
TYR C    C N N 336 
TYR O    O N N 337 
TYR CB   C N N 338 
TYR CG   C Y N 339 
TYR CD1  C Y N 340 
TYR CD2  C Y N 341 
TYR CE1  C Y N 342 
TYR CE2  C Y N 343 
TYR CZ   C Y N 344 
TYR OH   O N N 345 
TYR OXT  O N N 346 
TYR H    H N N 347 
TYR H2   H N N 348 
TYR HA   H N N 349 
TYR HB2  H N N 350 
TYR HB3  H N N 351 
TYR HD1  H N N 352 
TYR HD2  H N N 353 
TYR HE1  H N N 354 
TYR HE2  H N N 355 
TYR HH   H N N 356 
TYR HXT  H N N 357 
VAL N    N N N 358 
VAL CA   C N S 359 
VAL C    C N N 360 
VAL O    O N N 361 
VAL CB   C N N 362 
VAL CG1  C N N 363 
VAL CG2  C N N 364 
VAL OXT  O N N 365 
VAL H    H N N 366 
VAL H2   H N N 367 
VAL HA   H N N 368 
VAL HB   H N N 369 
VAL HG11 H N N 370 
VAL HG12 H N N 371 
VAL HG13 H N N 372 
VAL HG21 H N N 373 
VAL HG22 H N N 374 
VAL HG23 H N N 375 
VAL HXT  H N N 376 
# 
loop_
_chem_comp_bond.comp_id 
_chem_comp_bond.atom_id_1 
_chem_comp_bond.atom_id_2 
_chem_comp_bond.value_order 
_chem_comp_bond.pdbx_aromatic_flag 
_chem_comp_bond.pdbx_stereo_config 
_chem_comp_bond.pdbx_ordinal 
ALA N   CA   sing N N 1   
ALA N   H    sing N N 2   
ALA N   H2   sing N N 3   
ALA CA  C    sing N N 4   
ALA CA  CB   sing N N 5   
ALA CA  HA   sing N N 6   
ALA C   O    doub N N 7   
ALA C   OXT  sing N N 8   
ALA CB  HB1  sing N N 9   
ALA CB  HB2  sing N N 10  
ALA CB  HB3  sing N N 11  
ALA OXT HXT  sing N N 12  
ARG N   CA   sing N N 13  
ARG N   H    sing N N 14  
ARG N   H2   sing N N 15  
ARG CA  C    sing N N 16  
ARG CA  CB   sing N N 17  
ARG CA  HA   sing N N 18  
ARG C   O    doub N N 19  
ARG C   OXT  sing N N 20  
ARG CB  CG   sing N N 21  
ARG CB  HB2  sing N N 22  
ARG CB  HB3  sing N N 23  
ARG CG  CD   sing N N 24  
ARG CG  HG2  sing N N 25  
ARG CG  HG3  sing N N 26  
ARG CD  NE   sing N N 27  
ARG CD  HD2  sing N N 28  
ARG CD  HD3  sing N N 29  
ARG NE  CZ   sing N N 30  
ARG NE  HE   sing N N 31  
ARG CZ  NH1  sing N N 32  
ARG CZ  NH2  doub N N 33  
ARG NH1 HH11 sing N N 34  
ARG NH1 HH12 sing N N 35  
ARG NH2 HH21 sing N N 36  
ARG NH2 HH22 sing N N 37  
ARG OXT HXT  sing N N 38  
ASN N   CA   sing N N 39  
ASN N   H    sing N N 40  
ASN N   H2   sing N N 41  
ASN CA  C    sing N N 42  
ASN CA  CB   sing N N 43  
ASN CA  HA   sing N N 44  
ASN C   O    doub N N 45  
ASN C   OXT  sing N N 46  
ASN CB  CG   sing N N 47  
ASN CB  HB2  sing N N 48  
ASN CB  HB3  sing N N 49  
ASN CG  OD1  doub N N 50  
ASN CG  ND2  sing N N 51  
ASN ND2 HD21 sing N N 52  
ASN ND2 HD22 sing N N 53  
ASN OXT HXT  sing N N 54  
ASP N   CA   sing N N 55  
ASP N   H    sing N N 56  
ASP N   H2   sing N N 57  
ASP CA  C    sing N N 58  
ASP CA  CB   sing N N 59  
ASP CA  HA   sing N N 60  
ASP C   O    doub N N 61  
ASP C   OXT  sing N N 62  
ASP CB  CG   sing N N 63  
ASP CB  HB2  sing N N 64  
ASP CB  HB3  sing N N 65  
ASP CG  OD1  doub N N 66  
ASP CG  OD2  sing N N 67  
ASP OD2 HD2  sing N N 68  
ASP OXT HXT  sing N N 69  
GLN N   CA   sing N N 70  
GLN N   H    sing N N 71  
GLN N   H2   sing N N 72  
GLN CA  C    sing N N 73  
GLN CA  CB   sing N N 74  
GLN CA  HA   sing N N 75  
GLN C   O    doub N N 76  
GLN C   OXT  sing N N 77  
GLN CB  CG   sing N N 78  
GLN CB  HB2  sing N N 79  
GLN CB  HB3  sing N N 80  
GLN CG  CD   sing N N 81  
GLN CG  HG2  sing N N 82  
GLN CG  HG3  sing N N 83  
GLN CD  OE1  doub N N 84  
GLN CD  NE2  sing N N 85  
GLN NE2 HE21 sing N N 86  
GLN NE2 HE22 sing N N 87  
GLN OXT HXT  sing N N 88  
GLU N   CA   sing N N 89  
GLU N   H    sing N N 90  
GLU N   H2   sing N N 91  
GLU CA  C    sing N N 92  
GLU CA  CB   sing N N 93  
GLU CA  HA   sing N N 94  
GLU C   O    doub N N 95  
GLU C   OXT  sing N N 96  
GLU CB  CG   sing N N 97  
GLU CB  HB2  sing N N 98  
GLU CB  HB3  sing N N 99  
GLU CG  CD   sing N N 100 
GLU CG  HG2  sing N N 101 
GLU CG  HG3  sing N N 102 
GLU CD  OE1  doub N N 103 
GLU CD  OE2  sing N N 104 
GLU OE2 HE2  sing N N 105 
GLU OXT HXT  sing N N 106 
GLY N   CA   sing N N 107 
GLY N   H    sing N N 108 
GLY N   H2   sing N N 109 
GLY CA  C    sing N N 110 
GLY CA  HA2  sing N N 111 
GLY CA  HA3  sing N N 112 
GLY C   O    doub N N 113 
GLY C   OXT  sing N N 114 
GLY OXT HXT  sing N N 115 
HIS N   CA   sing N N 116 
HIS N   H    sing N N 117 
HIS N   H2   sing N N 118 
HIS CA  C    sing N N 119 
HIS CA  CB   sing N N 120 
HIS CA  HA   sing N N 121 
HIS C   O    doub N N 122 
HIS C   OXT  sing N N 123 
HIS CB  CG   sing N N 124 
HIS CB  HB2  sing N N 125 
HIS CB  HB3  sing N N 126 
HIS CG  ND1  sing Y N 127 
HIS CG  CD2  doub Y N 128 
HIS ND1 CE1  doub Y N 129 
HIS ND1 HD1  sing N N 130 
HIS CD2 NE2  sing Y N 131 
HIS CD2 HD2  sing N N 132 
HIS CE1 NE2  sing Y N 133 
HIS CE1 HE1  sing N N 134 
HIS NE2 HE2  sing N N 135 
HIS OXT HXT  sing N N 136 
HOH O   H1   sing N N 137 
HOH O   H2   sing N N 138 
ILE N   CA   sing N N 139 
ILE N   H    sing N N 140 
ILE N   H2   sing N N 141 
ILE CA  C    sing N N 142 
ILE CA  CB   sing N N 143 
ILE CA  HA   sing N N 144 
ILE C   O    doub N N 145 
ILE C   OXT  sing N N 146 
ILE CB  CG1  sing N N 147 
ILE CB  CG2  sing N N 148 
ILE CB  HB   sing N N 149 
ILE CG1 CD1  sing N N 150 
ILE CG1 HG12 sing N N 151 
ILE CG1 HG13 sing N N 152 
ILE CG2 HG21 sing N N 153 
ILE CG2 HG22 sing N N 154 
ILE CG2 HG23 sing N N 155 
ILE CD1 HD11 sing N N 156 
ILE CD1 HD12 sing N N 157 
ILE CD1 HD13 sing N N 158 
ILE OXT HXT  sing N N 159 
LEU N   CA   sing N N 160 
LEU N   H    sing N N 161 
LEU N   H2   sing N N 162 
LEU CA  C    sing N N 163 
LEU CA  CB   sing N N 164 
LEU CA  HA   sing N N 165 
LEU C   O    doub N N 166 
LEU C   OXT  sing N N 167 
LEU CB  CG   sing N N 168 
LEU CB  HB2  sing N N 169 
LEU CB  HB3  sing N N 170 
LEU CG  CD1  sing N N 171 
LEU CG  CD2  sing N N 172 
LEU CG  HG   sing N N 173 
LEU CD1 HD11 sing N N 174 
LEU CD1 HD12 sing N N 175 
LEU CD1 HD13 sing N N 176 
LEU CD2 HD21 sing N N 177 
LEU CD2 HD22 sing N N 178 
LEU CD2 HD23 sing N N 179 
LEU OXT HXT  sing N N 180 
LYS N   CA   sing N N 181 
LYS N   H    sing N N 182 
LYS N   H2   sing N N 183 
LYS CA  C    sing N N 184 
LYS CA  CB   sing N N 185 
LYS CA  HA   sing N N 186 
LYS C   O    doub N N 187 
LYS C   OXT  sing N N 188 
LYS CB  CG   sing N N 189 
LYS CB  HB2  sing N N 190 
LYS CB  HB3  sing N N 191 
LYS CG  CD   sing N N 192 
LYS CG  HG2  sing N N 193 
LYS CG  HG3  sing N N 194 
LYS CD  CE   sing N N 195 
LYS CD  HD2  sing N N 196 
LYS CD  HD3  sing N N 197 
LYS CE  NZ   sing N N 198 
LYS CE  HE2  sing N N 199 
LYS CE  HE3  sing N N 200 
LYS NZ  HZ1  sing N N 201 
LYS NZ  HZ2  sing N N 202 
LYS NZ  HZ3  sing N N 203 
LYS OXT HXT  sing N N 204 
PHE N   CA   sing N N 205 
PHE N   H    sing N N 206 
PHE N   H2   sing N N 207 
PHE CA  C    sing N N 208 
PHE CA  CB   sing N N 209 
PHE CA  HA   sing N N 210 
PHE C   O    doub N N 211 
PHE C   OXT  sing N N 212 
PHE CB  CG   sing N N 213 
PHE CB  HB2  sing N N 214 
PHE CB  HB3  sing N N 215 
PHE CG  CD1  doub Y N 216 
PHE CG  CD2  sing Y N 217 
PHE CD1 CE1  sing Y N 218 
PHE CD1 HD1  sing N N 219 
PHE CD2 CE2  doub Y N 220 
PHE CD2 HD2  sing N N 221 
PHE CE1 CZ   doub Y N 222 
PHE CE1 HE1  sing N N 223 
PHE CE2 CZ   sing Y N 224 
PHE CE2 HE2  sing N N 225 
PHE CZ  HZ   sing N N 226 
PHE OXT HXT  sing N N 227 
PRO N   CA   sing N N 228 
PRO N   CD   sing N N 229 
PRO N   H    sing N N 230 
PRO CA  C    sing N N 231 
PRO CA  CB   sing N N 232 
PRO CA  HA   sing N N 233 
PRO C   O    doub N N 234 
PRO C   OXT  sing N N 235 
PRO CB  CG   sing N N 236 
PRO CB  HB2  sing N N 237 
PRO CB  HB3  sing N N 238 
PRO CG  CD   sing N N 239 
PRO CG  HG2  sing N N 240 
PRO CG  HG3  sing N N 241 
PRO CD  HD2  sing N N 242 
PRO CD  HD3  sing N N 243 
PRO OXT HXT  sing N N 244 
SER N   CA   sing N N 245 
SER N   H    sing N N 246 
SER N   H2   sing N N 247 
SER CA  C    sing N N 248 
SER CA  CB   sing N N 249 
SER CA  HA   sing N N 250 
SER C   O    doub N N 251 
SER C   OXT  sing N N 252 
SER CB  OG   sing N N 253 
SER CB  HB2  sing N N 254 
SER CB  HB3  sing N N 255 
SER OG  HG   sing N N 256 
SER OXT HXT  sing N N 257 
THR N   CA   sing N N 258 
THR N   H    sing N N 259 
THR N   H2   sing N N 260 
THR CA  C    sing N N 261 
THR CA  CB   sing N N 262 
THR CA  HA   sing N N 263 
THR C   O    doub N N 264 
THR C   OXT  sing N N 265 
THR CB  OG1  sing N N 266 
THR CB  CG2  sing N N 267 
THR CB  HB   sing N N 268 
THR OG1 HG1  sing N N 269 
THR CG2 HG21 sing N N 270 
THR CG2 HG22 sing N N 271 
THR CG2 HG23 sing N N 272 
THR OXT HXT  sing N N 273 
TRP N   CA   sing N N 274 
TRP N   H    sing N N 275 
TRP N   H2   sing N N 276 
TRP CA  C    sing N N 277 
TRP CA  CB   sing N N 278 
TRP CA  HA   sing N N 279 
TRP C   O    doub N N 280 
TRP C   OXT  sing N N 281 
TRP CB  CG   sing N N 282 
TRP CB  HB2  sing N N 283 
TRP CB  HB3  sing N N 284 
TRP CG  CD1  doub Y N 285 
TRP CG  CD2  sing Y N 286 
TRP CD1 NE1  sing Y N 287 
TRP CD1 HD1  sing N N 288 
TRP CD2 CE2  doub Y N 289 
TRP CD2 CE3  sing Y N 290 
TRP NE1 CE2  sing Y N 291 
TRP NE1 HE1  sing N N 292 
TRP CE2 CZ2  sing Y N 293 
TRP CE3 CZ3  doub Y N 294 
TRP CE3 HE3  sing N N 295 
TRP CZ2 CH2  doub Y N 296 
TRP CZ2 HZ2  sing N N 297 
TRP CZ3 CH2  sing Y N 298 
TRP CZ3 HZ3  sing N N 299 
TRP CH2 HH2  sing N N 300 
TRP OXT HXT  sing N N 301 
TRS C   C1   sing N N 302 
TRS C   C2   sing N N 303 
TRS C   C3   sing N N 304 
TRS C   N    sing N N 305 
TRS C1  O1   sing N N 306 
TRS C1  H11  sing N N 307 
TRS C1  H12  sing N N 308 
TRS C2  O2   sing N N 309 
TRS C2  H21  sing N N 310 
TRS C2  H22  sing N N 311 
TRS C3  O3   sing N N 312 
TRS C3  H31  sing N N 313 
TRS C3  H32  sing N N 314 
TRS N   HN1  sing N N 315 
TRS N   HN2  sing N N 316 
TRS N   HN3  sing N N 317 
TRS O1  HO1  sing N N 318 
TRS O2  HO2  sing N N 319 
TRS O3  HO3  sing N N 320 
TYR N   CA   sing N N 321 
TYR N   H    sing N N 322 
TYR N   H2   sing N N 323 
TYR CA  C    sing N N 324 
TYR CA  CB   sing N N 325 
TYR CA  HA   sing N N 326 
TYR C   O    doub N N 327 
TYR C   OXT  sing N N 328 
TYR CB  CG   sing N N 329 
TYR CB  HB2  sing N N 330 
TYR CB  HB3  sing N N 331 
TYR CG  CD1  doub Y N 332 
TYR CG  CD2  sing Y N 333 
TYR CD1 CE1  sing Y N 334 
TYR CD1 HD1  sing N N 335 
TYR CD2 CE2  doub Y N 336 
TYR CD2 HD2  sing N N 337 
TYR CE1 CZ   doub Y N 338 
TYR CE1 HE1  sing N N 339 
TYR CE2 CZ   sing Y N 340 
TYR CE2 HE2  sing N N 341 
TYR CZ  OH   sing N N 342 
TYR OH  HH   sing N N 343 
TYR OXT HXT  sing N N 344 
VAL N   CA   sing N N 345 
VAL N   H    sing N N 346 
VAL N   H2   sing N N 347 
VAL CA  C    sing N N 348 
VAL CA  CB   sing N N 349 
VAL CA  HA   sing N N 350 
VAL C   O    doub N N 351 
VAL C   OXT  sing N N 352 
VAL CB  CG1  sing N N 353 
VAL CB  CG2  sing N N 354 
VAL CB  HB   sing N N 355 
VAL CG1 HG11 sing N N 356 
VAL CG1 HG12 sing N N 357 
VAL CG1 HG13 sing N N 358 
VAL CG2 HG21 sing N N 359 
VAL CG2 HG22 sing N N 360 
VAL CG2 HG23 sing N N 361 
VAL OXT HXT  sing N N 362 
# 
loop_
_pdbx_entity_nonpoly.entity_id 
_pdbx_entity_nonpoly.name 
_pdbx_entity_nonpoly.comp_id 
2 2-AMINO-2-HYDROXYMETHYL-PROPANE-1,3-DIOL TRS 
3 water                                    HOH 
# 
_pdbx_initial_refinement_model.id               1 
_pdbx_initial_refinement_model.entity_id_list   ? 
_pdbx_initial_refinement_model.type             'experimental model' 
_pdbx_initial_refinement_model.source_name      PDB 
_pdbx_initial_refinement_model.accession_code   2OFZ 
_pdbx_initial_refinement_model.details          ? 
# 
